data_6NBU
# 
_entry.id   6NBU 
# 
_audit_conform.dict_name       mmcif_pdbx.dic 
_audit_conform.dict_version    5.387 
_audit_conform.dict_location   http://mmcif.pdb.org/dictionaries/ascii/mmcif_pdbx.dic 
# 
loop_
_database_2.database_id 
_database_2.database_code 
_database_2.pdbx_database_accession 
_database_2.pdbx_DOI 
PDB   6NBU         pdb_00006nbu 10.2210/pdb6nbu/pdb 
WWPDB D_1000237741 ?            ?                   
# 
loop_
_pdbx_audit_revision_history.ordinal 
_pdbx_audit_revision_history.data_content_type 
_pdbx_audit_revision_history.major_revision 
_pdbx_audit_revision_history.minor_revision 
_pdbx_audit_revision_history.revision_date 
1 'Structure model' 1 0 2019-02-13 
2 'Structure model' 1 1 2019-02-27 
3 'Structure model' 1 2 2019-05-01 
4 'Structure model' 1 3 2020-01-01 
5 'Structure model' 1 4 2024-03-13 
# 
_pdbx_audit_revision_details.ordinal             1 
_pdbx_audit_revision_details.revision_ordinal    1 
_pdbx_audit_revision_details.data_content_type   'Structure model' 
_pdbx_audit_revision_details.provider            repository 
_pdbx_audit_revision_details.type                'Initial release' 
_pdbx_audit_revision_details.description         ? 
_pdbx_audit_revision_details.details             ? 
# 
loop_
_pdbx_audit_revision_group.ordinal 
_pdbx_audit_revision_group.revision_ordinal 
_pdbx_audit_revision_group.data_content_type 
_pdbx_audit_revision_group.group 
1 2 'Structure model' 'Data collection'            
2 2 'Structure model' 'Database references'        
3 3 'Structure model' 'Data collection'            
4 3 'Structure model' 'Database references'        
5 4 'Structure model' 'Author supporting evidence' 
6 5 'Structure model' 'Data collection'            
7 5 'Structure model' 'Database references'        
# 
loop_
_pdbx_audit_revision_category.ordinal 
_pdbx_audit_revision_category.revision_ordinal 
_pdbx_audit_revision_category.data_content_type 
_pdbx_audit_revision_category.category 
1 2 'Structure model' citation           
2 2 'Structure model' citation_author    
3 3 'Structure model' citation           
4 4 'Structure model' pdbx_audit_support 
5 5 'Structure model' chem_comp_atom     
6 5 'Structure model' chem_comp_bond     
7 5 'Structure model' database_2         
# 
loop_
_pdbx_audit_revision_item.ordinal 
_pdbx_audit_revision_item.revision_ordinal 
_pdbx_audit_revision_item.data_content_type 
_pdbx_audit_revision_item.item 
1  2 'Structure model' '_citation.country'                        
2  2 'Structure model' '_citation.journal_abbrev'                 
3  2 'Structure model' '_citation.journal_id_ASTM'                
4  2 'Structure model' '_citation.journal_id_CSD'                 
5  2 'Structure model' '_citation.journal_id_ISSN'                
6  2 'Structure model' '_citation.pdbx_database_id_DOI'           
7  2 'Structure model' '_citation.pdbx_database_id_PubMed'        
8  2 'Structure model' '_citation.title'                          
9  2 'Structure model' '_citation.year'                           
10 2 'Structure model' '_citation_author.identifier_ORCID'        
11 3 'Structure model' '_citation.journal_volume'                 
12 3 'Structure model' '_citation.page_first'                     
13 3 'Structure model' '_citation.page_last'                      
14 4 'Structure model' '_pdbx_audit_support.funding_organization' 
15 5 'Structure model' '_database_2.pdbx_DOI'                     
16 5 'Structure model' '_database_2.pdbx_database_accession'      
# 
_pdbx_database_status.status_code                     REL 
_pdbx_database_status.status_code_sf                  REL 
_pdbx_database_status.status_code_mr                  ? 
_pdbx_database_status.entry_id                        6NBU 
_pdbx_database_status.recvd_initial_deposition_date   2018-12-10 
_pdbx_database_status.SG_entry                        N 
_pdbx_database_status.deposit_site                    RCSB 
_pdbx_database_status.process_site                    RCSB 
_pdbx_database_status.status_code_cs                  ? 
_pdbx_database_status.methods_development_category    ? 
_pdbx_database_status.pdb_format_compatible           Y 
_pdbx_database_status.status_code_nmr_data            ? 
# 
loop_
_audit_author.name 
_audit_author.pdbx_ordinal 
_audit_author.identifier_ORCID 
'Dorsey, B.W.'  1 ?                   
'Huang, L.'     2 ?                   
'Mondragon, A.' 3 0000-0002-0423-6323 
# 
_citation.abstract                  ? 
_citation.abstract_id_CAS           ? 
_citation.book_id_ISBN              ? 
_citation.book_publisher            ? 
_citation.book_publisher_city       ? 
_citation.book_title                ? 
_citation.coordinate_linkage        ? 
_citation.country                   UK 
_citation.database_id_Medline       ? 
_citation.details                   ? 
_citation.id                        primary 
_citation.journal_abbrev            'Nucleic Acids Res.' 
_citation.journal_id_ASTM           NARHAD 
_citation.journal_id_CSD            0389 
_citation.journal_id_ISSN           1362-4962 
_citation.journal_full              ? 
_citation.journal_issue             ? 
_citation.journal_volume            47 
_citation.language                  ? 
_citation.page_first                3765 
_citation.page_last                 3783 
_citation.title                     
'Structural organization of a Type III-A CRISPR effector subcomplex determined by X-ray crystallography and cryo-EM.' 
_citation.year                      2019 
_citation.database_id_CSD           ? 
_citation.pdbx_database_id_DOI      10.1093/nar/gkz079 
_citation.pdbx_database_id_PubMed   30759237 
_citation.unpublished_flag          ? 
# 
loop_
_citation_author.citation_id 
_citation_author.name 
_citation_author.ordinal 
_citation_author.identifier_ORCID 
primary 'Dorsey, B.W.'  1 ? 
primary 'Huang, L.'     2 ? 
primary 'Mondragon, A.' 3 ? 
# 
_entity.id                         1 
_entity.type                       polymer 
_entity.src_method                 man 
_entity.pdbx_description           'CRISPR-associated protein' 
_entity.formula_weight             18180.727 
_entity.pdbx_number_of_molecules   1 
_entity.pdbx_ec                    ? 
_entity.pdbx_mutation              ? 
_entity.pdbx_fragment              'Subunit Csm2' 
_entity.details                    ? 
# 
_entity_poly.entity_id                      1 
_entity_poly.type                           'polypeptide(L)' 
_entity_poly.nstd_linkage                   no 
_entity_poly.nstd_monomer                   no 
_entity_poly.pdbx_seq_one_letter_code       
;MHHHHHHSSGVDLGTENLYFQSNAMTFAHEVVKSNVKNVKDRKGKEKQVLFNGLTTSKLRNLMEQVNRLYTIAFNSNEDQ
LNEEFIDELEYLKIKFYYEAGREKSVDEFLKKTLMFPIIDRVIKKESKKFFLDYCKYFEALVAYAKYYQKED
;
_entity_poly.pdbx_seq_one_letter_code_can   
;MHHHHHHSSGVDLGTENLYFQSNAMTFAHEVVKSNVKNVKDRKGKEKQVLFNGLTTSKLRNLMEQVNRLYTIAFNSNEDQ
LNEEFIDELEYLKIKFYYEAGREKSVDEFLKKTLMFPIIDRVIKKESKKFFLDYCKYFEALVAYAKYYQKED
;
_entity_poly.pdbx_strand_id                 A 
_entity_poly.pdbx_target_identifier         ? 
# 
loop_
_entity_poly_seq.entity_id 
_entity_poly_seq.num 
_entity_poly_seq.mon_id 
_entity_poly_seq.hetero 
1 1   MET n 
1 2   HIS n 
1 3   HIS n 
1 4   HIS n 
1 5   HIS n 
1 6   HIS n 
1 7   HIS n 
1 8   SER n 
1 9   SER n 
1 10  GLY n 
1 11  VAL n 
1 12  ASP n 
1 13  LEU n 
1 14  GLY n 
1 15  THR n 
1 16  GLU n 
1 17  ASN n 
1 18  LEU n 
1 19  TYR n 
1 20  PHE n 
1 21  GLN n 
1 22  SER n 
1 23  ASN n 
1 24  ALA n 
1 25  MET n 
1 26  THR n 
1 27  PHE n 
1 28  ALA n 
1 29  HIS n 
1 30  GLU n 
1 31  VAL n 
1 32  VAL n 
1 33  LYS n 
1 34  SER n 
1 35  ASN n 
1 36  VAL n 
1 37  LYS n 
1 38  ASN n 
1 39  VAL n 
1 40  LYS n 
1 41  ASP n 
1 42  ARG n 
1 43  LYS n 
1 44  GLY n 
1 45  LYS n 
1 46  GLU n 
1 47  LYS n 
1 48  GLN n 
1 49  VAL n 
1 50  LEU n 
1 51  PHE n 
1 52  ASN n 
1 53  GLY n 
1 54  LEU n 
1 55  THR n 
1 56  THR n 
1 57  SER n 
1 58  LYS n 
1 59  LEU n 
1 60  ARG n 
1 61  ASN n 
1 62  LEU n 
1 63  MET n 
1 64  GLU n 
1 65  GLN n 
1 66  VAL n 
1 67  ASN n 
1 68  ARG n 
1 69  LEU n 
1 70  TYR n 
1 71  THR n 
1 72  ILE n 
1 73  ALA n 
1 74  PHE n 
1 75  ASN n 
1 76  SER n 
1 77  ASN n 
1 78  GLU n 
1 79  ASP n 
1 80  GLN n 
1 81  LEU n 
1 82  ASN n 
1 83  GLU n 
1 84  GLU n 
1 85  PHE n 
1 86  ILE n 
1 87  ASP n 
1 88  GLU n 
1 89  LEU n 
1 90  GLU n 
1 91  TYR n 
1 92  LEU n 
1 93  LYS n 
1 94  ILE n 
1 95  LYS n 
1 96  PHE n 
1 97  TYR n 
1 98  TYR n 
1 99  GLU n 
1 100 ALA n 
1 101 GLY n 
1 102 ARG n 
1 103 GLU n 
1 104 LYS n 
1 105 SER n 
1 106 VAL n 
1 107 ASP n 
1 108 GLU n 
1 109 PHE n 
1 110 LEU n 
1 111 LYS n 
1 112 LYS n 
1 113 THR n 
1 114 LEU n 
1 115 MET n 
1 116 PHE n 
1 117 PRO n 
1 118 ILE n 
1 119 ILE n 
1 120 ASP n 
1 121 ARG n 
1 122 VAL n 
1 123 ILE n 
1 124 LYS n 
1 125 LYS n 
1 126 GLU n 
1 127 SER n 
1 128 LYS n 
1 129 LYS n 
1 130 PHE n 
1 131 PHE n 
1 132 LEU n 
1 133 ASP n 
1 134 TYR n 
1 135 CYS n 
1 136 LYS n 
1 137 TYR n 
1 138 PHE n 
1 139 GLU n 
1 140 ALA n 
1 141 LEU n 
1 142 VAL n 
1 143 ALA n 
1 144 TYR n 
1 145 ALA n 
1 146 LYS n 
1 147 TYR n 
1 148 TYR n 
1 149 GLN n 
1 150 LYS n 
1 151 GLU n 
1 152 ASP n 
# 
_entity_src_gen.entity_id                          1 
_entity_src_gen.pdbx_src_id                        1 
_entity_src_gen.pdbx_alt_source_flag               sample 
_entity_src_gen.pdbx_seq_type                      'Biological sequence' 
_entity_src_gen.pdbx_beg_seq_num                   1 
_entity_src_gen.pdbx_end_seq_num                   152 
_entity_src_gen.gene_src_common_name               ? 
_entity_src_gen.gene_src_genus                     ? 
_entity_src_gen.pdbx_gene_src_gene                 SERP2460 
_entity_src_gen.gene_src_species                   ? 
_entity_src_gen.gene_src_strain                    'ATCC 35984 / RP62A' 
_entity_src_gen.gene_src_tissue                    ? 
_entity_src_gen.gene_src_tissue_fraction           ? 
_entity_src_gen.gene_src_details                   ? 
_entity_src_gen.pdbx_gene_src_fragment             ? 
_entity_src_gen.pdbx_gene_src_scientific_name      'Staphylococcus epidermidis (strain ATCC 35984 / RP62A)' 
_entity_src_gen.pdbx_gene_src_ncbi_taxonomy_id     176279 
_entity_src_gen.pdbx_gene_src_variant              ? 
_entity_src_gen.pdbx_gene_src_cell_line            ? 
_entity_src_gen.pdbx_gene_src_atcc                 ? 
_entity_src_gen.pdbx_gene_src_organ                ? 
_entity_src_gen.pdbx_gene_src_organelle            ? 
_entity_src_gen.pdbx_gene_src_cell                 ? 
_entity_src_gen.pdbx_gene_src_cellular_location    ? 
_entity_src_gen.host_org_common_name               ? 
_entity_src_gen.pdbx_host_org_scientific_name      'Escherichia coli' 
_entity_src_gen.pdbx_host_org_ncbi_taxonomy_id     562 
_entity_src_gen.host_org_genus                     ? 
_entity_src_gen.pdbx_host_org_gene                 ? 
_entity_src_gen.pdbx_host_org_organ                ? 
_entity_src_gen.host_org_species                   ? 
_entity_src_gen.pdbx_host_org_tissue               ? 
_entity_src_gen.pdbx_host_org_tissue_fraction      ? 
_entity_src_gen.pdbx_host_org_strain               'Rosetta (DE3)' 
_entity_src_gen.pdbx_host_org_variant              ? 
_entity_src_gen.pdbx_host_org_cell_line            ? 
_entity_src_gen.pdbx_host_org_atcc                 ? 
_entity_src_gen.pdbx_host_org_culture_collection   ? 
_entity_src_gen.pdbx_host_org_cell                 ? 
_entity_src_gen.pdbx_host_org_organelle            ? 
_entity_src_gen.pdbx_host_org_cellular_location    ? 
_entity_src_gen.pdbx_host_org_vector_type          Plasmid 
_entity_src_gen.pdbx_host_org_vector               ? 
_entity_src_gen.host_org_details                   ? 
_entity_src_gen.expression_system_id               ? 
_entity_src_gen.plasmid_name                       pMCSG7 
_entity_src_gen.plasmid_details                    ? 
_entity_src_gen.pdbx_description                   ? 
# 
loop_
_chem_comp.id 
_chem_comp.type 
_chem_comp.mon_nstd_flag 
_chem_comp.name 
_chem_comp.pdbx_synonyms 
_chem_comp.formula 
_chem_comp.formula_weight 
ALA 'L-peptide linking' y ALANINE         ? 'C3 H7 N O2'     89.093  
ARG 'L-peptide linking' y ARGININE        ? 'C6 H15 N4 O2 1' 175.209 
ASN 'L-peptide linking' y ASPARAGINE      ? 'C4 H8 N2 O3'    132.118 
ASP 'L-peptide linking' y 'ASPARTIC ACID' ? 'C4 H7 N O4'     133.103 
CYS 'L-peptide linking' y CYSTEINE        ? 'C3 H7 N O2 S'   121.158 
GLN 'L-peptide linking' y GLUTAMINE       ? 'C5 H10 N2 O3'   146.144 
GLU 'L-peptide linking' y 'GLUTAMIC ACID' ? 'C5 H9 N O4'     147.129 
GLY 'peptide linking'   y GLYCINE         ? 'C2 H5 N O2'     75.067  
HIS 'L-peptide linking' y HISTIDINE       ? 'C6 H10 N3 O2 1' 156.162 
ILE 'L-peptide linking' y ISOLEUCINE      ? 'C6 H13 N O2'    131.173 
LEU 'L-peptide linking' y LEUCINE         ? 'C6 H13 N O2'    131.173 
LYS 'L-peptide linking' y LYSINE          ? 'C6 H15 N2 O2 1' 147.195 
MET 'L-peptide linking' y METHIONINE      ? 'C5 H11 N O2 S'  149.211 
PHE 'L-peptide linking' y PHENYLALANINE   ? 'C9 H11 N O2'    165.189 
PRO 'L-peptide linking' y PROLINE         ? 'C5 H9 N O2'     115.130 
SER 'L-peptide linking' y SERINE          ? 'C3 H7 N O3'     105.093 
THR 'L-peptide linking' y THREONINE       ? 'C4 H9 N O3'     119.119 
TYR 'L-peptide linking' y TYROSINE        ? 'C9 H11 N O3'    181.189 
VAL 'L-peptide linking' y VALINE          ? 'C5 H11 N O2'    117.146 
# 
loop_
_pdbx_poly_seq_scheme.asym_id 
_pdbx_poly_seq_scheme.entity_id 
_pdbx_poly_seq_scheme.seq_id 
_pdbx_poly_seq_scheme.mon_id 
_pdbx_poly_seq_scheme.ndb_seq_num 
_pdbx_poly_seq_scheme.pdb_seq_num 
_pdbx_poly_seq_scheme.auth_seq_num 
_pdbx_poly_seq_scheme.pdb_mon_id 
_pdbx_poly_seq_scheme.auth_mon_id 
_pdbx_poly_seq_scheme.pdb_strand_id 
_pdbx_poly_seq_scheme.pdb_ins_code 
_pdbx_poly_seq_scheme.hetero 
A 1 1   MET 1   -23 ?   ?   ?   A . n 
A 1 2   HIS 2   -22 ?   ?   ?   A . n 
A 1 3   HIS 3   -21 ?   ?   ?   A . n 
A 1 4   HIS 4   -20 ?   ?   ?   A . n 
A 1 5   HIS 5   -19 ?   ?   ?   A . n 
A 1 6   HIS 6   -18 ?   ?   ?   A . n 
A 1 7   HIS 7   -17 ?   ?   ?   A . n 
A 1 8   SER 8   -16 ?   ?   ?   A . n 
A 1 9   SER 9   -15 ?   ?   ?   A . n 
A 1 10  GLY 10  -14 ?   ?   ?   A . n 
A 1 11  VAL 11  -13 ?   ?   ?   A . n 
A 1 12  ASP 12  -12 ?   ?   ?   A . n 
A 1 13  LEU 13  -11 ?   ?   ?   A . n 
A 1 14  GLY 14  -10 ?   ?   ?   A . n 
A 1 15  THR 15  -9  ?   ?   ?   A . n 
A 1 16  GLU 16  -8  -8  GLU GLU A . n 
A 1 17  ASN 17  -7  -7  ASN ASN A . n 
A 1 18  LEU 18  -6  -6  LEU LEU A . n 
A 1 19  TYR 19  -5  -5  TYR TYR A . n 
A 1 20  PHE 20  -4  -4  PHE PHE A . n 
A 1 21  GLN 21  -3  -3  GLN GLN A . n 
A 1 22  SER 22  -2  -2  SER SER A . n 
A 1 23  ASN 23  -1  -1  ASN ASN A . n 
A 1 24  ALA 24  0   0   ALA ALA A . n 
A 1 25  MET 25  14  14  MET MET A . n 
A 1 26  THR 26  15  15  THR THR A . n 
A 1 27  PHE 27  16  16  PHE PHE A . n 
A 1 28  ALA 28  17  17  ALA ALA A . n 
A 1 29  HIS 29  18  18  HIS HIS A . n 
A 1 30  GLU 30  19  19  GLU GLU A . n 
A 1 31  VAL 31  20  20  VAL VAL A . n 
A 1 32  VAL 32  21  21  VAL VAL A . n 
A 1 33  LYS 33  22  22  LYS LYS A . n 
A 1 34  SER 34  23  23  SER SER A . n 
A 1 35  ASN 35  24  24  ASN ASN A . n 
A 1 36  VAL 36  25  25  VAL VAL A . n 
A 1 37  LYS 37  26  26  LYS LYS A . n 
A 1 38  ASN 38  27  27  ASN ASN A . n 
A 1 39  VAL 39  28  ?   ?   ?   A . n 
A 1 40  LYS 40  29  ?   ?   ?   A . n 
A 1 41  ASP 41  30  ?   ?   ?   A . n 
A 1 42  ARG 42  31  ?   ?   ?   A . n 
A 1 43  LYS 43  32  ?   ?   ?   A . n 
A 1 44  GLY 44  33  ?   ?   ?   A . n 
A 1 45  LYS 45  34  ?   ?   ?   A . n 
A 1 46  GLU 46  35  ?   ?   ?   A . n 
A 1 47  LYS 47  36  ?   ?   ?   A . n 
A 1 48  GLN 48  37  37  GLN GLN A . n 
A 1 49  VAL 49  38  38  VAL VAL A . n 
A 1 50  LEU 50  39  39  LEU LEU A . n 
A 1 51  PHE 51  40  40  PHE PHE A . n 
A 1 52  ASN 52  41  41  ASN ASN A . n 
A 1 53  GLY 53  42  42  GLY GLY A . n 
A 1 54  LEU 54  43  43  LEU LEU A . n 
A 1 55  THR 55  44  44  THR THR A . n 
A 1 56  THR 56  45  45  THR THR A . n 
A 1 57  SER 57  46  46  SER SER A . n 
A 1 58  LYS 58  47  47  LYS LYS A . n 
A 1 59  LEU 59  48  48  LEU LEU A . n 
A 1 60  ARG 60  49  49  ARG ARG A . n 
A 1 61  ASN 61  50  50  ASN ASN A . n 
A 1 62  LEU 62  51  51  LEU LEU A . n 
A 1 63  MET 63  52  52  MET MET A . n 
A 1 64  GLU 64  53  53  GLU GLU A . n 
A 1 65  GLN 65  54  54  GLN GLN A . n 
A 1 66  VAL 66  55  55  VAL VAL A . n 
A 1 67  ASN 67  56  56  ASN ASN A . n 
A 1 68  ARG 68  57  57  ARG ARG A . n 
A 1 69  LEU 69  58  58  LEU LEU A . n 
A 1 70  TYR 70  59  59  TYR TYR A . n 
A 1 71  THR 71  60  60  THR THR A . n 
A 1 72  ILE 72  61  61  ILE ILE A . n 
A 1 73  ALA 73  62  62  ALA ALA A . n 
A 1 74  PHE 74  63  63  PHE PHE A . n 
A 1 75  ASN 75  64  64  ASN ASN A . n 
A 1 76  SER 76  65  65  SER SER A . n 
A 1 77  ASN 77  66  66  ASN ASN A . n 
A 1 78  GLU 78  67  67  GLU GLU A . n 
A 1 79  ASP 79  68  68  ASP ASP A . n 
A 1 80  GLN 80  69  69  GLN GLN A . n 
A 1 81  LEU 81  70  70  LEU LEU A . n 
A 1 82  ASN 82  71  71  ASN ASN A . n 
A 1 83  GLU 83  72  72  GLU GLU A . n 
A 1 84  GLU 84  73  73  GLU GLU A . n 
A 1 85  PHE 85  74  74  PHE PHE A . n 
A 1 86  ILE 86  75  75  ILE ILE A . n 
A 1 87  ASP 87  76  76  ASP ASP A . n 
A 1 88  GLU 88  77  77  GLU GLU A . n 
A 1 89  LEU 89  78  78  LEU LEU A . n 
A 1 90  GLU 90  79  79  GLU GLU A . n 
A 1 91  TYR 91  80  80  TYR TYR A . n 
A 1 92  LEU 92  81  81  LEU LEU A . n 
A 1 93  LYS 93  82  82  LYS LYS A . n 
A 1 94  ILE 94  83  83  ILE ILE A . n 
A 1 95  LYS 95  84  84  LYS LYS A . n 
A 1 96  PHE 96  85  85  PHE PHE A . n 
A 1 97  TYR 97  86  86  TYR TYR A . n 
A 1 98  TYR 98  87  87  TYR TYR A . n 
A 1 99  GLU 99  88  88  GLU GLU A . n 
A 1 100 ALA 100 89  89  ALA ALA A . n 
A 1 101 GLY 101 90  90  GLY GLY A . n 
A 1 102 ARG 102 91  91  ARG ARG A . n 
A 1 103 GLU 103 92  92  GLU GLU A . n 
A 1 104 LYS 104 93  93  LYS LYS A . n 
A 1 105 SER 105 94  94  SER SER A . n 
A 1 106 VAL 106 95  95  VAL VAL A . n 
A 1 107 ASP 107 96  96  ASP ASP A . n 
A 1 108 GLU 108 97  97  GLU GLU A . n 
A 1 109 PHE 109 98  98  PHE PHE A . n 
A 1 110 LEU 110 99  99  LEU LEU A . n 
A 1 111 LYS 111 100 100 LYS LYS A . n 
A 1 112 LYS 112 101 101 LYS LYS A . n 
A 1 113 THR 113 102 102 THR THR A . n 
A 1 114 LEU 114 103 103 LEU LEU A . n 
A 1 115 MET 115 104 104 MET MET A . n 
A 1 116 PHE 116 105 105 PHE PHE A . n 
A 1 117 PRO 117 106 106 PRO PRO A . n 
A 1 118 ILE 118 107 107 ILE ILE A . n 
A 1 119 ILE 119 108 108 ILE ILE A . n 
A 1 120 ASP 120 109 109 ASP ASP A . n 
A 1 121 ARG 121 110 110 ARG ARG A . n 
A 1 122 VAL 122 111 111 VAL VAL A . n 
A 1 123 ILE 123 112 112 ILE ILE A . n 
A 1 124 LYS 124 113 113 LYS LYS A . n 
A 1 125 LYS 125 114 114 LYS LYS A . n 
A 1 126 GLU 126 115 115 GLU GLU A . n 
A 1 127 SER 127 116 116 SER SER A . n 
A 1 128 LYS 128 117 117 LYS LYS A . n 
A 1 129 LYS 129 118 118 LYS LYS A . n 
A 1 130 PHE 130 119 119 PHE PHE A . n 
A 1 131 PHE 131 120 120 PHE PHE A . n 
A 1 132 LEU 132 121 121 LEU LEU A . n 
A 1 133 ASP 133 122 122 ASP ASP A . n 
A 1 134 TYR 134 123 123 TYR TYR A . n 
A 1 135 CYS 135 124 124 CYS CYS A . n 
A 1 136 LYS 136 125 125 LYS LYS A . n 
A 1 137 TYR 137 126 126 TYR TYR A . n 
A 1 138 PHE 138 127 127 PHE PHE A . n 
A 1 139 GLU 139 128 128 GLU GLU A . n 
A 1 140 ALA 140 129 129 ALA ALA A . n 
A 1 141 LEU 141 130 130 LEU LEU A . n 
A 1 142 VAL 142 131 131 VAL VAL A . n 
A 1 143 ALA 143 132 132 ALA ALA A . n 
A 1 144 TYR 144 133 133 TYR TYR A . n 
A 1 145 ALA 145 134 134 ALA ALA A . n 
A 1 146 LYS 146 135 135 LYS LYS A . n 
A 1 147 TYR 147 136 136 TYR TYR A . n 
A 1 148 TYR 148 137 137 TYR TYR A . n 
A 1 149 GLN 149 138 138 GLN GLN A . n 
A 1 150 LYS 150 139 139 LYS LYS A . n 
A 1 151 GLU 151 140 ?   ?   ?   A . n 
A 1 152 ASP 152 141 ?   ?   ?   A . n 
# 
loop_
_software.citation_id 
_software.classification 
_software.compiler_name 
_software.compiler_version 
_software.contact_author 
_software.contact_author_email 
_software.date 
_software.description 
_software.dependencies 
_software.hardware 
_software.language 
_software.location 
_software.mods 
_software.name 
_software.os 
_software.os_version 
_software.type 
_software.version 
_software.pdbx_ordinal 
? refinement       ? ? ? ? ? ? ? ? ? ? ? REFMAC  ? ? ? 5.8.0232 1 
? 'data reduction' ? ? ? ? ? ? ? ? ? ? ? XDS     ? ? ? .        2 
? 'data scaling'   ? ? ? ? ? ? ? ? ? ? ? Aimless ? ? ? .        3 
? phasing          ? ? ? ? ? ? ? ? ? ? ? SHARP   ? ? ? .        4 
# 
_cell.angle_alpha                  90.00 
_cell.angle_alpha_esd              ? 
_cell.angle_beta                   90.00 
_cell.angle_beta_esd               ? 
_cell.angle_gamma                  90.00 
_cell.angle_gamma_esd              ? 
_cell.entry_id                     6NBU 
_cell.details                      ? 
_cell.formula_units_Z              ? 
_cell.length_a                     77.777 
_cell.length_a_esd                 ? 
_cell.length_b                     77.777 
_cell.length_b_esd                 ? 
_cell.length_c                     69.472 
_cell.length_c_esd                 ? 
_cell.volume                       ? 
_cell.volume_esd                   ? 
_cell.Z_PDB                        8 
_cell.reciprocal_angle_alpha       ? 
_cell.reciprocal_angle_beta        ? 
_cell.reciprocal_angle_gamma       ? 
_cell.reciprocal_angle_alpha_esd   ? 
_cell.reciprocal_angle_beta_esd    ? 
_cell.reciprocal_angle_gamma_esd   ? 
_cell.reciprocal_length_a          ? 
_cell.reciprocal_length_b          ? 
_cell.reciprocal_length_c          ? 
_cell.reciprocal_length_a_esd      ? 
_cell.reciprocal_length_b_esd      ? 
_cell.reciprocal_length_c_esd      ? 
_cell.pdbx_unique_axis             ? 
# 
_symmetry.entry_id                         6NBU 
_symmetry.cell_setting                     ? 
_symmetry.Int_Tables_number                92 
_symmetry.space_group_name_Hall            ? 
_symmetry.space_group_name_H-M             'P 41 21 2' 
_symmetry.pdbx_full_space_group_name_H-M   ? 
# 
_exptl.absorpt_coefficient_mu     ? 
_exptl.absorpt_correction_T_max   ? 
_exptl.absorpt_correction_T_min   ? 
_exptl.absorpt_correction_type    ? 
_exptl.absorpt_process_details    ? 
_exptl.entry_id                   6NBU 
_exptl.crystals_number            1 
_exptl.details                    ? 
_exptl.method                     'X-RAY DIFFRACTION' 
_exptl.method_details             ? 
# 
_exptl_crystal.colour                      ? 
_exptl_crystal.density_diffrn              ? 
_exptl_crystal.density_Matthews            2.89 
_exptl_crystal.density_method              ? 
_exptl_crystal.density_percent_sol         57.43 
_exptl_crystal.description                 ? 
_exptl_crystal.F_000                       ? 
_exptl_crystal.id                          1 
_exptl_crystal.preparation                 ? 
_exptl_crystal.size_max                    ? 
_exptl_crystal.size_mid                    ? 
_exptl_crystal.size_min                    ? 
_exptl_crystal.size_rad                    ? 
_exptl_crystal.colour_lustre               ? 
_exptl_crystal.colour_modifier             ? 
_exptl_crystal.colour_primary              ? 
_exptl_crystal.density_meas                ? 
_exptl_crystal.density_meas_esd            ? 
_exptl_crystal.density_meas_gt             ? 
_exptl_crystal.density_meas_lt             ? 
_exptl_crystal.density_meas_temp           ? 
_exptl_crystal.density_meas_temp_esd       ? 
_exptl_crystal.density_meas_temp_gt        ? 
_exptl_crystal.density_meas_temp_lt        ? 
_exptl_crystal.pdbx_crystal_image_url      ? 
_exptl_crystal.pdbx_crystal_image_format   ? 
_exptl_crystal.pdbx_mosaicity              ? 
_exptl_crystal.pdbx_mosaicity_esd          ? 
# 
_exptl_crystal_grow.apparatus       ? 
_exptl_crystal_grow.atmosphere      ? 
_exptl_crystal_grow.crystal_id      1 
_exptl_crystal_grow.details         ? 
_exptl_crystal_grow.method          'VAPOR DIFFUSION, HANGING DROP' 
_exptl_crystal_grow.method_ref      ? 
_exptl_crystal_grow.pH              7.0 
_exptl_crystal_grow.pressure        ? 
_exptl_crystal_grow.pressure_esd    ? 
_exptl_crystal_grow.seeding         ? 
_exptl_crystal_grow.seeding_ref     ? 
_exptl_crystal_grow.temp            283 
_exptl_crystal_grow.temp_details    ? 
_exptl_crystal_grow.temp_esd        ? 
_exptl_crystal_grow.time            ? 
_exptl_crystal_grow.pdbx_details    'Tris, ethanol' 
_exptl_crystal_grow.pdbx_pH_range   ? 
# 
_diffrn.ambient_environment              ? 
_diffrn.ambient_temp                     100 
_diffrn.ambient_temp_details             ? 
_diffrn.ambient_temp_esd                 ? 
_diffrn.crystal_id                       1 
_diffrn.crystal_support                  ? 
_diffrn.crystal_treatment                ? 
_diffrn.details                          ? 
_diffrn.id                               1 
_diffrn.ambient_pressure                 ? 
_diffrn.ambient_pressure_esd             ? 
_diffrn.ambient_pressure_gt              ? 
_diffrn.ambient_pressure_lt              ? 
_diffrn.ambient_temp_gt                  ? 
_diffrn.ambient_temp_lt                  ? 
_diffrn.pdbx_serial_crystal_experiment   N 
# 
_diffrn_detector.details                      ? 
_diffrn_detector.detector                     CCD 
_diffrn_detector.diffrn_id                    1 
_diffrn_detector.type                         'RAYONIX MX-300' 
_diffrn_detector.area_resol_mean              ? 
_diffrn_detector.dtime                        ? 
_diffrn_detector.pdbx_frames_total            ? 
_diffrn_detector.pdbx_collection_time_total   ? 
_diffrn_detector.pdbx_collection_date         2011-06-09 
_diffrn_detector.pdbx_frequency               ? 
# 
_diffrn_radiation.collimation                      ? 
_diffrn_radiation.diffrn_id                        1 
_diffrn_radiation.filter_edge                      ? 
_diffrn_radiation.inhomogeneity                    ? 
_diffrn_radiation.monochromator                    'C(111)' 
_diffrn_radiation.polarisn_norm                    ? 
_diffrn_radiation.polarisn_ratio                   ? 
_diffrn_radiation.probe                            ? 
_diffrn_radiation.type                             ? 
_diffrn_radiation.xray_symbol                      ? 
_diffrn_radiation.wavelength_id                    1 
_diffrn_radiation.pdbx_monochromatic_or_laue_m_l   M 
_diffrn_radiation.pdbx_wavelength_list             ? 
_diffrn_radiation.pdbx_wavelength                  ? 
_diffrn_radiation.pdbx_diffrn_protocol             'SINGLE WAVELENGTH' 
_diffrn_radiation.pdbx_analyzer                    ? 
_diffrn_radiation.pdbx_scattering_type             x-ray 
# 
_diffrn_radiation_wavelength.id           1 
_diffrn_radiation_wavelength.wavelength   0.97856 
_diffrn_radiation_wavelength.wt           1.0 
# 
_diffrn_source.current                     ? 
_diffrn_source.details                     ? 
_diffrn_source.diffrn_id                   1 
_diffrn_source.power                       ? 
_diffrn_source.size                        ? 
_diffrn_source.source                      SYNCHROTRON 
_diffrn_source.target                      ? 
_diffrn_source.type                        'APS BEAMLINE 21-ID-G' 
_diffrn_source.voltage                     ? 
_diffrn_source.take-off_angle              ? 
_diffrn_source.pdbx_wavelength_list        0.97856 
_diffrn_source.pdbx_wavelength             ? 
_diffrn_source.pdbx_synchrotron_beamline   21-ID-G 
_diffrn_source.pdbx_synchrotron_site       APS 
# 
_reflns.B_iso_Wilson_estimate            ? 
_reflns.entry_id                         6NBU 
_reflns.data_reduction_details           ? 
_reflns.data_reduction_method            ? 
_reflns.d_resolution_high                2.75 
_reflns.d_resolution_low                 77.78 
_reflns.details                          ? 
_reflns.limit_h_max                      ? 
_reflns.limit_h_min                      ? 
_reflns.limit_k_max                      ? 
_reflns.limit_k_min                      ? 
_reflns.limit_l_max                      ? 
_reflns.limit_l_min                      ? 
_reflns.number_all                       ? 
_reflns.number_obs                       5931 
_reflns.observed_criterion               ? 
_reflns.observed_criterion_F_max         ? 
_reflns.observed_criterion_F_min         ? 
_reflns.observed_criterion_I_max         ? 
_reflns.observed_criterion_I_min         ? 
_reflns.observed_criterion_sigma_F       ? 
_reflns.observed_criterion_sigma_I       ? 
_reflns.percent_possible_obs             99.9 
_reflns.R_free_details                   ? 
_reflns.Rmerge_F_all                     ? 
_reflns.Rmerge_F_obs                     ? 
_reflns.Friedel_coverage                 ? 
_reflns.number_gt                        ? 
_reflns.threshold_expression             ? 
_reflns.pdbx_redundancy                  6.6 
_reflns.pdbx_Rmerge_I_obs                ? 
_reflns.pdbx_Rmerge_I_all                ? 
_reflns.pdbx_Rsym_value                  ? 
_reflns.pdbx_netI_over_av_sigmaI         ? 
_reflns.pdbx_netI_over_sigmaI            22.7 
_reflns.pdbx_res_netI_over_av_sigmaI_2   ? 
_reflns.pdbx_res_netI_over_sigmaI_2      ? 
_reflns.pdbx_chi_squared                 ? 
_reflns.pdbx_scaling_rejects             ? 
_reflns.pdbx_d_res_high_opt              ? 
_reflns.pdbx_d_res_low_opt               ? 
_reflns.pdbx_d_res_opt_method            ? 
_reflns.phase_calculation_details        ? 
_reflns.pdbx_Rrim_I_all                  ? 
_reflns.pdbx_Rpim_I_all                  ? 
_reflns.pdbx_d_opt                       ? 
_reflns.pdbx_number_measured_all         ? 
_reflns.pdbx_diffrn_id                   1 
_reflns.pdbx_ordinal                     1 
_reflns.pdbx_CC_half                     0.999 
_reflns.pdbx_R_split                     ? 
# 
_reflns_shell.d_res_high                  2.75 
_reflns_shell.d_res_low                   2.88 
_reflns_shell.meanI_over_sigI_all         ? 
_reflns_shell.meanI_over_sigI_obs         1.8 
_reflns_shell.number_measured_all         ? 
_reflns_shell.number_measured_obs         ? 
_reflns_shell.number_possible             ? 
_reflns_shell.number_unique_all           ? 
_reflns_shell.number_unique_obs           765 
_reflns_shell.percent_possible_all        99.8 
_reflns_shell.percent_possible_obs        ? 
_reflns_shell.Rmerge_F_all                ? 
_reflns_shell.Rmerge_F_obs                ? 
_reflns_shell.Rmerge_I_all                ? 
_reflns_shell.Rmerge_I_obs                ? 
_reflns_shell.meanI_over_sigI_gt          ? 
_reflns_shell.meanI_over_uI_all           ? 
_reflns_shell.meanI_over_uI_gt            ? 
_reflns_shell.number_measured_gt          ? 
_reflns_shell.number_unique_gt            ? 
_reflns_shell.percent_possible_gt         ? 
_reflns_shell.Rmerge_F_gt                 ? 
_reflns_shell.Rmerge_I_gt                 ? 
_reflns_shell.pdbx_redundancy             5.0 
_reflns_shell.pdbx_Rsym_value             ? 
_reflns_shell.pdbx_chi_squared            ? 
_reflns_shell.pdbx_netI_over_sigmaI_all   ? 
_reflns_shell.pdbx_netI_over_sigmaI_obs   ? 
_reflns_shell.pdbx_Rrim_I_all             ? 
_reflns_shell.pdbx_Rpim_I_all             ? 
_reflns_shell.pdbx_rejects                ? 
_reflns_shell.pdbx_ordinal                1 
_reflns_shell.pdbx_diffrn_id              1 
_reflns_shell.pdbx_CC_half                0.645 
_reflns_shell.pdbx_R_split                ? 
# 
_refine.aniso_B[1][1]                            -0.59 
_refine.aniso_B[1][2]                            0.00 
_refine.aniso_B[1][3]                            0.00 
_refine.aniso_B[2][2]                            -0.59 
_refine.aniso_B[2][3]                            0.00 
_refine.aniso_B[3][3]                            1.19 
_refine.B_iso_max                                ? 
_refine.B_iso_mean                               76.195 
_refine.B_iso_min                                ? 
_refine.correlation_coeff_Fo_to_Fc               0.939 
_refine.correlation_coeff_Fo_to_Fc_free          0.921 
_refine.details                                  'HYDROGENS HAVE BEEN ADDED IN THE RIDING POSITIONS' 
_refine.diff_density_max                         ? 
_refine.diff_density_max_esd                     ? 
_refine.diff_density_min                         ? 
_refine.diff_density_min_esd                     ? 
_refine.diff_density_rms                         ? 
_refine.diff_density_rms_esd                     ? 
_refine.entry_id                                 6NBU 
_refine.pdbx_refine_id                           'X-RAY DIFFRACTION' 
_refine.ls_abs_structure_details                 ? 
_refine.ls_abs_structure_Flack                   ? 
_refine.ls_abs_structure_Flack_esd               ? 
_refine.ls_abs_structure_Rogers                  ? 
_refine.ls_abs_structure_Rogers_esd              ? 
_refine.ls_d_res_high                            2.75 
_refine.ls_d_res_low                             25.00 
_refine.ls_extinction_coef                       ? 
_refine.ls_extinction_coef_esd                   ? 
_refine.ls_extinction_expression                 ? 
_refine.ls_extinction_method                     ? 
_refine.ls_goodness_of_fit_all                   ? 
_refine.ls_goodness_of_fit_all_esd               ? 
_refine.ls_goodness_of_fit_obs                   ? 
_refine.ls_goodness_of_fit_obs_esd               ? 
_refine.ls_hydrogen_treatment                    ? 
_refine.ls_matrix_type                           ? 
_refine.ls_number_constraints                    ? 
_refine.ls_number_parameters                     ? 
_refine.ls_number_reflns_all                     ? 
_refine.ls_number_reflns_obs                     5635 
_refine.ls_number_reflns_R_free                  256 
_refine.ls_number_reflns_R_work                  ? 
_refine.ls_number_restraints                     ? 
_refine.ls_percent_reflns_obs                    99.71 
_refine.ls_percent_reflns_R_free                 4.3 
_refine.ls_R_factor_all                          ? 
_refine.ls_R_factor_obs                          0.24689 
_refine.ls_R_factor_R_free                       0.29418 
_refine.ls_R_factor_R_free_error                 ? 
_refine.ls_R_factor_R_free_error_details         ? 
_refine.ls_R_factor_R_work                       0.24471 
_refine.ls_R_Fsqd_factor_obs                     ? 
_refine.ls_R_I_factor_obs                        ? 
_refine.ls_redundancy_reflns_all                 ? 
_refine.ls_redundancy_reflns_obs                 ? 
_refine.ls_restrained_S_all                      ? 
_refine.ls_restrained_S_obs                      ? 
_refine.ls_shift_over_esd_max                    ? 
_refine.ls_shift_over_esd_mean                   ? 
_refine.ls_structure_factor_coef                 ? 
_refine.ls_weighting_details                     ? 
_refine.ls_weighting_scheme                      ? 
_refine.ls_wR_factor_all                         ? 
_refine.ls_wR_factor_obs                         ? 
_refine.ls_wR_factor_R_free                      ? 
_refine.ls_wR_factor_R_work                      ? 
_refine.occupancy_max                            ? 
_refine.occupancy_min                            ? 
_refine.solvent_model_details                    ? 
_refine.solvent_model_param_bsol                 ? 
_refine.solvent_model_param_ksol                 ? 
_refine.ls_R_factor_gt                           ? 
_refine.ls_goodness_of_fit_gt                    ? 
_refine.ls_goodness_of_fit_ref                   ? 
_refine.ls_shift_over_su_max                     ? 
_refine.ls_shift_over_su_max_lt                  ? 
_refine.ls_shift_over_su_mean                    ? 
_refine.ls_shift_over_su_mean_lt                 ? 
_refine.pdbx_ls_sigma_I                          ? 
_refine.pdbx_ls_sigma_F                          ? 
_refine.pdbx_ls_sigma_Fsqd                       ? 
_refine.pdbx_data_cutoff_high_absF               ? 
_refine.pdbx_data_cutoff_high_rms_absF           ? 
_refine.pdbx_data_cutoff_low_absF                ? 
_refine.pdbx_isotropic_thermal_model             ? 
_refine.pdbx_ls_cross_valid_method               THROUGHOUT 
_refine.pdbx_method_to_determine_struct          SAD 
_refine.pdbx_starting_model                      ? 
_refine.pdbx_stereochemistry_target_values       ? 
_refine.pdbx_R_Free_selection_details            RANDOM 
_refine.pdbx_stereochem_target_val_spec_case     ? 
_refine.pdbx_overall_ESU_R                       0.609 
_refine.pdbx_overall_ESU_R_Free                  0.358 
_refine.pdbx_solvent_vdw_probe_radii             1.20 
_refine.pdbx_solvent_ion_probe_radii             0.80 
_refine.pdbx_solvent_shrinkage_radii             0.80 
_refine.pdbx_real_space_R                        ? 
_refine.pdbx_density_correlation                 ? 
_refine.pdbx_pd_number_of_powder_patterns        ? 
_refine.pdbx_pd_number_of_points                 ? 
_refine.pdbx_pd_meas_number_of_points            ? 
_refine.pdbx_pd_proc_ls_prof_R_factor            ? 
_refine.pdbx_pd_proc_ls_prof_wR_factor           ? 
_refine.pdbx_pd_Marquardt_correlation_coeff      ? 
_refine.pdbx_pd_Fsqrd_R_factor                   ? 
_refine.pdbx_pd_ls_matrix_band_width             ? 
_refine.pdbx_overall_phase_error                 ? 
_refine.pdbx_overall_SU_R_free_Cruickshank_DPI   ? 
_refine.pdbx_overall_SU_R_free_Blow_DPI          ? 
_refine.pdbx_overall_SU_R_Blow_DPI               ? 
_refine.pdbx_TLS_residual_ADP_flag               ? 
_refine.pdbx_diffrn_id                           1 
_refine.overall_SU_B                             ? 
_refine.overall_SU_ML                            ? 
_refine.overall_SU_R_Cruickshank_DPI             ? 
_refine.overall_SU_R_free                        ? 
_refine.overall_FOM_free_R_set                   ? 
_refine.overall_FOM_work_R_set                   ? 
_refine.pdbx_average_fsc_overall                 ? 
_refine.pdbx_average_fsc_work                    ? 
_refine.pdbx_average_fsc_free                    ? 
# 
_refine_hist.pdbx_refine_id                   'X-RAY DIFFRACTION' 
_refine_hist.cycle_id                         1 
_refine_hist.pdbx_number_atoms_protein        1071 
_refine_hist.pdbx_number_atoms_nucleic_acid   0 
_refine_hist.pdbx_number_atoms_ligand         0 
_refine_hist.number_atoms_solvent             0 
_refine_hist.number_atoms_total               1071 
_refine_hist.d_res_high                       2.75 
_refine_hist.d_res_low                        25.00 
# 
loop_
_refine_ls_restr.pdbx_refine_id 
_refine_ls_restr.criterion 
_refine_ls_restr.dev_ideal 
_refine_ls_restr.dev_ideal_target 
_refine_ls_restr.number 
_refine_ls_restr.rejects 
_refine_ls_restr.type 
_refine_ls_restr.weight 
_refine_ls_restr.pdbx_restraint_function 
'X-RAY DIFFRACTION' ? 0.014  0.013  1092 ? r_bond_refined_d             ? ? 
'X-RAY DIFFRACTION' ? 0.034  0.017  1018 ? r_bond_other_d               ? ? 
'X-RAY DIFFRACTION' ? 1.689  1.648  1463 ? r_angle_refined_deg          ? ? 
'X-RAY DIFFRACTION' ? 2.222  1.582  2366 ? r_angle_other_deg            ? ? 
'X-RAY DIFFRACTION' ? 5.509  5.000  124  ? r_dihedral_angle_1_deg       ? ? 
'X-RAY DIFFRACTION' ? 37.335 23.968 63   ? r_dihedral_angle_2_deg       ? ? 
'X-RAY DIFFRACTION' ? 17.101 15.000 212  ? r_dihedral_angle_3_deg       ? ? 
'X-RAY DIFFRACTION' ? 9.987  15.000 4    ? r_dihedral_angle_4_deg       ? ? 
'X-RAY DIFFRACTION' ? 0.116  0.200  135  ? r_chiral_restr               ? ? 
'X-RAY DIFFRACTION' ? 0.004  0.020  1188 ? r_gen_planes_refined         ? ? 
'X-RAY DIFFRACTION' ? 0.005  0.020  240  ? r_gen_planes_other           ? ? 
'X-RAY DIFFRACTION' ? ?      ?      ?    ? r_nbd_refined                ? ? 
'X-RAY DIFFRACTION' ? ?      ?      ?    ? r_nbd_other                  ? ? 
'X-RAY DIFFRACTION' ? ?      ?      ?    ? r_nbtor_refined              ? ? 
'X-RAY DIFFRACTION' ? ?      ?      ?    ? r_nbtor_other                ? ? 
'X-RAY DIFFRACTION' ? ?      ?      ?    ? r_xyhbond_nbd_refined        ? ? 
'X-RAY DIFFRACTION' ? ?      ?      ?    ? r_xyhbond_nbd_other          ? ? 
'X-RAY DIFFRACTION' ? ?      ?      ?    ? r_metal_ion_refined          ? ? 
'X-RAY DIFFRACTION' ? ?      ?      ?    ? r_metal_ion_other            ? ? 
'X-RAY DIFFRACTION' ? ?      ?      ?    ? r_symmetry_vdw_refined       ? ? 
'X-RAY DIFFRACTION' ? ?      ?      ?    ? r_symmetry_vdw_other         ? ? 
'X-RAY DIFFRACTION' ? ?      ?      ?    ? r_symmetry_hbond_refined     ? ? 
'X-RAY DIFFRACTION' ? ?      ?      ?    ? r_symmetry_hbond_other       ? ? 
'X-RAY DIFFRACTION' ? ?      ?      ?    ? r_symmetry_metal_ion_refined ? ? 
'X-RAY DIFFRACTION' ? ?      ?      ?    ? r_symmetry_metal_ion_other   ? ? 
'X-RAY DIFFRACTION' ? 4.029  8.118  502  ? r_mcbond_it                  ? ? 
'X-RAY DIFFRACTION' ? 4.008  8.112  501  ? r_mcbond_other               ? ? 
'X-RAY DIFFRACTION' ? 5.607  12.151 624  ? r_mcangle_it                 ? ? 
'X-RAY DIFFRACTION' ? 5.602  12.158 625  ? r_mcangle_other              ? ? 
'X-RAY DIFFRACTION' ? 5.093  8.459  590  ? r_scbond_it                  ? ? 
'X-RAY DIFFRACTION' ? 5.089  8.460  591  ? r_scbond_other               ? ? 
'X-RAY DIFFRACTION' ? ?      ?      ?    ? r_scangle_it                 ? ? 
'X-RAY DIFFRACTION' ? 6.718  12.547 840  ? r_scangle_other              ? ? 
'X-RAY DIFFRACTION' ? 7.333  93.350 1297 ? r_long_range_B_refined       ? ? 
'X-RAY DIFFRACTION' ? 7.338  93.412 1298 ? r_long_range_B_other         ? ? 
'X-RAY DIFFRACTION' ? ?      ?      ?    ? r_rigid_bond_restr           ? ? 
'X-RAY DIFFRACTION' ? ?      ?      ?    ? r_sphericity_free            ? ? 
'X-RAY DIFFRACTION' ? ?      ?      ?    ? r_sphericity_bonded          ? ? 
# 
_refine_ls_shell.pdbx_refine_id                   'X-RAY DIFFRACTION' 
_refine_ls_shell.d_res_high                       2.750 
_refine_ls_shell.d_res_low                        2.821 
_refine_ls_shell.number_reflns_all                ? 
_refine_ls_shell.number_reflns_obs                ? 
_refine_ls_shell.number_reflns_R_free             22 
_refine_ls_shell.number_reflns_R_work             387 
_refine_ls_shell.percent_reflns_obs               99.03 
_refine_ls_shell.percent_reflns_R_free            ? 
_refine_ls_shell.R_factor_all                     ? 
_refine_ls_shell.R_factor_obs                     ? 
_refine_ls_shell.R_factor_R_free                  0.367 
_refine_ls_shell.R_factor_R_free_error            ? 
_refine_ls_shell.R_factor_R_work                  0.323 
_refine_ls_shell.redundancy_reflns_all            ? 
_refine_ls_shell.redundancy_reflns_obs            ? 
_refine_ls_shell.wR_factor_all                    ? 
_refine_ls_shell.wR_factor_obs                    ? 
_refine_ls_shell.wR_factor_R_free                 ? 
_refine_ls_shell.wR_factor_R_work                 ? 
_refine_ls_shell.pdbx_total_number_of_bins_used   20 
_refine_ls_shell.pdbx_phase_error                 ? 
_refine_ls_shell.pdbx_fsc_work                    ? 
_refine_ls_shell.pdbx_fsc_free                    ? 
# 
_struct.entry_id                     6NBU 
_struct.title                        'CRISPR Complex Subunit Csm2 from Staphylococcus epidermidis RP62a' 
_struct.pdbx_model_details           ? 
_struct.pdbx_formula_weight          ? 
_struct.pdbx_formula_weight_method   ? 
_struct.pdbx_model_type_details      ? 
_struct.pdbx_CASP_flag               N 
# 
_struct_keywords.entry_id        6NBU 
_struct_keywords.text            'CRISPR, Structural Protein' 
_struct_keywords.pdbx_keywords   'STRUCTURAL PROTEIN' 
# 
_struct_asym.id                            A 
_struct_asym.pdbx_blank_PDB_chainid_flag   N 
_struct_asym.pdbx_modified                 N 
_struct_asym.entity_id                     1 
_struct_asym.details                       ? 
# 
_struct_ref.id                         1 
_struct_ref.db_name                    UNP 
_struct_ref.db_code                    Q5HK90_STAEQ 
_struct_ref.pdbx_db_accession          Q5HK90 
_struct_ref.pdbx_db_isoform            ? 
_struct_ref.entity_id                  1 
_struct_ref.pdbx_seq_one_letter_code   
;MTFAHEVVKSNVKNVKDRKGKEKQVLFNGLTTSKLRNLMEQVNRLYTIAFNSNEDQLNEEFIDELEYLKIKFYYEAGREK
SVDEFLKKTLMFPIIDRVIKKESKKFFLDYCKYFEALVAYAKYYQKED
;
_struct_ref.pdbx_align_begin           1 
# 
_struct_ref_seq.align_id                      1 
_struct_ref_seq.ref_id                        1 
_struct_ref_seq.pdbx_PDB_id_code              6NBU 
_struct_ref_seq.pdbx_strand_id                A 
_struct_ref_seq.seq_align_beg                 25 
_struct_ref_seq.pdbx_seq_align_beg_ins_code   ? 
_struct_ref_seq.seq_align_end                 152 
_struct_ref_seq.pdbx_seq_align_end_ins_code   ? 
_struct_ref_seq.pdbx_db_accession             Q5HK90 
_struct_ref_seq.db_align_beg                  1 
_struct_ref_seq.pdbx_db_align_beg_ins_code    ? 
_struct_ref_seq.db_align_end                  128 
_struct_ref_seq.pdbx_db_align_end_ins_code    ? 
_struct_ref_seq.pdbx_auth_seq_align_beg       14 
_struct_ref_seq.pdbx_auth_seq_align_end       141 
# 
loop_
_struct_ref_seq_dif.align_id 
_struct_ref_seq_dif.pdbx_pdb_id_code 
_struct_ref_seq_dif.mon_id 
_struct_ref_seq_dif.pdbx_pdb_strand_id 
_struct_ref_seq_dif.seq_num 
_struct_ref_seq_dif.pdbx_pdb_ins_code 
_struct_ref_seq_dif.pdbx_seq_db_name 
_struct_ref_seq_dif.pdbx_seq_db_accession_code 
_struct_ref_seq_dif.db_mon_id 
_struct_ref_seq_dif.pdbx_seq_db_seq_num 
_struct_ref_seq_dif.details 
_struct_ref_seq_dif.pdbx_auth_seq_num 
_struct_ref_seq_dif.pdbx_ordinal 
1 6NBU MET A 1  ? UNP Q5HK90 ? ? 'initiating methionine' -23 1  
1 6NBU HIS A 2  ? UNP Q5HK90 ? ? 'expression tag'        -22 2  
1 6NBU HIS A 3  ? UNP Q5HK90 ? ? 'expression tag'        -21 3  
1 6NBU HIS A 4  ? UNP Q5HK90 ? ? 'expression tag'        -20 4  
1 6NBU HIS A 5  ? UNP Q5HK90 ? ? 'expression tag'        -19 5  
1 6NBU HIS A 6  ? UNP Q5HK90 ? ? 'expression tag'        -18 6  
1 6NBU HIS A 7  ? UNP Q5HK90 ? ? 'expression tag'        -17 7  
1 6NBU SER A 8  ? UNP Q5HK90 ? ? 'expression tag'        -16 8  
1 6NBU SER A 9  ? UNP Q5HK90 ? ? 'expression tag'        -15 9  
1 6NBU GLY A 10 ? UNP Q5HK90 ? ? 'expression tag'        -14 10 
1 6NBU VAL A 11 ? UNP Q5HK90 ? ? 'expression tag'        -13 11 
1 6NBU ASP A 12 ? UNP Q5HK90 ? ? 'expression tag'        -12 12 
1 6NBU LEU A 13 ? UNP Q5HK90 ? ? 'expression tag'        -11 13 
1 6NBU GLY A 14 ? UNP Q5HK90 ? ? 'expression tag'        -10 14 
1 6NBU THR A 15 ? UNP Q5HK90 ? ? 'expression tag'        -9  15 
1 6NBU GLU A 16 ? UNP Q5HK90 ? ? 'expression tag'        -8  16 
1 6NBU ASN A 17 ? UNP Q5HK90 ? ? 'expression tag'        -7  17 
1 6NBU LEU A 18 ? UNP Q5HK90 ? ? 'expression tag'        -6  18 
1 6NBU TYR A 19 ? UNP Q5HK90 ? ? 'expression tag'        -5  19 
1 6NBU PHE A 20 ? UNP Q5HK90 ? ? 'expression tag'        -4  20 
1 6NBU GLN A 21 ? UNP Q5HK90 ? ? 'expression tag'        -3  21 
1 6NBU SER A 22 ? UNP Q5HK90 ? ? 'expression tag'        -2  22 
1 6NBU ASN A 23 ? UNP Q5HK90 ? ? 'expression tag'        -1  23 
1 6NBU ALA A 24 ? UNP Q5HK90 ? ? 'expression tag'        0   24 
# 
loop_
_pdbx_struct_assembly.id 
_pdbx_struct_assembly.details 
_pdbx_struct_assembly.method_details 
_pdbx_struct_assembly.oligomeric_details 
_pdbx_struct_assembly.oligomeric_count 
1 author_defined_assembly   ?    monomeric 1 
2 software_defined_assembly PISA dimeric   2 
# 
loop_
_pdbx_struct_assembly_prop.biol_id 
_pdbx_struct_assembly_prop.type 
_pdbx_struct_assembly_prop.value 
_pdbx_struct_assembly_prop.details 
1 'ABSA (A^2)' 0     ? 
1 MORE         0     ? 
1 'SSA (A^2)'  8170  ? 
2 'ABSA (A^2)' 2000  ? 
2 MORE         -12   ? 
2 'SSA (A^2)'  14340 ? 
# 
loop_
_pdbx_struct_assembly_gen.assembly_id 
_pdbx_struct_assembly_gen.oper_expression 
_pdbx_struct_assembly_gen.asym_id_list 
1 1   A 
2 1,2 A 
# 
_pdbx_struct_assembly_auth_evidence.id                     1 
_pdbx_struct_assembly_auth_evidence.assembly_id            1 
_pdbx_struct_assembly_auth_evidence.experimental_support   none 
_pdbx_struct_assembly_auth_evidence.details                ? 
# 
loop_
_pdbx_struct_oper_list.id 
_pdbx_struct_oper_list.type 
_pdbx_struct_oper_list.name 
_pdbx_struct_oper_list.symmetry_operation 
_pdbx_struct_oper_list.matrix[1][1] 
_pdbx_struct_oper_list.matrix[1][2] 
_pdbx_struct_oper_list.matrix[1][3] 
_pdbx_struct_oper_list.vector[1] 
_pdbx_struct_oper_list.matrix[2][1] 
_pdbx_struct_oper_list.matrix[2][2] 
_pdbx_struct_oper_list.matrix[2][3] 
_pdbx_struct_oper_list.vector[2] 
_pdbx_struct_oper_list.matrix[3][1] 
_pdbx_struct_oper_list.matrix[3][2] 
_pdbx_struct_oper_list.matrix[3][3] 
_pdbx_struct_oper_list.vector[3] 
1 'identity operation'         1_555 x,y,z  1.0000000000 0.0000000000 0.0000000000  0.0000000000  0.0000000000 1.0000000000  0.0000000000  0.0000000000 0.0000000000  0.0000000000  1.0000000000  0.0000000000  
2 'crystal symmetry operation' 7_555 y,x,-z 0.1965382451 0.5070942353 -0.8391830282 18.6146438719 0.5070942353 -0.7850929007 -0.3556466980 2.2212213947 -0.8391830282 -0.3556466980 -0.4114453444 27.8836691055 
# 
loop_
_struct_conf.conf_type_id 
_struct_conf.id 
_struct_conf.pdbx_PDB_helix_id 
_struct_conf.beg_label_comp_id 
_struct_conf.beg_label_asym_id 
_struct_conf.beg_label_seq_id 
_struct_conf.pdbx_beg_PDB_ins_code 
_struct_conf.end_label_comp_id 
_struct_conf.end_label_asym_id 
_struct_conf.end_label_seq_id 
_struct_conf.pdbx_end_PDB_ins_code 
_struct_conf.beg_auth_comp_id 
_struct_conf.beg_auth_asym_id 
_struct_conf.beg_auth_seq_id 
_struct_conf.end_auth_comp_id 
_struct_conf.end_auth_asym_id 
_struct_conf.end_auth_seq_id 
_struct_conf.pdbx_PDB_helix_class 
_struct_conf.details 
_struct_conf.pdbx_PDB_helix_length 
HELX_P HELX_P1 AA1 ASN A 23  ? SER A 34  ? ASN A -1  SER A 23  1 ? 12 
HELX_P HELX_P2 AA2 THR A 56  ? LYS A 58  ? THR A 45  LYS A 47  5 ? 3  
HELX_P HELX_P3 AA3 LEU A 59  ? SER A 76  ? LEU A 48  SER A 65  1 ? 18 
HELX_P HELX_P4 AA4 ASN A 82  ? GLU A 103 ? ASN A 71  GLU A 92  1 ? 22 
HELX_P HELX_P5 AA5 GLU A 103 ? LEU A 114 ? GLU A 92  LEU A 103 1 ? 12 
HELX_P HELX_P6 AA6 LEU A 114 ? GLU A 126 ? LEU A 103 GLU A 115 1 ? 13 
HELX_P HELX_P7 AA7 SER A 127 ? TYR A 148 ? SER A 116 TYR A 137 1 ? 22 
# 
_struct_conf_type.id          HELX_P 
_struct_conf_type.criteria    ? 
_struct_conf_type.reference   ? 
# 
_struct_sheet.id               AA1 
_struct_sheet.type             ? 
_struct_sheet.number_strands   2 
_struct_sheet.details          ? 
# 
_struct_sheet_order.sheet_id     AA1 
_struct_sheet_order.range_id_1   1 
_struct_sheet_order.range_id_2   2 
_struct_sheet_order.offset       ? 
_struct_sheet_order.sense        anti-parallel 
# 
loop_
_struct_sheet_range.sheet_id 
_struct_sheet_range.id 
_struct_sheet_range.beg_label_comp_id 
_struct_sheet_range.beg_label_asym_id 
_struct_sheet_range.beg_label_seq_id 
_struct_sheet_range.pdbx_beg_PDB_ins_code 
_struct_sheet_range.end_label_comp_id 
_struct_sheet_range.end_label_asym_id 
_struct_sheet_range.end_label_seq_id 
_struct_sheet_range.pdbx_end_PDB_ins_code 
_struct_sheet_range.beg_auth_comp_id 
_struct_sheet_range.beg_auth_asym_id 
_struct_sheet_range.beg_auth_seq_id 
_struct_sheet_range.end_auth_comp_id 
_struct_sheet_range.end_auth_asym_id 
_struct_sheet_range.end_auth_seq_id 
AA1 1 VAL A 36 ? LYS A 37 ? VAL A 25 LYS A 26 
AA1 2 VAL A 49 ? LEU A 50 ? VAL A 38 LEU A 39 
# 
_pdbx_struct_sheet_hbond.sheet_id                AA1 
_pdbx_struct_sheet_hbond.range_id_1              1 
_pdbx_struct_sheet_hbond.range_id_2              2 
_pdbx_struct_sheet_hbond.range_1_label_atom_id   N 
_pdbx_struct_sheet_hbond.range_1_label_comp_id   LYS 
_pdbx_struct_sheet_hbond.range_1_label_asym_id   A 
_pdbx_struct_sheet_hbond.range_1_label_seq_id    37 
_pdbx_struct_sheet_hbond.range_1_PDB_ins_code    ? 
_pdbx_struct_sheet_hbond.range_1_auth_atom_id    N 
_pdbx_struct_sheet_hbond.range_1_auth_comp_id    LYS 
_pdbx_struct_sheet_hbond.range_1_auth_asym_id    A 
_pdbx_struct_sheet_hbond.range_1_auth_seq_id     26 
_pdbx_struct_sheet_hbond.range_2_label_atom_id   O 
_pdbx_struct_sheet_hbond.range_2_label_comp_id   VAL 
_pdbx_struct_sheet_hbond.range_2_label_asym_id   A 
_pdbx_struct_sheet_hbond.range_2_label_seq_id    49 
_pdbx_struct_sheet_hbond.range_2_PDB_ins_code    ? 
_pdbx_struct_sheet_hbond.range_2_auth_atom_id    O 
_pdbx_struct_sheet_hbond.range_2_auth_comp_id    VAL 
_pdbx_struct_sheet_hbond.range_2_auth_asym_id    A 
_pdbx_struct_sheet_hbond.range_2_auth_seq_id     38 
# 
loop_
_pdbx_unobs_or_zero_occ_residues.id 
_pdbx_unobs_or_zero_occ_residues.PDB_model_num 
_pdbx_unobs_or_zero_occ_residues.polymer_flag 
_pdbx_unobs_or_zero_occ_residues.occupancy_flag 
_pdbx_unobs_or_zero_occ_residues.auth_asym_id 
_pdbx_unobs_or_zero_occ_residues.auth_comp_id 
_pdbx_unobs_or_zero_occ_residues.auth_seq_id 
_pdbx_unobs_or_zero_occ_residues.PDB_ins_code 
_pdbx_unobs_or_zero_occ_residues.label_asym_id 
_pdbx_unobs_or_zero_occ_residues.label_comp_id 
_pdbx_unobs_or_zero_occ_residues.label_seq_id 
1  1 Y 1 A MET -23 ? A MET 1   
2  1 Y 1 A HIS -22 ? A HIS 2   
3  1 Y 1 A HIS -21 ? A HIS 3   
4  1 Y 1 A HIS -20 ? A HIS 4   
5  1 Y 1 A HIS -19 ? A HIS 5   
6  1 Y 1 A HIS -18 ? A HIS 6   
7  1 Y 1 A HIS -17 ? A HIS 7   
8  1 Y 1 A SER -16 ? A SER 8   
9  1 Y 1 A SER -15 ? A SER 9   
10 1 Y 1 A GLY -14 ? A GLY 10  
11 1 Y 1 A VAL -13 ? A VAL 11  
12 1 Y 1 A ASP -12 ? A ASP 12  
13 1 Y 1 A LEU -11 ? A LEU 13  
14 1 Y 1 A GLY -10 ? A GLY 14  
15 1 Y 1 A THR -9  ? A THR 15  
16 1 Y 1 A VAL 28  ? A VAL 39  
17 1 Y 1 A LYS 29  ? A LYS 40  
18 1 Y 1 A ASP 30  ? A ASP 41  
19 1 Y 1 A ARG 31  ? A ARG 42  
20 1 Y 1 A LYS 32  ? A LYS 43  
21 1 Y 1 A GLY 33  ? A GLY 44  
22 1 Y 1 A LYS 34  ? A LYS 45  
23 1 Y 1 A GLU 35  ? A GLU 46  
24 1 Y 1 A LYS 36  ? A LYS 47  
25 1 Y 1 A GLU 140 ? A GLU 151 
26 1 Y 1 A ASP 141 ? A ASP 152 
# 
loop_
_chem_comp_atom.comp_id 
_chem_comp_atom.atom_id 
_chem_comp_atom.type_symbol 
_chem_comp_atom.pdbx_aromatic_flag 
_chem_comp_atom.pdbx_stereo_config 
_chem_comp_atom.pdbx_ordinal 
ALA N    N N N 1   
ALA CA   C N S 2   
ALA C    C N N 3   
ALA O    O N N 4   
ALA CB   C N N 5   
ALA OXT  O N N 6   
ALA H    H N N 7   
ALA H2   H N N 8   
ALA HA   H N N 9   
ALA HB1  H N N 10  
ALA HB2  H N N 11  
ALA HB3  H N N 12  
ALA HXT  H N N 13  
ARG N    N N N 14  
ARG CA   C N S 15  
ARG C    C N N 16  
ARG O    O N N 17  
ARG CB   C N N 18  
ARG CG   C N N 19  
ARG CD   C N N 20  
ARG NE   N N N 21  
ARG CZ   C N N 22  
ARG NH1  N N N 23  
ARG NH2  N N N 24  
ARG OXT  O N N 25  
ARG H    H N N 26  
ARG H2   H N N 27  
ARG HA   H N N 28  
ARG HB2  H N N 29  
ARG HB3  H N N 30  
ARG HG2  H N N 31  
ARG HG3  H N N 32  
ARG HD2  H N N 33  
ARG HD3  H N N 34  
ARG HE   H N N 35  
ARG HH11 H N N 36  
ARG HH12 H N N 37  
ARG HH21 H N N 38  
ARG HH22 H N N 39  
ARG HXT  H N N 40  
ASN N    N N N 41  
ASN CA   C N S 42  
ASN C    C N N 43  
ASN O    O N N 44  
ASN CB   C N N 45  
ASN CG   C N N 46  
ASN OD1  O N N 47  
ASN ND2  N N N 48  
ASN OXT  O N N 49  
ASN H    H N N 50  
ASN H2   H N N 51  
ASN HA   H N N 52  
ASN HB2  H N N 53  
ASN HB3  H N N 54  
ASN HD21 H N N 55  
ASN HD22 H N N 56  
ASN HXT  H N N 57  
ASP N    N N N 58  
ASP CA   C N S 59  
ASP C    C N N 60  
ASP O    O N N 61  
ASP CB   C N N 62  
ASP CG   C N N 63  
ASP OD1  O N N 64  
ASP OD2  O N N 65  
ASP OXT  O N N 66  
ASP H    H N N 67  
ASP H2   H N N 68  
ASP HA   H N N 69  
ASP HB2  H N N 70  
ASP HB3  H N N 71  
ASP HD2  H N N 72  
ASP HXT  H N N 73  
CYS N    N N N 74  
CYS CA   C N R 75  
CYS C    C N N 76  
CYS O    O N N 77  
CYS CB   C N N 78  
CYS SG   S N N 79  
CYS OXT  O N N 80  
CYS H    H N N 81  
CYS H2   H N N 82  
CYS HA   H N N 83  
CYS HB2  H N N 84  
CYS HB3  H N N 85  
CYS HG   H N N 86  
CYS HXT  H N N 87  
GLN N    N N N 88  
GLN CA   C N S 89  
GLN C    C N N 90  
GLN O    O N N 91  
GLN CB   C N N 92  
GLN CG   C N N 93  
GLN CD   C N N 94  
GLN OE1  O N N 95  
GLN NE2  N N N 96  
GLN OXT  O N N 97  
GLN H    H N N 98  
GLN H2   H N N 99  
GLN HA   H N N 100 
GLN HB2  H N N 101 
GLN HB3  H N N 102 
GLN HG2  H N N 103 
GLN HG3  H N N 104 
GLN HE21 H N N 105 
GLN HE22 H N N 106 
GLN HXT  H N N 107 
GLU N    N N N 108 
GLU CA   C N S 109 
GLU C    C N N 110 
GLU O    O N N 111 
GLU CB   C N N 112 
GLU CG   C N N 113 
GLU CD   C N N 114 
GLU OE1  O N N 115 
GLU OE2  O N N 116 
GLU OXT  O N N 117 
GLU H    H N N 118 
GLU H2   H N N 119 
GLU HA   H N N 120 
GLU HB2  H N N 121 
GLU HB3  H N N 122 
GLU HG2  H N N 123 
GLU HG3  H N N 124 
GLU HE2  H N N 125 
GLU HXT  H N N 126 
GLY N    N N N 127 
GLY CA   C N N 128 
GLY C    C N N 129 
GLY O    O N N 130 
GLY OXT  O N N 131 
GLY H    H N N 132 
GLY H2   H N N 133 
GLY HA2  H N N 134 
GLY HA3  H N N 135 
GLY HXT  H N N 136 
HIS N    N N N 137 
HIS CA   C N S 138 
HIS C    C N N 139 
HIS O    O N N 140 
HIS CB   C N N 141 
HIS CG   C Y N 142 
HIS ND1  N Y N 143 
HIS CD2  C Y N 144 
HIS CE1  C Y N 145 
HIS NE2  N Y N 146 
HIS OXT  O N N 147 
HIS H    H N N 148 
HIS H2   H N N 149 
HIS HA   H N N 150 
HIS HB2  H N N 151 
HIS HB3  H N N 152 
HIS HD1  H N N 153 
HIS HD2  H N N 154 
HIS HE1  H N N 155 
HIS HE2  H N N 156 
HIS HXT  H N N 157 
ILE N    N N N 158 
ILE CA   C N S 159 
ILE C    C N N 160 
ILE O    O N N 161 
ILE CB   C N S 162 
ILE CG1  C N N 163 
ILE CG2  C N N 164 
ILE CD1  C N N 165 
ILE OXT  O N N 166 
ILE H    H N N 167 
ILE H2   H N N 168 
ILE HA   H N N 169 
ILE HB   H N N 170 
ILE HG12 H N N 171 
ILE HG13 H N N 172 
ILE HG21 H N N 173 
ILE HG22 H N N 174 
ILE HG23 H N N 175 
ILE HD11 H N N 176 
ILE HD12 H N N 177 
ILE HD13 H N N 178 
ILE HXT  H N N 179 
LEU N    N N N 180 
LEU CA   C N S 181 
LEU C    C N N 182 
LEU O    O N N 183 
LEU CB   C N N 184 
LEU CG   C N N 185 
LEU CD1  C N N 186 
LEU CD2  C N N 187 
LEU OXT  O N N 188 
LEU H    H N N 189 
LEU H2   H N N 190 
LEU HA   H N N 191 
LEU HB2  H N N 192 
LEU HB3  H N N 193 
LEU HG   H N N 194 
LEU HD11 H N N 195 
LEU HD12 H N N 196 
LEU HD13 H N N 197 
LEU HD21 H N N 198 
LEU HD22 H N N 199 
LEU HD23 H N N 200 
LEU HXT  H N N 201 
LYS N    N N N 202 
LYS CA   C N S 203 
LYS C    C N N 204 
LYS O    O N N 205 
LYS CB   C N N 206 
LYS CG   C N N 207 
LYS CD   C N N 208 
LYS CE   C N N 209 
LYS NZ   N N N 210 
LYS OXT  O N N 211 
LYS H    H N N 212 
LYS H2   H N N 213 
LYS HA   H N N 214 
LYS HB2  H N N 215 
LYS HB3  H N N 216 
LYS HG2  H N N 217 
LYS HG3  H N N 218 
LYS HD2  H N N 219 
LYS HD3  H N N 220 
LYS HE2  H N N 221 
LYS HE3  H N N 222 
LYS HZ1  H N N 223 
LYS HZ2  H N N 224 
LYS HZ3  H N N 225 
LYS HXT  H N N 226 
MET N    N N N 227 
MET CA   C N S 228 
MET C    C N N 229 
MET O    O N N 230 
MET CB   C N N 231 
MET CG   C N N 232 
MET SD   S N N 233 
MET CE   C N N 234 
MET OXT  O N N 235 
MET H    H N N 236 
MET H2   H N N 237 
MET HA   H N N 238 
MET HB2  H N N 239 
MET HB3  H N N 240 
MET HG2  H N N 241 
MET HG3  H N N 242 
MET HE1  H N N 243 
MET HE2  H N N 244 
MET HE3  H N N 245 
MET HXT  H N N 246 
PHE N    N N N 247 
PHE CA   C N S 248 
PHE C    C N N 249 
PHE O    O N N 250 
PHE CB   C N N 251 
PHE CG   C Y N 252 
PHE CD1  C Y N 253 
PHE CD2  C Y N 254 
PHE CE1  C Y N 255 
PHE CE2  C Y N 256 
PHE CZ   C Y N 257 
PHE OXT  O N N 258 
PHE H    H N N 259 
PHE H2   H N N 260 
PHE HA   H N N 261 
PHE HB2  H N N 262 
PHE HB3  H N N 263 
PHE HD1  H N N 264 
PHE HD2  H N N 265 
PHE HE1  H N N 266 
PHE HE2  H N N 267 
PHE HZ   H N N 268 
PHE HXT  H N N 269 
PRO N    N N N 270 
PRO CA   C N S 271 
PRO C    C N N 272 
PRO O    O N N 273 
PRO CB   C N N 274 
PRO CG   C N N 275 
PRO CD   C N N 276 
PRO OXT  O N N 277 
PRO H    H N N 278 
PRO HA   H N N 279 
PRO HB2  H N N 280 
PRO HB3  H N N 281 
PRO HG2  H N N 282 
PRO HG3  H N N 283 
PRO HD2  H N N 284 
PRO HD3  H N N 285 
PRO HXT  H N N 286 
SER N    N N N 287 
SER CA   C N S 288 
SER C    C N N 289 
SER O    O N N 290 
SER CB   C N N 291 
SER OG   O N N 292 
SER OXT  O N N 293 
SER H    H N N 294 
SER H2   H N N 295 
SER HA   H N N 296 
SER HB2  H N N 297 
SER HB3  H N N 298 
SER HG   H N N 299 
SER HXT  H N N 300 
THR N    N N N 301 
THR CA   C N S 302 
THR C    C N N 303 
THR O    O N N 304 
THR CB   C N R 305 
THR OG1  O N N 306 
THR CG2  C N N 307 
THR OXT  O N N 308 
THR H    H N N 309 
THR H2   H N N 310 
THR HA   H N N 311 
THR HB   H N N 312 
THR HG1  H N N 313 
THR HG21 H N N 314 
THR HG22 H N N 315 
THR HG23 H N N 316 
THR HXT  H N N 317 
TYR N    N N N 318 
TYR CA   C N S 319 
TYR C    C N N 320 
TYR O    O N N 321 
TYR CB   C N N 322 
TYR CG   C Y N 323 
TYR CD1  C Y N 324 
TYR CD2  C Y N 325 
TYR CE1  C Y N 326 
TYR CE2  C Y N 327 
TYR CZ   C Y N 328 
TYR OH   O N N 329 
TYR OXT  O N N 330 
TYR H    H N N 331 
TYR H2   H N N 332 
TYR HA   H N N 333 
TYR HB2  H N N 334 
TYR HB3  H N N 335 
TYR HD1  H N N 336 
TYR HD2  H N N 337 
TYR HE1  H N N 338 
TYR HE2  H N N 339 
TYR HH   H N N 340 
TYR HXT  H N N 341 
VAL N    N N N 342 
VAL CA   C N S 343 
VAL C    C N N 344 
VAL O    O N N 345 
VAL CB   C N N 346 
VAL CG1  C N N 347 
VAL CG2  C N N 348 
VAL OXT  O N N 349 
VAL H    H N N 350 
VAL H2   H N N 351 
VAL HA   H N N 352 
VAL HB   H N N 353 
VAL HG11 H N N 354 
VAL HG12 H N N 355 
VAL HG13 H N N 356 
VAL HG21 H N N 357 
VAL HG22 H N N 358 
VAL HG23 H N N 359 
VAL HXT  H N N 360 
# 
loop_
_chem_comp_bond.comp_id 
_chem_comp_bond.atom_id_1 
_chem_comp_bond.atom_id_2 
_chem_comp_bond.value_order 
_chem_comp_bond.pdbx_aromatic_flag 
_chem_comp_bond.pdbx_stereo_config 
_chem_comp_bond.pdbx_ordinal 
ALA N   CA   sing N N 1   
ALA N   H    sing N N 2   
ALA N   H2   sing N N 3   
ALA CA  C    sing N N 4   
ALA CA  CB   sing N N 5   
ALA CA  HA   sing N N 6   
ALA C   O    doub N N 7   
ALA C   OXT  sing N N 8   
ALA CB  HB1  sing N N 9   
ALA CB  HB2  sing N N 10  
ALA CB  HB3  sing N N 11  
ALA OXT HXT  sing N N 12  
ARG N   CA   sing N N 13  
ARG N   H    sing N N 14  
ARG N   H2   sing N N 15  
ARG CA  C    sing N N 16  
ARG CA  CB   sing N N 17  
ARG CA  HA   sing N N 18  
ARG C   O    doub N N 19  
ARG C   OXT  sing N N 20  
ARG CB  CG   sing N N 21  
ARG CB  HB2  sing N N 22  
ARG CB  HB3  sing N N 23  
ARG CG  CD   sing N N 24  
ARG CG  HG2  sing N N 25  
ARG CG  HG3  sing N N 26  
ARG CD  NE   sing N N 27  
ARG CD  HD2  sing N N 28  
ARG CD  HD3  sing N N 29  
ARG NE  CZ   sing N N 30  
ARG NE  HE   sing N N 31  
ARG CZ  NH1  sing N N 32  
ARG CZ  NH2  doub N N 33  
ARG NH1 HH11 sing N N 34  
ARG NH1 HH12 sing N N 35  
ARG NH2 HH21 sing N N 36  
ARG NH2 HH22 sing N N 37  
ARG OXT HXT  sing N N 38  
ASN N   CA   sing N N 39  
ASN N   H    sing N N 40  
ASN N   H2   sing N N 41  
ASN CA  C    sing N N 42  
ASN CA  CB   sing N N 43  
ASN CA  HA   sing N N 44  
ASN C   O    doub N N 45  
ASN C   OXT  sing N N 46  
ASN CB  CG   sing N N 47  
ASN CB  HB2  sing N N 48  
ASN CB  HB3  sing N N 49  
ASN CG  OD1  doub N N 50  
ASN CG  ND2  sing N N 51  
ASN ND2 HD21 sing N N 52  
ASN ND2 HD22 sing N N 53  
ASN OXT HXT  sing N N 54  
ASP N   CA   sing N N 55  
ASP N   H    sing N N 56  
ASP N   H2   sing N N 57  
ASP CA  C    sing N N 58  
ASP CA  CB   sing N N 59  
ASP CA  HA   sing N N 60  
ASP C   O    doub N N 61  
ASP C   OXT  sing N N 62  
ASP CB  CG   sing N N 63  
ASP CB  HB2  sing N N 64  
ASP CB  HB3  sing N N 65  
ASP CG  OD1  doub N N 66  
ASP CG  OD2  sing N N 67  
ASP OD2 HD2  sing N N 68  
ASP OXT HXT  sing N N 69  
CYS N   CA   sing N N 70  
CYS N   H    sing N N 71  
CYS N   H2   sing N N 72  
CYS CA  C    sing N N 73  
CYS CA  CB   sing N N 74  
CYS CA  HA   sing N N 75  
CYS C   O    doub N N 76  
CYS C   OXT  sing N N 77  
CYS CB  SG   sing N N 78  
CYS CB  HB2  sing N N 79  
CYS CB  HB3  sing N N 80  
CYS SG  HG   sing N N 81  
CYS OXT HXT  sing N N 82  
GLN N   CA   sing N N 83  
GLN N   H    sing N N 84  
GLN N   H2   sing N N 85  
GLN CA  C    sing N N 86  
GLN CA  CB   sing N N 87  
GLN CA  HA   sing N N 88  
GLN C   O    doub N N 89  
GLN C   OXT  sing N N 90  
GLN CB  CG   sing N N 91  
GLN CB  HB2  sing N N 92  
GLN CB  HB3  sing N N 93  
GLN CG  CD   sing N N 94  
GLN CG  HG2  sing N N 95  
GLN CG  HG3  sing N N 96  
GLN CD  OE1  doub N N 97  
GLN CD  NE2  sing N N 98  
GLN NE2 HE21 sing N N 99  
GLN NE2 HE22 sing N N 100 
GLN OXT HXT  sing N N 101 
GLU N   CA   sing N N 102 
GLU N   H    sing N N 103 
GLU N   H2   sing N N 104 
GLU CA  C    sing N N 105 
GLU CA  CB   sing N N 106 
GLU CA  HA   sing N N 107 
GLU C   O    doub N N 108 
GLU C   OXT  sing N N 109 
GLU CB  CG   sing N N 110 
GLU CB  HB2  sing N N 111 
GLU CB  HB3  sing N N 112 
GLU CG  CD   sing N N 113 
GLU CG  HG2  sing N N 114 
GLU CG  HG3  sing N N 115 
GLU CD  OE1  doub N N 116 
GLU CD  OE2  sing N N 117 
GLU OE2 HE2  sing N N 118 
GLU OXT HXT  sing N N 119 
GLY N   CA   sing N N 120 
GLY N   H    sing N N 121 
GLY N   H2   sing N N 122 
GLY CA  C    sing N N 123 
GLY CA  HA2  sing N N 124 
GLY CA  HA3  sing N N 125 
GLY C   O    doub N N 126 
GLY C   OXT  sing N N 127 
GLY OXT HXT  sing N N 128 
HIS N   CA   sing N N 129 
HIS N   H    sing N N 130 
HIS N   H2   sing N N 131 
HIS CA  C    sing N N 132 
HIS CA  CB   sing N N 133 
HIS CA  HA   sing N N 134 
HIS C   O    doub N N 135 
HIS C   OXT  sing N N 136 
HIS CB  CG   sing N N 137 
HIS CB  HB2  sing N N 138 
HIS CB  HB3  sing N N 139 
HIS CG  ND1  sing Y N 140 
HIS CG  CD2  doub Y N 141 
HIS ND1 CE1  doub Y N 142 
HIS ND1 HD1  sing N N 143 
HIS CD2 NE2  sing Y N 144 
HIS CD2 HD2  sing N N 145 
HIS CE1 NE2  sing Y N 146 
HIS CE1 HE1  sing N N 147 
HIS NE2 HE2  sing N N 148 
HIS OXT HXT  sing N N 149 
ILE N   CA   sing N N 150 
ILE N   H    sing N N 151 
ILE N   H2   sing N N 152 
ILE CA  C    sing N N 153 
ILE CA  CB   sing N N 154 
ILE CA  HA   sing N N 155 
ILE C   O    doub N N 156 
ILE C   OXT  sing N N 157 
ILE CB  CG1  sing N N 158 
ILE CB  CG2  sing N N 159 
ILE CB  HB   sing N N 160 
ILE CG1 CD1  sing N N 161 
ILE CG1 HG12 sing N N 162 
ILE CG1 HG13 sing N N 163 
ILE CG2 HG21 sing N N 164 
ILE CG2 HG22 sing N N 165 
ILE CG2 HG23 sing N N 166 
ILE CD1 HD11 sing N N 167 
ILE CD1 HD12 sing N N 168 
ILE CD1 HD13 sing N N 169 
ILE OXT HXT  sing N N 170 
LEU N   CA   sing N N 171 
LEU N   H    sing N N 172 
LEU N   H2   sing N N 173 
LEU CA  C    sing N N 174 
LEU CA  CB   sing N N 175 
LEU CA  HA   sing N N 176 
LEU C   O    doub N N 177 
LEU C   OXT  sing N N 178 
LEU CB  CG   sing N N 179 
LEU CB  HB2  sing N N 180 
LEU CB  HB3  sing N N 181 
LEU CG  CD1  sing N N 182 
LEU CG  CD2  sing N N 183 
LEU CG  HG   sing N N 184 
LEU CD1 HD11 sing N N 185 
LEU CD1 HD12 sing N N 186 
LEU CD1 HD13 sing N N 187 
LEU CD2 HD21 sing N N 188 
LEU CD2 HD22 sing N N 189 
LEU CD2 HD23 sing N N 190 
LEU OXT HXT  sing N N 191 
LYS N   CA   sing N N 192 
LYS N   H    sing N N 193 
LYS N   H2   sing N N 194 
LYS CA  C    sing N N 195 
LYS CA  CB   sing N N 196 
LYS CA  HA   sing N N 197 
LYS C   O    doub N N 198 
LYS C   OXT  sing N N 199 
LYS CB  CG   sing N N 200 
LYS CB  HB2  sing N N 201 
LYS CB  HB3  sing N N 202 
LYS CG  CD   sing N N 203 
LYS CG  HG2  sing N N 204 
LYS CG  HG3  sing N N 205 
LYS CD  CE   sing N N 206 
LYS CD  HD2  sing N N 207 
LYS CD  HD3  sing N N 208 
LYS CE  NZ   sing N N 209 
LYS CE  HE2  sing N N 210 
LYS CE  HE3  sing N N 211 
LYS NZ  HZ1  sing N N 212 
LYS NZ  HZ2  sing N N 213 
LYS NZ  HZ3  sing N N 214 
LYS OXT HXT  sing N N 215 
MET N   CA   sing N N 216 
MET N   H    sing N N 217 
MET N   H2   sing N N 218 
MET CA  C    sing N N 219 
MET CA  CB   sing N N 220 
MET CA  HA   sing N N 221 
MET C   O    doub N N 222 
MET C   OXT  sing N N 223 
MET CB  CG   sing N N 224 
MET CB  HB2  sing N N 225 
MET CB  HB3  sing N N 226 
MET CG  SD   sing N N 227 
MET CG  HG2  sing N N 228 
MET CG  HG3  sing N N 229 
MET SD  CE   sing N N 230 
MET CE  HE1  sing N N 231 
MET CE  HE2  sing N N 232 
MET CE  HE3  sing N N 233 
MET OXT HXT  sing N N 234 
PHE N   CA   sing N N 235 
PHE N   H    sing N N 236 
PHE N   H2   sing N N 237 
PHE CA  C    sing N N 238 
PHE CA  CB   sing N N 239 
PHE CA  HA   sing N N 240 
PHE C   O    doub N N 241 
PHE C   OXT  sing N N 242 
PHE CB  CG   sing N N 243 
PHE CB  HB2  sing N N 244 
PHE CB  HB3  sing N N 245 
PHE CG  CD1  doub Y N 246 
PHE CG  CD2  sing Y N 247 
PHE CD1 CE1  sing Y N 248 
PHE CD1 HD1  sing N N 249 
PHE CD2 CE2  doub Y N 250 
PHE CD2 HD2  sing N N 251 
PHE CE1 CZ   doub Y N 252 
PHE CE1 HE1  sing N N 253 
PHE CE2 CZ   sing Y N 254 
PHE CE2 HE2  sing N N 255 
PHE CZ  HZ   sing N N 256 
PHE OXT HXT  sing N N 257 
PRO N   CA   sing N N 258 
PRO N   CD   sing N N 259 
PRO N   H    sing N N 260 
PRO CA  C    sing N N 261 
PRO CA  CB   sing N N 262 
PRO CA  HA   sing N N 263 
PRO C   O    doub N N 264 
PRO C   OXT  sing N N 265 
PRO CB  CG   sing N N 266 
PRO CB  HB2  sing N N 267 
PRO CB  HB3  sing N N 268 
PRO CG  CD   sing N N 269 
PRO CG  HG2  sing N N 270 
PRO CG  HG3  sing N N 271 
PRO CD  HD2  sing N N 272 
PRO CD  HD3  sing N N 273 
PRO OXT HXT  sing N N 274 
SER N   CA   sing N N 275 
SER N   H    sing N N 276 
SER N   H2   sing N N 277 
SER CA  C    sing N N 278 
SER CA  CB   sing N N 279 
SER CA  HA   sing N N 280 
SER C   O    doub N N 281 
SER C   OXT  sing N N 282 
SER CB  OG   sing N N 283 
SER CB  HB2  sing N N 284 
SER CB  HB3  sing N N 285 
SER OG  HG   sing N N 286 
SER OXT HXT  sing N N 287 
THR N   CA   sing N N 288 
THR N   H    sing N N 289 
THR N   H2   sing N N 290 
THR CA  C    sing N N 291 
THR CA  CB   sing N N 292 
THR CA  HA   sing N N 293 
THR C   O    doub N N 294 
THR C   OXT  sing N N 295 
THR CB  OG1  sing N N 296 
THR CB  CG2  sing N N 297 
THR CB  HB   sing N N 298 
THR OG1 HG1  sing N N 299 
THR CG2 HG21 sing N N 300 
THR CG2 HG22 sing N N 301 
THR CG2 HG23 sing N N 302 
THR OXT HXT  sing N N 303 
TYR N   CA   sing N N 304 
TYR N   H    sing N N 305 
TYR N   H2   sing N N 306 
TYR CA  C    sing N N 307 
TYR CA  CB   sing N N 308 
TYR CA  HA   sing N N 309 
TYR C   O    doub N N 310 
TYR C   OXT  sing N N 311 
TYR CB  CG   sing N N 312 
TYR CB  HB2  sing N N 313 
TYR CB  HB3  sing N N 314 
TYR CG  CD1  doub Y N 315 
TYR CG  CD2  sing Y N 316 
TYR CD1 CE1  sing Y N 317 
TYR CD1 HD1  sing N N 318 
TYR CD2 CE2  doub Y N 319 
TYR CD2 HD2  sing N N 320 
TYR CE1 CZ   doub Y N 321 
TYR CE1 HE1  sing N N 322 
TYR CE2 CZ   sing Y N 323 
TYR CE2 HE2  sing N N 324 
TYR CZ  OH   sing N N 325 
TYR OH  HH   sing N N 326 
TYR OXT HXT  sing N N 327 
VAL N   CA   sing N N 328 
VAL N   H    sing N N 329 
VAL N   H2   sing N N 330 
VAL CA  C    sing N N 331 
VAL CA  CB   sing N N 332 
VAL CA  HA   sing N N 333 
VAL C   O    doub N N 334 
VAL C   OXT  sing N N 335 
VAL CB  CG1  sing N N 336 
VAL CB  CG2  sing N N 337 
VAL CB  HB   sing N N 338 
VAL CG1 HG11 sing N N 339 
VAL CG1 HG12 sing N N 340 
VAL CG1 HG13 sing N N 341 
VAL CG2 HG21 sing N N 342 
VAL CG2 HG22 sing N N 343 
VAL CG2 HG23 sing N N 344 
VAL OXT HXT  sing N N 345 
# 
_pdbx_audit_support.funding_organization   
'National Institutes of Health/National Institute of General Medical Sciences (NIH/NIGMS)' 
_pdbx_audit_support.country                'United States' 
_pdbx_audit_support.grant_number           'R35 GM118108' 
_pdbx_audit_support.ordinal                1 
# 
_atom_sites.entry_id                    6NBU 
_atom_sites.fract_transf_matrix[1][1]   0.00152185 
_atom_sites.fract_transf_matrix[1][2]   0.00418095 
_atom_sites.fract_transf_matrix[1][3]   -0.01206259 
_atom_sites.fract_transf_matrix[2][1]   0.01254196 
_atom_sites.fract_transf_matrix[2][2]   0.00177930 
_atom_sites.fract_transf_matrix[2][3]   0.00219904 
_atom_sites.fract_transf_matrix[3][1]   0.00266952 
_atom_sites.fract_transf_matrix[3][2]   -0.01346512 
_atom_sites.fract_transf_matrix[3][3]   -0.00433029 
_atom_sites.fract_transf_vector[1]      0.320111 
_atom_sites.fract_transf_vector[2]      0.021377 
_atom_sites.fract_transf_vector[3]      0.050481 
# 
loop_
_atom_type.symbol 
C 
N 
O 
S 
# 
loop_
_atom_site.group_PDB 
_atom_site.id 
_atom_site.type_symbol 
_atom_site.label_atom_id 
_atom_site.label_alt_id 
_atom_site.label_comp_id 
_atom_site.label_asym_id 
_atom_site.label_entity_id 
_atom_site.label_seq_id 
_atom_site.pdbx_PDB_ins_code 
_atom_site.Cartn_x 
_atom_site.Cartn_y 
_atom_site.Cartn_z 
_atom_site.occupancy 
_atom_site.B_iso_or_equiv 
_atom_site.pdbx_formal_charge 
_atom_site.auth_seq_id 
_atom_site.auth_comp_id 
_atom_site.auth_asym_id 
_atom_site.auth_atom_id 
_atom_site.pdbx_PDB_model_num 
ATOM 1    N N   . GLU A 1 16  ? 8.616   -11.644 27.964  1.00 112.61 ? -8  GLU A N   1 
ATOM 2    C CA  . GLU A 1 16  ? 7.962   -11.228 26.726  1.00 121.29 ? -8  GLU A CA  1 
ATOM 3    C C   . GLU A 1 16  ? 8.984   -10.507 25.843  1.00 123.56 ? -8  GLU A C   1 
ATOM 4    O O   . GLU A 1 16  ? 10.183  -10.772 25.946  1.00 119.97 ? -8  GLU A O   1 
ATOM 5    C CB  . GLU A 1 16  ? 6.739   -10.344 27.032  1.00 119.36 ? -8  GLU A CB  1 
ATOM 6    C CG  . GLU A 1 16  ? 5.684   -10.256 25.928  1.00 122.94 ? -8  GLU A CG  1 
ATOM 7    C CD  . GLU A 1 16  ? 5.733   -11.427 24.960  1.00 128.73 ? -8  GLU A CD  1 
ATOM 8    O OE1 . GLU A 1 16  ? 5.581   -12.589 25.400  1.00 133.33 ? -8  GLU A OE1 1 
ATOM 9    O OE2 . GLU A 1 16  ? 5.928   -11.182 23.750  1.00 124.47 ? -8  GLU A OE2 1 
ATOM 10   N N   . ASN A 1 17  ? 8.523   -9.609  24.975  1.00 122.50 ? -7  ASN A N   1 
ATOM 11   C CA  . ASN A 1 17  ? 9.398   -8.870  24.078  1.00 117.35 ? -7  ASN A CA  1 
ATOM 12   C C   . ASN A 1 17  ? 9.090   -7.383  24.183  1.00 115.91 ? -7  ASN A C   1 
ATOM 13   O O   . ASN A 1 17  ? 8.183   -6.961  24.904  1.00 121.46 ? -7  ASN A O   1 
ATOM 14   C CB  . ASN A 1 17  ? 9.267   -9.362  22.632  1.00 124.68 ? -7  ASN A CB  1 
ATOM 15   C CG  . ASN A 1 17  ? 10.088  -10.609 22.366  1.00 126.18 ? -7  ASN A CG  1 
ATOM 16   O OD1 . ASN A 1 17  ? 11.319  -10.554 22.302  1.00 123.13 ? -7  ASN A OD1 1 
ATOM 17   N ND2 . ASN A 1 17  ? 9.411   -11.740 22.198  1.00 127.24 ? -7  ASN A ND2 1 
ATOM 18   N N   . LEU A 1 18  ? 9.851   -6.587  23.438  1.00 113.15 ? -6  LEU A N   1 
ATOM 19   C CA  . LEU A 1 18  ? 9.912   -5.142  23.638  1.00 108.04 ? -6  LEU A CA  1 
ATOM 20   C C   . LEU A 1 18  ? 9.850   -4.460  22.276  1.00 112.75 ? -6  LEU A C   1 
ATOM 21   O O   . LEU A 1 18  ? 10.868  -4.351  21.581  1.00 109.77 ? -6  LEU A O   1 
ATOM 22   C CB  . LEU A 1 18  ? 11.183  -4.768  24.386  1.00 108.22 ? -6  LEU A CB  1 
ATOM 23   C CG  . LEU A 1 18  ? 11.603  -3.299  24.443  1.00 102.48 ? -6  LEU A CG  1 
ATOM 24   C CD1 . LEU A 1 18  ? 10.607  -2.481  25.244  1.00 97.19  ? -6  LEU A CD1 1 
ATOM 25   C CD2 . LEU A 1 18  ? 13.001  -3.184  25.030  1.00 97.63  ? -6  LEU A CD2 1 
ATOM 26   N N   . TYR A 1 19  ? 8.663   -3.984  21.909  1.00 112.08 ? -5  TYR A N   1 
ATOM 27   C CA  . TYR A 1 19  ? 8.417   -3.399  20.601  1.00 114.81 ? -5  TYR A CA  1 
ATOM 28   C C   . TYR A 1 19  ? 7.823   -2.006  20.780  1.00 113.03 ? -5  TYR A C   1 
ATOM 29   O O   . TYR A 1 19  ? 7.308   -1.672  21.849  1.00 111.33 ? -5  TYR A O   1 
ATOM 30   C CB  . TYR A 1 19  ? 7.511   -4.318  19.769  1.00 113.98 ? -5  TYR A CB  1 
ATOM 31   C CG  . TYR A 1 19  ? 8.088   -5.718  19.649  1.00 119.97 ? -5  TYR A CG  1 
ATOM 32   C CD1 . TYR A 1 19  ? 9.440   -5.906  19.369  1.00 120.78 ? -5  TYR A CD1 1 
ATOM 33   C CD2 . TYR A 1 19  ? 7.298   -6.848  19.839  1.00 124.43 ? -5  TYR A CD2 1 
ATOM 34   C CE1 . TYR A 1 19  ? 9.989   -7.176  19.267  1.00 124.25 ? -5  TYR A CE1 1 
ATOM 35   C CE2 . TYR A 1 19  ? 7.836   -8.126  19.736  1.00 123.95 ? -5  TYR A CE2 1 
ATOM 36   C CZ  . TYR A 1 19  ? 9.185   -8.282  19.451  1.00 130.30 ? -5  TYR A CZ  1 
ATOM 37   O OH  . TYR A 1 19  ? 9.742   -9.538  19.346  1.00 135.20 ? -5  TYR A OH  1 
ATOM 38   N N   . PHE A 1 20  ? 7.907   -1.188  19.727  1.00 111.18 ? -4  PHE A N   1 
ATOM 39   C CA  . PHE A 1 20  ? 7.762   0.257   19.871  1.00 113.28 ? -4  PHE A CA  1 
ATOM 40   C C   . PHE A 1 20  ? 6.795   0.825   18.835  1.00 119.05 ? -4  PHE A C   1 
ATOM 41   O O   . PHE A 1 20  ? 6.268   0.111   17.975  1.00 118.74 ? -4  PHE A O   1 
ATOM 42   C CB  . PHE A 1 20  ? 9.124   0.951   19.753  1.00 107.01 ? -4  PHE A CB  1 
ATOM 43   C CG  . PHE A 1 20  ? 10.124  0.502   20.780  1.00 104.32 ? -4  PHE A CG  1 
ATOM 44   C CD1 . PHE A 1 20  ? 10.883  -0.647  20.578  1.00 103.35 ? -4  PHE A CD1 1 
ATOM 45   C CD2 . PHE A 1 20  ? 10.315  1.232   21.940  1.00 95.39  ? -4  PHE A CD2 1 
ATOM 46   C CE1 . PHE A 1 20  ? 11.815  -1.063  21.517  1.00 94.65  ? -4  PHE A CE1 1 
ATOM 47   C CE2 . PHE A 1 20  ? 11.250  0.824   22.881  1.00 96.30  ? -4  PHE A CE2 1 
ATOM 48   C CZ  . PHE A 1 20  ? 12.003  -0.325  22.665  1.00 92.01  ? -4  PHE A CZ  1 
ATOM 49   N N   . GLN A 1 21  ? 6.601   2.148   18.910  1.00 118.69 ? -3  GLN A N   1 
ATOM 50   C CA  . GLN A 1 21  ? 5.546   2.866   18.190  1.00 121.70 ? -3  GLN A CA  1 
ATOM 51   C C   . GLN A 1 21  ? 6.135   3.558   16.962  1.00 119.07 ? -3  GLN A C   1 
ATOM 52   O O   . GLN A 1 21  ? 6.685   4.658   17.064  1.00 114.10 ? -3  GLN A O   1 
ATOM 53   C CB  . GLN A 1 21  ? 4.879   3.892   19.107  1.00 130.19 ? -3  GLN A CB  1 
ATOM 54   C CG  . GLN A 1 21  ? 4.704   3.460   20.560  1.00 135.65 ? -3  GLN A CG  1 
ATOM 55   C CD  . GLN A 1 21  ? 4.145   4.575   21.437  1.00 144.10 ? -3  GLN A CD  1 
ATOM 56   O OE1 . GLN A 1 21  ? 4.152   5.748   21.050  1.00 145.13 ? -3  GLN A OE1 1 
ATOM 57   N NE2 . GLN A 1 21  ? 3.653   4.211   22.620  1.00 139.90 ? -3  GLN A NE2 1 
ATOM 58   N N   . SER A 1 22  ? 5.979   2.935   15.792  1.00 119.38 ? -2  SER A N   1 
ATOM 59   C CA  . SER A 1 22  ? 6.519   3.450   14.534  1.00 106.70 ? -2  SER A CA  1 
ATOM 60   C C   . SER A 1 22  ? 5.381   3.884   13.619  1.00 103.66 ? -2  SER A C   1 
ATOM 61   O O   . SER A 1 22  ? 4.509   3.076   13.282  1.00 106.52 ? -2  SER A O   1 
ATOM 62   C CB  . SER A 1 22  ? 7.381   2.396   13.842  1.00 100.54 ? -2  SER A CB  1 
ATOM 63   O OG  . SER A 1 22  ? 6.714   1.156   13.797  1.00 113.87 ? -2  SER A OG  1 
ATOM 64   N N   . ASN A 1 23  ? 5.408   5.147   13.197  1.00 98.93  ? -1  ASN A N   1 
ATOM 65   C CA  . ASN A 1 23  ? 4.401   5.649   12.282  1.00 94.60  ? -1  ASN A CA  1 
ATOM 66   C C   . ASN A 1 23  ? 4.586   5.000   10.911  1.00 94.73  ? -1  ASN A C   1 
ATOM 67   O O   . ASN A 1 23  ? 5.521   4.225   10.675  1.00 91.13  ? -1  ASN A O   1 
ATOM 68   C CB  . ASN A 1 23  ? 4.444   7.180   12.227  1.00 93.00  ? -1  ASN A CB  1 
ATOM 69   C CG  . ASN A 1 23  ? 5.643   7.736   11.464  1.00 89.49  ? -1  ASN A CG  1 
ATOM 70   O OD1 . ASN A 1 23  ? 6.548   7.013   11.048  1.00 84.83  ? -1  ASN A OD1 1 
ATOM 71   N ND2 . ASN A 1 23  ? 5.653   9.054   11.293  1.00 92.17  ? -1  ASN A ND2 1 
ATOM 72   N N   . ALA A 1 24  ? 3.674   5.325   9.992   1.00 88.31  ? 0   ALA A N   1 
ATOM 73   C CA  . ALA A 1 24  ? 3.677   4.676   8.685   1.00 81.61  ? 0   ALA A CA  1 
ATOM 74   C C   . ALA A 1 24  ? 4.927   5.033   7.890   1.00 79.24  ? 0   ALA A C   1 
ATOM 75   O O   . ALA A 1 24  ? 5.520   4.177   7.225   1.00 80.50  ? 0   ALA A O   1 
ATOM 76   C CB  . ALA A 1 24  ? 2.416   5.059   7.909   1.00 86.98  ? 0   ALA A CB  1 
ATOM 77   N N   . MET A 1 25  ? 5.328   6.300   7.933   1.00 75.53  ? 14  MET A N   1 
ATOM 78   C CA  . MET A 1 25  ? 6.489   6.757   7.182   1.00 80.73  ? 14  MET A CA  1 
ATOM 79   C C   . MET A 1 25  ? 7.743   5.982   7.585   1.00 83.02  ? 14  MET A C   1 
ATOM 80   O O   . MET A 1 25  ? 8.480   5.457   6.733   1.00 77.79  ? 14  MET A O   1 
ATOM 81   C CB  . MET A 1 25  ? 6.653   8.258   7.428   1.00 88.65  ? 14  MET A CB  1 
ATOM 82   C CG  . MET A 1 25  ? 7.375   9.062   6.355   1.00 92.68  ? 14  MET A CG  1 
ATOM 83   S SD  . MET A 1 25  ? 7.237   10.836  6.710   1.00 117.57 ? 14  MET A SD  1 
ATOM 84   C CE  . MET A 1 25  ? 7.604   10.872  8.474   1.00 93.92  ? 14  MET A CE  1 
ATOM 85   N N   . THR A 1 26  ? 7.986   5.892   8.897   1.00 84.18  ? 15  THR A N   1 
ATOM 86   C CA  . THR A 1 26  ? 9.155   5.187   9.408   1.00 82.94  ? 15  THR A CA  1 
ATOM 87   C C   . THR A 1 26  ? 9.171   3.740   8.956   1.00 74.31  ? 15  THR A C   1 
ATOM 88   O O   . THR A 1 26  ? 10.195  3.233   8.490   1.00 78.40  ? 15  THR A O   1 
ATOM 89   C CB  . THR A 1 26  ? 9.168   5.259   10.935  1.00 84.81  ? 15  THR A CB  1 
ATOM 90   O OG1 . THR A 1 26  ? 9.303   6.624   11.346  1.00 86.35  ? 15  THR A OG1 1 
ATOM 91   C CG2 . THR A 1 26  ? 10.308  4.426   11.509  1.00 74.56  ? 15  THR A CG2 1 
ATOM 92   N N   . PHE A 1 27  ? 8.050   3.054   9.104   1.00 73.53  ? 16  PHE A N   1 
ATOM 93   C CA  . PHE A 1 27  ? 7.995   1.644   8.760   1.00 76.67  ? 16  PHE A CA  1 
ATOM 94   C C   . PHE A 1 27  ? 8.070   1.407   7.252   1.00 77.62  ? 16  PHE A C   1 
ATOM 95   O O   . PHE A 1 27  ? 8.642   0.405   6.822   1.00 78.89  ? 16  PHE A O   1 
ATOM 96   C CB  . PHE A 1 27  ? 6.722   1.035   9.342   1.00 86.48  ? 16  PHE A CB  1 
ATOM 97   C CG  . PHE A 1 27  ? 6.472   -0.374  8.913   1.00 86.54  ? 16  PHE A CG  1 
ATOM 98   C CD1 . PHE A 1 27  ? 7.108   -1.427  9.550   1.00 91.31  ? 16  PHE A CD1 1 
ATOM 99   C CD2 . PHE A 1 27  ? 5.595   -0.649  7.882   1.00 82.50  ? 16  PHE A CD2 1 
ATOM 100  C CE1 . PHE A 1 27  ? 6.874   -2.730  9.172   1.00 88.68  ? 16  PHE A CE1 1 
ATOM 101  C CE2 . PHE A 1 27  ? 5.355   -1.948  7.492   1.00 82.33  ? 16  PHE A CE2 1 
ATOM 102  C CZ  . PHE A 1 27  ? 5.987   -2.991  8.138   1.00 91.25  ? 16  PHE A CZ  1 
ATOM 103  N N   . ALA A 1 28  ? 7.484   2.279   6.434   1.00 66.52  ? 17  ALA A N   1 
ATOM 104  C CA  . ALA A 1 28  ? 7.712   2.180   4.998   1.00 74.39  ? 17  ALA A CA  1 
ATOM 105  C C   . ALA A 1 28  ? 9.196   2.224   4.700   1.00 72.27  ? 17  ALA A C   1 
ATOM 106  O O   . ALA A 1 28  ? 9.728   1.371   3.972   1.00 74.33  ? 17  ALA A O   1 
ATOM 107  C CB  . ALA A 1 28  ? 6.987   3.308   4.247   1.00 67.23  ? 17  ALA A CB  1 
ATOM 108  N N   . HIS A 1 29  ? 9.879   3.240   5.235   1.00 71.07  ? 18  HIS A N   1 
ATOM 109  C CA  . HIS A 1 29  ? 11.297  3.368   4.970   1.00 70.25  ? 18  HIS A CA  1 
ATOM 110  C C   . HIS A 1 29  ? 12.023  2.100   5.377   1.00 72.04  ? 18  HIS A C   1 
ATOM 111  O O   . HIS A 1 29  ? 12.862  1.588   4.628   1.00 69.81  ? 18  HIS A O   1 
ATOM 112  C CB  . HIS A 1 29  ? 11.857  4.581   5.706   1.00 77.69  ? 18  HIS A CB  1 
ATOM 113  C CG  . HIS A 1 29  ? 13.184  5.037   5.187   1.00 84.26  ? 18  HIS A CG  1 
ATOM 114  N ND1 . HIS A 1 29  ? 13.823  6.171   5.651   1.00 89.84  ? 18  HIS A ND1 1 
ATOM 115  C CD2 . HIS A 1 29  ? 13.994  4.517   4.235   1.00 81.89  ? 18  HIS A CD2 1 
ATOM 116  C CE1 . HIS A 1 29  ? 14.966  6.325   5.009   1.00 86.45  ? 18  HIS A CE1 1 
ATOM 117  N NE2 . HIS A 1 29  ? 15.094  5.335   4.142   1.00 84.84  ? 18  HIS A NE2 1 
ATOM 118  N N   . GLU A 1 30  ? 11.663  1.559   6.544   1.00 69.41  ? 19  GLU A N   1 
ATOM 119  C CA  . GLU A 1 30  ? 12.332  0.373   7.047   1.00 68.85  ? 19  GLU A CA  1 
ATOM 120  C C   . GLU A 1 30  ? 12.125  -0.808  6.116   1.00 68.55  ? 19  GLU A C   1 
ATOM 121  O O   . GLU A 1 30  ? 13.094  -1.450  5.709   1.00 73.52  ? 19  GLU A O   1 
ATOM 122  C CB  . GLU A 1 30  ? 11.839  0.056   8.460   1.00 80.26  ? 19  GLU A CB  1 
ATOM 123  C CG  . GLU A 1 30  ? 12.784  -0.845  9.257   1.00 80.85  ? 19  GLU A CG  1 
ATOM 124  C CD  . GLU A 1 30  ? 14.245  -0.405  9.114   1.00 95.05  ? 19  GLU A CD  1 
ATOM 125  O OE1 . GLU A 1 30  ? 14.576  0.738   9.523   1.00 90.47  ? 19  GLU A OE1 1 
ATOM 126  O OE2 . GLU A 1 30  ? 15.052  -1.191  8.564   1.00 93.15  ? 19  GLU A OE2 1 
ATOM 127  N N   . VAL A 1 31  ? 10.870  -1.115  5.763   1.00 69.47  ? 20  VAL A N   1 
ATOM 128  C CA  . VAL A 1 31  ? 10.590  -2.246  4.868   1.00 69.85  ? 20  VAL A CA  1 
ATOM 129  C C   . VAL A 1 31  ? 11.361  -2.110  3.565   1.00 70.10  ? 20  VAL A C   1 
ATOM 130  O O   . VAL A 1 31  ? 12.080  -3.033  3.137   1.00 71.23  ? 20  VAL A O   1 
ATOM 131  C CB  . VAL A 1 31  ? 9.083   -2.376  4.584   1.00 71.79  ? 20  VAL A CB  1 
ATOM 132  C CG1 . VAL A 1 31  ? 8.831   -3.655  3.823   1.00 78.14  ? 20  VAL A CG1 1 
ATOM 133  C CG2 . VAL A 1 31  ? 8.306   -2.415  5.833   1.00 79.90  ? 20  VAL A CG2 1 
ATOM 134  N N   . VAL A 1 32  ? 11.220  -0.960  2.900   1.00 64.27  ? 21  VAL A N   1 
ATOM 135  C CA  . VAL A 1 32  ? 11.863  -0.781  1.605   1.00 70.06  ? 21  VAL A CA  1 
ATOM 136  C C   . VAL A 1 32  ? 13.379  -0.950  1.733   1.00 71.62  ? 21  VAL A C   1 
ATOM 137  O O   . VAL A 1 32  ? 13.972  -1.809  1.079   1.00 72.68  ? 21  VAL A O   1 
ATOM 138  C CB  . VAL A 1 32  ? 11.486  0.572   0.977   1.00 75.94  ? 21  VAL A CB  1 
ATOM 139  C CG1 . VAL A 1 32  ? 12.243  0.794   -0.322  1.00 65.68  ? 21  VAL A CG1 1 
ATOM 140  C CG2 . VAL A 1 32  ? 9.987   0.640   0.713   1.00 70.71  ? 21  VAL A CG2 1 
ATOM 141  N N   . LYS A 1 33  ? 14.017  -0.147  2.604   1.00 71.76  ? 22  LYS A N   1 
ATOM 142  C CA  . LYS A 1 33  ? 15.476  -0.207  2.706   1.00 77.30  ? 22  LYS A CA  1 
ATOM 143  C C   . LYS A 1 33  ? 15.967  -1.553  3.227   1.00 78.74  ? 22  LYS A C   1 
ATOM 144  O O   . LYS A 1 33  ? 17.107  -1.935  2.944   1.00 80.79  ? 22  LYS A O   1 
ATOM 145  C CB  . LYS A 1 33  ? 16.022  0.920   3.595   1.00 81.39  ? 22  LYS A CB  1 
ATOM 146  C CG  . LYS A 1 33  ? 16.252  0.549   5.069   1.00 89.31  ? 22  LYS A CG  1 
ATOM 147  C CD  . LYS A 1 33  ? 17.108  1.586   5.801   1.00 92.38  ? 22  LYS A CD  1 
ATOM 148  C CE  . LYS A 1 33  ? 16.951  1.479   7.323   1.00 102.26 ? 22  LYS A CE  1 
ATOM 149  N NZ  . LYS A 1 33  ? 17.106  0.080   7.828   1.00 103.98 ? 22  LYS A NZ  1 
ATOM 150  N N   . SER A 1 34  ? 15.140  -2.289  3.947   1.00 70.33  ? 23  SER A N   1 
ATOM 151  C CA  . SER A 1 34  ? 15.532  -3.614  4.369   1.00 72.68  ? 23  SER A CA  1 
ATOM 152  C C   . SER A 1 34  ? 15.318  -4.642  3.282   1.00 78.67  ? 23  SER A C   1 
ATOM 153  O O   . SER A 1 34  ? 15.669  -5.813  3.471   1.00 77.19  ? 23  SER A O   1 
ATOM 154  C CB  . SER A 1 34  ? 14.753  -4.017  5.620   1.00 77.35  ? 23  SER A CB  1 
ATOM 155  O OG  . SER A 1 34  ? 13.644  -4.814  5.274   1.00 77.16  ? 23  SER A OG  1 
ATOM 156  N N   . ASN A 1 35  ? 14.710  -4.252  2.165   1.00 83.01  ? 24  ASN A N   1 
ATOM 157  C CA  . ASN A 1 35  ? 14.577  -5.170  1.042   1.00 82.26  ? 24  ASN A CA  1 
ATOM 158  C C   . ASN A 1 35  ? 15.421  -4.751  -0.159  1.00 78.78  ? 24  ASN A C   1 
ATOM 159  O O   . ASN A 1 35  ? 15.110  -5.096  -1.299  1.00 76.46  ? 24  ASN A O   1 
ATOM 160  C CB  . ASN A 1 35  ? 13.109  -5.345  0.677   1.00 68.47  ? 24  ASN A CB  1 
ATOM 161  C CG  . ASN A 1 35  ? 12.435  -6.376  1.550   1.00 69.62  ? 24  ASN A CG  1 
ATOM 162  O OD1 . ASN A 1 35  ? 12.482  -7.568  1.270   1.00 76.13  ? 24  ASN A OD1 1 
ATOM 163  N ND2 . ASN A 1 35  ? 11.840  -5.929  2.632   1.00 65.72  ? 24  ASN A ND2 1 
ATOM 164  N N   . VAL A 1 36  ? 16.504  -4.027  0.088   1.00 80.68  ? 25  VAL A N   1 
ATOM 165  C CA  . VAL A 1 36  ? 17.590  -3.892  -0.878  1.00 85.82  ? 25  VAL A CA  1 
ATOM 166  C C   . VAL A 1 36  ? 18.580  -5.004  -0.553  1.00 89.01  ? 25  VAL A C   1 
ATOM 167  O O   . VAL A 1 36  ? 19.229  -4.994  0.495   1.00 97.70  ? 25  VAL A O   1 
ATOM 168  C CB  . VAL A 1 36  ? 18.246  -2.510  -0.819  1.00 88.84  ? 25  VAL A CB  1 
ATOM 169  C CG1 . VAL A 1 36  ? 19.396  -2.432  -1.812  1.00 95.29  ? 25  VAL A CG1 1 
ATOM 170  C CG2 . VAL A 1 36  ? 17.213  -1.408  -1.094  1.00 81.70  ? 25  VAL A CG2 1 
ATOM 171  N N   . LYS A 1 37  ? 18.674  -5.988  -1.432  1.00 93.21  ? 26  LYS A N   1 
ATOM 172  C CA  . LYS A 1 37  ? 19.549  -7.128  -1.232  1.00 86.22  ? 26  LYS A CA  1 
ATOM 173  C C   . LYS A 1 37  ? 20.618  -7.131  -2.316  1.00 94.88  ? 26  LYS A C   1 
ATOM 174  O O   . LYS A 1 37  ? 20.612  -6.297  -3.224  1.00 98.53  ? 26  LYS A O   1 
ATOM 175  C CB  . LYS A 1 37  ? 18.732  -8.425  -1.221  1.00 85.32  ? 26  LYS A CB  1 
ATOM 176  C CG  . LYS A 1 37  ? 17.526  -8.350  -0.287  1.00 86.06  ? 26  LYS A CG  1 
ATOM 177  C CD  . LYS A 1 37  ? 16.909  -9.708  0.014   1.00 93.92  ? 26  LYS A CD  1 
ATOM 178  C CE  . LYS A 1 37  ? 15.799  -9.586  1.058   1.00 98.92  ? 26  LYS A CE  1 
ATOM 179  N NZ  . LYS A 1 37  ? 15.043  -10.863 1.272   1.00 101.95 ? 26  LYS A NZ  1 
ATOM 180  N N   . ASN A 1 38  ? 21.562  -8.059  -2.203  1.00 103.27 ? 27  ASN A N   1 
ATOM 181  C CA  . ASN A 1 38  ? 22.659  -8.109  -3.160  1.00 103.25 ? 27  ASN A CA  1 
ATOM 182  C C   . ASN A 1 38  ? 22.573  -9.318  -4.094  1.00 98.01  ? 27  ASN A C   1 
ATOM 183  O O   . ASN A 1 38  ? 23.048  -9.264  -5.231  1.00 98.68  ? 27  ASN A O   1 
ATOM 184  C CB  . ASN A 1 38  ? 23.993  -8.111  -2.424  1.00 107.59 ? 27  ASN A CB  1 
ATOM 185  C CG  . ASN A 1 38  ? 24.179  -6.885  -1.558  1.00 109.58 ? 27  ASN A CG  1 
ATOM 186  O OD1 . ASN A 1 38  ? 23.988  -6.936  -0.339  1.00 106.41 ? 27  ASN A OD1 1 
ATOM 187  N ND2 . ASN A 1 38  ? 24.546  -5.768  -2.186  1.00 110.60 ? 27  ASN A ND2 1 
ATOM 188  N N   . GLN A 1 48  ? 22.708  -4.976  -7.172  1.00 102.25 ? 37  GLN A N   1 
ATOM 189  C CA  . GLN A 1 48  ? 21.735  -4.616  -6.141  1.00 103.43 ? 37  GLN A CA  1 
ATOM 190  C C   . GLN A 1 48  ? 20.330  -4.516  -6.724  1.00 102.76 ? 37  GLN A C   1 
ATOM 191  O O   . GLN A 1 48  ? 20.102  -3.828  -7.720  1.00 103.22 ? 37  GLN A O   1 
ATOM 192  C CB  . GLN A 1 48  ? 22.115  -3.295  -5.469  1.00 108.89 ? 37  GLN A CB  1 
ATOM 193  C CG  . GLN A 1 48  ? 22.853  -3.449  -4.140  1.00 107.40 ? 37  GLN A CG  1 
ATOM 194  C CD  . GLN A 1 48  ? 22.984  -2.132  -3.380  1.00 109.46 ? 37  GLN A CD  1 
ATOM 195  O OE1 . GLN A 1 48  ? 22.762  -1.053  -3.931  1.00 109.84 ? 37  GLN A OE1 1 
ATOM 196  N NE2 . GLN A 1 48  ? 23.340  -2.222  -2.106  1.00 115.56 ? 37  GLN A NE2 1 
ATOM 197  N N   . VAL A 1 49  ? 19.379  -5.214  -6.105  1.00 100.29 ? 38  VAL A N   1 
ATOM 198  C CA  . VAL A 1 49  ? 18.005  -5.227  -6.586  1.00 90.62  ? 38  VAL A CA  1 
ATOM 199  C C   . VAL A 1 49  ? 17.065  -4.928  -5.429  1.00 86.29  ? 38  VAL A C   1 
ATOM 200  O O   . VAL A 1 49  ? 17.389  -5.123  -4.252  1.00 84.94  ? 38  VAL A O   1 
ATOM 201  C CB  . VAL A 1 49  ? 17.617  -6.565  -7.257  1.00 87.19  ? 38  VAL A CB  1 
ATOM 202  C CG1 . VAL A 1 49  ? 18.617  -6.940  -8.324  1.00 86.12  ? 38  VAL A CG1 1 
ATOM 203  C CG2 . VAL A 1 49  ? 17.476  -7.668  -6.225  1.00 88.46  ? 38  VAL A CG2 1 
ATOM 204  N N   . LEU A 1 50  ? 15.878  -4.462  -5.790  1.00 79.45  ? 39  LEU A N   1 
ATOM 205  C CA  . LEU A 1 50  ? 14.853  -4.050  -4.846  1.00 69.36  ? 39  LEU A CA  1 
ATOM 206  C C   . LEU A 1 50  ? 13.710  -5.041  -4.926  1.00 68.71  ? 39  LEU A C   1 
ATOM 207  O O   . LEU A 1 50  ? 13.131  -5.228  -6.001  1.00 74.53  ? 39  LEU A O   1 
ATOM 208  C CB  . LEU A 1 50  ? 14.367  -2.641  -5.172  1.00 75.46  ? 39  LEU A CB  1 
ATOM 209  C CG  . LEU A 1 50  ? 13.324  -2.047  -4.233  1.00 81.31  ? 39  LEU A CG  1 
ATOM 210  C CD1 . LEU A 1 50  ? 13.928  -1.799  -2.845  1.00 80.30  ? 39  LEU A CD1 1 
ATOM 211  C CD2 . LEU A 1 50  ? 12.757  -0.771  -4.825  1.00 73.18  ? 39  LEU A CD2 1 
ATOM 212  N N   . PHE A 1 51  ? 13.398  -5.678  -3.801  1.00 65.43  ? 40  PHE A N   1 
ATOM 213  C CA  . PHE A 1 51  ? 12.387  -6.727  -3.745  1.00 68.54  ? 40  PHE A CA  1 
ATOM 214  C C   . PHE A 1 51  ? 12.505  -7.717  -4.900  1.00 71.98  ? 40  PHE A C   1 
ATOM 215  O O   . PHE A 1 51  ? 11.487  -8.220  -5.383  1.00 73.24  ? 40  PHE A O   1 
ATOM 216  C CB  . PHE A 1 51  ? 10.986  -6.119  -3.746  1.00 71.58  ? 40  PHE A CB  1 
ATOM 217  C CG  . PHE A 1 51  ? 10.572  -5.524  -2.435  1.00 72.09  ? 40  PHE A CG  1 
ATOM 218  C CD1 . PHE A 1 51  ? 10.063  -6.321  -1.424  1.00 68.35  ? 40  PHE A CD1 1 
ATOM 219  C CD2 . PHE A 1 51  ? 10.653  -4.166  -2.222  1.00 69.86  ? 40  PHE A CD2 1 
ATOM 220  C CE1 . PHE A 1 51  ? 9.656   -5.769  -0.216  1.00 69.65  ? 40  PHE A CE1 1 
ATOM 221  C CE2 . PHE A 1 51  ? 10.255  -3.617  -1.003  1.00 71.39  ? 40  PHE A CE2 1 
ATOM 222  C CZ  . PHE A 1 51  ? 9.756   -4.419  -0.002  1.00 62.73  ? 40  PHE A CZ  1 
ATOM 223  N N   . ASN A 1 52  ? 13.732  -7.994  -5.349  1.00 76.46  ? 41  ASN A N   1 
ATOM 224  C CA  . ASN A 1 52  ? 14.000  -8.932  -6.439  1.00 82.63  ? 41  ASN A CA  1 
ATOM 225  C C   . ASN A 1 52  ? 13.512  -8.358  -7.771  1.00 80.00  ? 41  ASN A C   1 
ATOM 226  O O   . ASN A 1 52  ? 12.696  -8.958  -8.476  1.00 86.56  ? 41  ASN A O   1 
ATOM 227  C CB  . ASN A 1 52  ? 13.373  -10.309 -6.130  1.00 88.10  ? 41  ASN A CB  1 
ATOM 228  C CG  . ASN A 1 52  ? 13.453  -11.282 -7.303  1.00 98.83  ? 41  ASN A CG  1 
ATOM 229  O OD1 . ASN A 1 52  ? 12.458  -11.510 -8.007  1.00 97.95  ? 41  ASN A OD1 1 
ATOM 230  N ND2 . ASN A 1 52  ? 14.637  -11.845 -7.530  1.00 95.02  ? 41  ASN A ND2 1 
ATOM 231  N N   . GLY A 1 53  ? 13.993  -7.174  -8.119  1.00 79.84  ? 42  GLY A N   1 
ATOM 232  C CA  . GLY A 1 53  ? 13.681  -6.601  -9.410  1.00 77.16  ? 42  GLY A CA  1 
ATOM 233  C C   . GLY A 1 53  ? 12.437  -5.745  -9.479  1.00 70.77  ? 42  GLY A C   1 
ATOM 234  O O   . GLY A 1 53  ? 11.918  -5.526  -10.576 1.00 63.04  ? 42  GLY A O   1 
ATOM 235  N N   . LEU A 1 54  ? 11.949  -5.239  -8.354  1.00 74.68  ? 43  LEU A N   1 
ATOM 236  C CA  . LEU A 1 54  ? 10.867  -4.271  -8.429  1.00 72.01  ? 43  LEU A CA  1 
ATOM 237  C C   . LEU A 1 54  ? 11.355  -2.984  -9.083  1.00 74.20  ? 43  LEU A C   1 
ATOM 238  O O   . LEU A 1 54  ? 12.526  -2.608  -8.959  1.00 75.93  ? 43  LEU A O   1 
ATOM 239  C CB  . LEU A 1 54  ? 10.317  -3.976  -7.042  1.00 66.85  ? 43  LEU A CB  1 
ATOM 240  C CG  . LEU A 1 54  ? 8.935   -3.319  -7.100  1.00 68.83  ? 43  LEU A CG  1 
ATOM 241  C CD1 . LEU A 1 54  ? 7.882   -4.375  -7.310  1.00 67.01  ? 43  LEU A CD1 1 
ATOM 242  C CD2 . LEU A 1 54  ? 8.614   -2.475  -5.868  1.00 57.67  ? 43  LEU A CD2 1 
ATOM 243  N N   . THR A 1 55  ? 10.445  -2.337  -9.820  1.00 75.17  ? 44  THR A N   1 
ATOM 244  C CA  . THR A 1 55  ? 10.559  -0.952  -10.262 1.00 72.98  ? 44  THR A CA  1 
ATOM 245  C C   . THR A 1 55  ? 9.230   -0.261  -9.997  1.00 75.43  ? 44  THR A C   1 
ATOM 246  O O   . THR A 1 55  ? 8.225   -0.906  -9.679  1.00 74.43  ? 44  THR A O   1 
ATOM 247  C CB  . THR A 1 55  ? 10.910  -0.828  -11.754 1.00 78.35  ? 44  THR A CB  1 
ATOM 248  O OG1 . THR A 1 55  ? 10.053  -1.674  -12.527 1.00 77.44  ? 44  THR A OG1 1 
ATOM 249  C CG2 . THR A 1 55  ? 12.366  -1.179  -12.022 1.00 76.49  ? 44  THR A CG2 1 
ATOM 250  N N   . THR A 1 56  ? 9.211   1.066   -10.140 1.00 76.50  ? 45  THR A N   1 
ATOM 251  C CA  . THR A 1 56  ? 7.973   1.781   -9.839  1.00 75.49  ? 45  THR A CA  1 
ATOM 252  C C   . THR A 1 56  ? 6.984   1.708   -10.989 1.00 74.27  ? 45  THR A C   1 
ATOM 253  O O   . THR A 1 56  ? 5.771   1.708   -10.757 1.00 77.70  ? 45  THR A O   1 
ATOM 254  C CB  . THR A 1 56  ? 8.247   3.243   -9.487  1.00 77.53  ? 45  THR A CB  1 
ATOM 255  O OG1 . THR A 1 56  ? 8.853   3.908   -10.603 1.00 89.37  ? 45  THR A OG1 1 
ATOM 256  C CG2 . THR A 1 56  ? 9.170   3.327   -8.304  1.00 75.40  ? 45  THR A CG2 1 
ATOM 257  N N   . SER A 1 57  ? 7.471   1.626   -12.221 1.00 74.35  ? 46  SER A N   1 
ATOM 258  C CA  . SER A 1 57  ? 6.561   1.481   -13.342 1.00 74.80  ? 46  SER A CA  1 
ATOM 259  C C   . SER A 1 57  ? 5.678   0.247   -13.197 1.00 75.39  ? 46  SER A C   1 
ATOM 260  O O   . SER A 1 57  ? 4.599   0.192   -13.797 1.00 75.28  ? 46  SER A O   1 
ATOM 261  C CB  . SER A 1 57  ? 7.358   1.424   -14.641 1.00 76.96  ? 46  SER A CB  1 
ATOM 262  O OG  . SER A 1 57  ? 8.045   0.194   -14.735 1.00 78.39  ? 46  SER A OG  1 
ATOM 263  N N   . LYS A 1 58  ? 6.111   -0.741  -12.410 1.00 75.01  ? 47  LYS A N   1 
ATOM 264  C CA  . LYS A 1 58  ? 5.298   -1.929  -12.184 1.00 68.99  ? 47  LYS A CA  1 
ATOM 265  C C   . LYS A 1 58  ? 4.125   -1.661  -11.263 1.00 64.49  ? 47  LYS A C   1 
ATOM 266  O O   . LYS A 1 58  ? 3.161   -2.420  -11.280 1.00 66.22  ? 47  LYS A O   1 
ATOM 267  C CB  . LYS A 1 58  ? 6.159   -3.053  -11.613 1.00 68.40  ? 47  LYS A CB  1 
ATOM 268  C CG  . LYS A 1 58  ? 7.233   -3.531  -12.559 1.00 71.63  ? 47  LYS A CG  1 
ATOM 269  C CD  . LYS A 1 58  ? 7.868   -4.804  -12.054 1.00 69.40  ? 47  LYS A CD  1 
ATOM 270  C CE  . LYS A 1 58  ? 9.077   -5.178  -12.894 1.00 69.29  ? 47  LYS A CE  1 
ATOM 271  N NZ  . LYS A 1 58  ? 10.064  -4.070  -12.854 1.00 72.98  ? 47  LYS A NZ  1 
ATOM 272  N N   . LEU A 1 59  ? 4.179   -0.593  -10.477 1.00 67.18  ? 48  LEU A N   1 
ATOM 273  C CA  . LEU A 1 59  ? 3.142   -0.250  -9.517  1.00 66.23  ? 48  LEU A CA  1 
ATOM 274  C C   . LEU A 1 59  ? 2.187   0.817   -10.035 1.00 65.55  ? 48  LEU A C   1 
ATOM 275  O O   . LEU A 1 59  ? 1.209   1.139   -9.355  1.00 66.97  ? 48  LEU A O   1 
ATOM 276  C CB  . LEU A 1 59  ? 3.797   0.200   -8.199  1.00 66.51  ? 48  LEU A CB  1 
ATOM 277  C CG  . LEU A 1 59  ? 4.567   -0.957  -7.531  1.00 61.25  ? 48  LEU A CG  1 
ATOM 278  C CD1 . LEU A 1 59  ? 5.631   -0.492  -6.574  1.00 58.93  ? 48  LEU A CD1 1 
ATOM 279  C CD2 . LEU A 1 59  ? 3.624   -1.932  -6.846  1.00 54.97  ? 48  LEU A CD2 1 
ATOM 280  N N   . ARG A 1 60  ? 2.437   1.332   -11.239 1.00 64.91  ? 49  ARG A N   1 
ATOM 281  C CA  . ARG A 1 60  ? 1.676   2.446   -11.793 1.00 71.16  ? 49  ARG A CA  1 
ATOM 282  C C   . ARG A 1 60  ? 0.172   2.198   -11.762 1.00 66.30  ? 49  ARG A C   1 
ATOM 283  O O   . ARG A 1 60  ? -0.589  2.992   -11.189 1.00 68.17  ? 49  ARG A O   1 
ATOM 284  C CB  . ARG A 1 60  ? 2.155   2.731   -13.220 1.00 72.46  ? 49  ARG A CB  1 
ATOM 285  C CG  . ARG A 1 60  ? 3.212   3.829   -13.263 1.00 75.52  ? 49  ARG A CG  1 
ATOM 286  C CD  . ARG A 1 60  ? 4.009   3.833   -14.558 1.00 85.70  ? 49  ARG A CD  1 
ATOM 287  N NE  . ARG A 1 60  ? 5.182   4.704   -14.458 1.00 80.33  ? 49  ARG A NE  1 
ATOM 288  C CZ  . ARG A 1 60  ? 6.086   4.865   -15.421 1.00 84.94  ? 49  ARG A CZ  1 
ATOM 289  N NH1 . ARG A 1 60  ? 5.964   4.207   -16.568 1.00 87.45  ? 49  ARG A NH1 1 
ATOM 290  N NH2 . ARG A 1 60  ? 7.114   5.682   -15.231 1.00 80.44  ? 49  ARG A NH2 1 
ATOM 291  N N   . ASN A 1 61  ? -0.277  1.107   -12.387 1.00 68.99  ? 50  ASN A N   1 
ATOM 292  C CA  . ASN A 1 61  ? -1.701  0.779   -12.368 1.00 64.92  ? 50  ASN A CA  1 
ATOM 293  C C   . ASN A 1 61  ? -2.247  0.835   -10.960 1.00 63.77  ? 50  ASN A C   1 
ATOM 294  O O   . ASN A 1 61  ? -3.356  1.328   -10.734 1.00 71.11  ? 50  ASN A O   1 
ATOM 295  C CB  . ASN A 1 61  ? -1.954  -0.609  -12.954 1.00 69.60  ? 50  ASN A CB  1 
ATOM 296  C CG  . ASN A 1 61  ? -1.790  -0.644  -14.435 1.00 70.64  ? 50  ASN A CG  1 
ATOM 297  O OD1 . ASN A 1 61  ? -1.907  0.376   -15.098 1.00 67.79  ? 50  ASN A OD1 1 
ATOM 298  N ND2 . ASN A 1 61  ? -1.517  -1.821  -14.972 1.00 76.89  ? 50  ASN A ND2 1 
ATOM 299  N N   . LEU A 1 62  ? -1.476  0.337   -9.999  1.00 61.98  ? 51  LEU A N   1 
ATOM 300  C CA  . LEU A 1 62  ? -1.909  0.347   -8.612  1.00 62.07  ? 51  LEU A CA  1 
ATOM 301  C C   . LEU A 1 62  ? -1.970  1.762   -8.083  1.00 65.06  ? 51  LEU A C   1 
ATOM 302  O O   . LEU A 1 62  ? -2.966  2.167   -7.473  1.00 68.64  ? 51  LEU A O   1 
ATOM 303  C CB  . LEU A 1 62  ? -0.959  -0.494  -7.764  1.00 66.10  ? 51  LEU A CB  1 
ATOM 304  C CG  . LEU A 1 62  ? -1.011  -1.994  -7.999  1.00 59.32  ? 51  LEU A CG  1 
ATOM 305  C CD1 . LEU A 1 62  ? 0.039   -2.647  -7.162  1.00 56.50  ? 51  LEU A CD1 1 
ATOM 306  C CD2 . LEU A 1 62  ? -2.402  -2.526  -7.675  1.00 65.65  ? 51  LEU A CD2 1 
ATOM 307  N N   . MET A 1 63  ? -0.913  2.534   -8.314  1.00 63.67  ? 52  MET A N   1 
ATOM 308  C CA  . MET A 1 63  ? -0.890  3.904   -7.834  1.00 62.08  ? 52  MET A CA  1 
ATOM 309  C C   . MET A 1 63  ? -2.120  4.657   -8.313  1.00 65.34  ? 52  MET A C   1 
ATOM 310  O O   . MET A 1 63  ? -2.841  5.271   -7.518  1.00 70.19  ? 52  MET A O   1 
ATOM 311  C CB  . MET A 1 63  ? 0.397   4.580   -8.293  1.00 62.06  ? 52  MET A CB  1 
ATOM 312  C CG  . MET A 1 63  ? 1.656   3.893   -7.803  1.00 57.61  ? 52  MET A CG  1 
ATOM 313  S SD  . MET A 1 63  ? 3.146   4.411   -8.679  1.00 62.91  ? 52  MET A SD  1 
ATOM 314  C CE  . MET A 1 63  ? 3.216   6.112   -8.151  1.00 67.82  ? 52  MET A CE  1 
ATOM 315  N N   . GLU A 1 64  ? -2.426  4.549   -9.606  1.00 71.29  ? 53  GLU A N   1 
ATOM 316  C CA  . GLU A 1 64  ? -3.604  5.226   -10.128 1.00 71.76  ? 53  GLU A CA  1 
ATOM 317  C C   . GLU A 1 64  ? -4.856  4.756   -9.412  1.00 72.04  ? 53  GLU A C   1 
ATOM 318  O O   . GLU A 1 64  ? -5.695  5.570   -9.002  1.00 76.90  ? 53  GLU A O   1 
ATOM 319  C CB  . GLU A 1 64  ? -3.726  5.006   -11.635 1.00 70.44  ? 53  GLU A CB  1 
ATOM 320  C CG  . GLU A 1 64  ? -2.533  5.499   -12.470 1.00 75.48  ? 53  GLU A CG  1 
ATOM 321  C CD  . GLU A 1 64  ? -2.083  6.938   -12.180 1.00 79.89  ? 53  GLU A CD  1 
ATOM 322  O OE1 . GLU A 1 64  ? -2.811  7.714   -11.543 1.00 75.62  ? 53  GLU A OE1 1 
ATOM 323  O OE2 . GLU A 1 64  ? -0.971  7.289   -12.608 1.00 82.25  ? 53  GLU A OE2 1 
ATOM 324  N N   . GLN A 1 65  ? -4.979  3.447   -9.207  1.00 70.40  ? 54  GLN A N   1 
ATOM 325  C CA  . GLN A 1 65  ? -6.163  2.965   -8.520  1.00 71.45  ? 54  GLN A CA  1 
ATOM 326  C C   . GLN A 1 65  ? -6.240  3.550   -7.125  1.00 75.90  ? 54  GLN A C   1 
ATOM 327  O O   . GLN A 1 65  ? -7.326  3.913   -6.652  1.00 77.82  ? 54  GLN A O   1 
ATOM 328  C CB  . GLN A 1 65  ? -6.179  1.443   -8.459  1.00 72.28  ? 54  GLN A CB  1 
ATOM 329  C CG  . GLN A 1 65  ? -7.496  0.896   -7.922  1.00 73.67  ? 54  GLN A CG  1 
ATOM 330  C CD  . GLN A 1 65  ? -8.666  1.184   -8.837  1.00 79.46  ? 54  GLN A CD  1 
ATOM 331  O OE1 . GLN A 1 65  ? -8.490  1.517   -10.013 1.00 78.18  ? 54  GLN A OE1 1 
ATOM 332  N NE2 . GLN A 1 65  ? -9.875  1.044   -8.306  1.00 83.29  ? 54  GLN A NE2 1 
ATOM 333  N N   . VAL A 1 66  ? -5.096  3.679   -6.459  1.00 70.59  ? 55  VAL A N   1 
ATOM 334  C CA  . VAL A 1 66  ? -5.137  4.255   -5.132  1.00 70.32  ? 55  VAL A CA  1 
ATOM 335  C C   . VAL A 1 66  ? -5.518  5.715   -5.232  1.00 70.70  ? 55  VAL A C   1 
ATOM 336  O O   . VAL A 1 66  ? -6.381  6.194   -4.489  1.00 74.98  ? 55  VAL A O   1 
ATOM 337  C CB  . VAL A 1 66  ? -3.800  4.040   -4.396  1.00 72.49  ? 55  VAL A CB  1 
ATOM 338  C CG1 . VAL A 1 66  ? -3.788  4.820   -3.086  1.00 64.85  ? 55  VAL A CG1 1 
ATOM 339  C CG2 . VAL A 1 66  ? -3.591  2.565   -4.113  1.00 58.55  ? 55  VAL A CG2 1 
ATOM 340  N N   . ASN A 1 67  ? -4.954  6.420   -6.213  1.00 75.94  ? 56  ASN A N   1 
ATOM 341  C CA  . ASN A 1 67  ? -5.214  7.848   -6.335  1.00 75.26  ? 56  ASN A CA  1 
ATOM 342  C C   . ASN A 1 67  ? -6.686  8.109   -6.615  1.00 74.57  ? 56  ASN A C   1 
ATOM 343  O O   . ASN A 1 67  ? -7.331  8.901   -5.919  1.00 81.59  ? 56  ASN A O   1 
ATOM 344  C CB  . ASN A 1 67  ? -4.315  8.452   -7.416  1.00 68.73  ? 56  ASN A CB  1 
ATOM 345  C CG  . ASN A 1 67  ? -2.893  8.667   -6.920  1.00 79.11  ? 56  ASN A CG  1 
ATOM 346  O OD1 . ASN A 1 67  ? -2.610  8.494   -5.730  1.00 76.20  ? 56  ASN A OD1 1 
ATOM 347  N ND2 . ASN A 1 67  ? -1.999  9.063   -7.819  1.00 80.18  ? 56  ASN A ND2 1 
ATOM 348  N N   . ARG A 1 68  ? -7.251  7.411   -7.595  1.00 71.42  ? 57  ARG A N   1 
ATOM 349  C CA  . ARG A 1 68  ? -8.660  7.613   -7.890  1.00 78.71  ? 57  ARG A CA  1 
ATOM 350  C C   . ARG A 1 68  ? -9.527  7.413   -6.660  1.00 76.65  ? 57  ARG A C   1 
ATOM 351  O O   . ARG A 1 68  ? -10.581 8.038   -6.545  1.00 77.29  ? 57  ARG A O   1 
ATOM 352  C CB  . ARG A 1 68  ? -9.113  6.686   -9.015  1.00 76.30  ? 57  ARG A CB  1 
ATOM 353  C CG  . ARG A 1 68  ? -9.331  7.408   -10.333 1.00 78.04  ? 57  ARG A CG  1 
ATOM 354  C CD  . ARG A 1 68  ? -9.908  6.471   -11.375 1.00 83.07  ? 57  ARG A CD  1 
ATOM 355  N NE  . ARG A 1 68  ? -9.251  5.167   -11.327 1.00 86.29  ? 57  ARG A NE  1 
ATOM 356  C CZ  . ARG A 1 68  ? -8.070  4.910   -11.876 1.00 82.52  ? 57  ARG A CZ  1 
ATOM 357  N NH1 . ARG A 1 68  ? -7.418  5.868   -12.520 1.00 83.10  ? 57  ARG A NH1 1 
ATOM 358  N NH2 . ARG A 1 68  ? -7.538  3.699   -11.775 1.00 80.83  ? 57  ARG A NH2 1 
ATOM 359  N N   . LEU A 1 69  ? -9.095  6.575   -5.714  1.00 79.32  ? 58  LEU A N   1 
ATOM 360  C CA  . LEU A 1 69  ? -9.912  6.397   -4.524  1.00 73.70  ? 58  LEU A CA  1 
ATOM 361  C C   . LEU A 1 69  ? -9.637  7.489   -3.503  1.00 81.44  ? 58  LEU A C   1 
ATOM 362  O O   . LEU A 1 69  ? -10.575 8.015   -2.884  1.00 85.25  ? 58  LEU A O   1 
ATOM 363  C CB  . LEU A 1 69  ? -9.682  5.013   -3.931  1.00 77.89  ? 58  LEU A CB  1 
ATOM 364  C CG  . LEU A 1 69  ? -10.175 3.868   -4.831  1.00 80.28  ? 58  LEU A CG  1 
ATOM 365  C CD1 . LEU A 1 69  ? -10.203 2.553   -4.076  1.00 81.36  ? 58  LEU A CD1 1 
ATOM 366  C CD2 . LEU A 1 69  ? -11.547 4.158   -5.415  1.00 83.73  ? 58  LEU A CD2 1 
ATOM 367  N N   . TYR A 1 70  ? -8.368  7.875   -3.365  1.00 78.88  ? 59  TYR A N   1 
ATOM 368  C CA  . TYR A 1 70  ? -7.994  8.942   -2.452  1.00 76.77  ? 59  TYR A CA  1 
ATOM 369  C C   . TYR A 1 70  ? -8.879  10.171  -2.637  1.00 84.76  ? 59  TYR A C   1 
ATOM 370  O O   . TYR A 1 70  ? -9.501  10.657  -1.682  1.00 85.84  ? 59  TYR A O   1 
ATOM 371  C CB  . TYR A 1 70  ? -6.530  9.308   -2.662  1.00 75.70  ? 59  TYR A CB  1 
ATOM 372  C CG  . TYR A 1 70  ? -6.125  10.556  -1.906  1.00 86.58  ? 59  TYR A CG  1 
ATOM 373  C CD1 . TYR A 1 70  ? -5.977  10.539  -0.521  1.00 81.68  ? 59  TYR A CD1 1 
ATOM 374  C CD2 . TYR A 1 70  ? -5.913  11.756  -2.575  1.00 88.18  ? 59  TYR A CD2 1 
ATOM 375  C CE1 . TYR A 1 70  ? -5.613  11.676  0.171   1.00 83.09  ? 59  TYR A CE1 1 
ATOM 376  C CE2 . TYR A 1 70  ? -5.543  12.898  -1.895  1.00 87.74  ? 59  TYR A CE2 1 
ATOM 377  C CZ  . TYR A 1 70  ? -5.388  12.856  -0.525  1.00 90.82  ? 59  TYR A CZ  1 
ATOM 378  O OH  . TYR A 1 70  ? -5.024  14.004  0.147   1.00 86.58  ? 59  TYR A OH  1 
ATOM 379  N N   . THR A 1 71  ? -8.952  10.683  -3.867  1.00 81.51  ? 60  THR A N   1 
ATOM 380  C CA  . THR A 1 71  ? -9.721  11.897  -4.102  1.00 84.11  ? 60  THR A CA  1 
ATOM 381  C C   . THR A 1 71  ? -11.161 11.711  -3.656  1.00 90.17  ? 60  THR A C   1 
ATOM 382  O O   . THR A 1 71  ? -11.738 12.581  -2.988  1.00 90.02  ? 60  THR A O   1 
ATOM 383  C CB  . THR A 1 71  ? -9.662  12.298  -5.581  1.00 88.03  ? 60  THR A CB  1 
ATOM 384  O OG1 . THR A 1 71  ? -10.513 11.440  -6.350  1.00 89.95  ? 60  THR A OG1 1 
ATOM 385  C CG2 . THR A 1 71  ? -8.208  12.234  -6.130  1.00 80.91  ? 60  THR A CG2 1 
ATOM 386  N N   . ILE A 1 72  ? -11.740 10.550  -3.962  1.00 86.93  ? 61  ILE A N   1 
ATOM 387  C CA  . ILE A 1 72  ? -13.135 10.341  -3.620  1.00 79.03  ? 61  ILE A CA  1 
ATOM 388  C C   . ILE A 1 72  ? -13.289 10.233  -2.111  1.00 89.46  ? 61  ILE A C   1 
ATOM 389  O O   . ILE A 1 72  ? -14.306 10.655  -1.546  1.00 93.13  ? 61  ILE A O   1 
ATOM 390  C CB  . ILE A 1 72  ? -13.653 9.114   -4.384  1.00 80.55  ? 61  ILE A CB  1 
ATOM 391  C CG1 . ILE A 1 72  ? -13.600 9.408   -5.887  1.00 78.30  ? 61  ILE A CG1 1 
ATOM 392  C CG2 . ILE A 1 72  ? -15.059 8.727   -3.938  1.00 78.16  ? 61  ILE A CG2 1 
ATOM 393  C CD1 . ILE A 1 72  ? -13.851 8.210   -6.793  1.00 74.28  ? 61  ILE A CD1 1 
ATOM 394  N N   . ALA A 1 73  ? -12.278 9.715   -1.421  1.00 86.42  ? 62  ALA A N   1 
ATOM 395  C CA  . ALA A 1 73  ? -12.318 9.796   0.029   1.00 89.83  ? 62  ALA A CA  1 
ATOM 396  C C   . ALA A 1 73  ? -12.227 11.243  0.482   1.00 94.93  ? 62  ALA A C   1 
ATOM 397  O O   . ALA A 1 73  ? -12.979 11.675  1.362   1.00 99.17  ? 62  ALA A O   1 
ATOM 398  C CB  . ALA A 1 73  ? -11.195 8.964   0.636   1.00 89.88  ? 62  ALA A CB  1 
ATOM 399  N N   . PHE A 1 74  ? -11.333 12.013  -0.138  1.00 95.77  ? 63  PHE A N   1 
ATOM 400  C CA  . PHE A 1 74  ? -11.106 13.382  0.298   1.00 101.46 ? 63  PHE A CA  1 
ATOM 401  C C   . PHE A 1 74  ? -12.374 14.217  0.202   1.00 102.92 ? 63  PHE A C   1 
ATOM 402  O O   . PHE A 1 74  ? -12.642 15.047  1.079   1.00 108.13 ? 63  PHE A O   1 
ATOM 403  C CB  . PHE A 1 74  ? -9.984  13.999  -0.533  1.00 101.03 ? 63  PHE A CB  1 
ATOM 404  C CG  . PHE A 1 74  ? -9.455  15.286  0.024   1.00 109.57 ? 63  PHE A CG  1 
ATOM 405  C CD1 . PHE A 1 74  ? -8.997  15.352  1.328   1.00 111.10 ? 63  PHE A CD1 1 
ATOM 406  C CD2 . PHE A 1 74  ? -9.388  16.422  -0.763  1.00 112.53 ? 63  PHE A CD2 1 
ATOM 407  C CE1 . PHE A 1 74  ? -8.500  16.530  1.841   1.00 108.89 ? 63  PHE A CE1 1 
ATOM 408  C CE2 . PHE A 1 74  ? -8.888  17.602  -0.257  1.00 112.89 ? 63  PHE A CE2 1 
ATOM 409  C CZ  . PHE A 1 74  ? -8.442  17.654  1.048   1.00 110.36 ? 63  PHE A CZ  1 
ATOM 410  N N   . ASN A 1 75  ? -13.175 13.995  -0.836  1.00 98.01  ? 64  ASN A N   1 
ATOM 411  C CA  . ASN A 1 75  ? -14.407 14.746  -1.011  1.00 100.49 ? 64  ASN A CA  1 
ATOM 412  C C   . ASN A 1 75  ? -15.492 14.346  -0.028  1.00 101.09 ? 64  ASN A C   1 
ATOM 413  O O   . ASN A 1 75  ? -16.397 15.146  0.229   1.00 106.58 ? 64  ASN A O   1 
ATOM 414  C CB  . ASN A 1 75  ? -14.928 14.566  -2.431  1.00 101.02 ? 64  ASN A CB  1 
ATOM 415  C CG  . ASN A 1 75  ? -13.966 15.082  -3.454  1.00 98.09  ? 64  ASN A CG  1 
ATOM 416  O OD1 . ASN A 1 75  ? -13.151 15.956  -3.157  1.00 101.73 ? 64  ASN A OD1 1 
ATOM 417  N ND2 . ASN A 1 75  ? -14.045 14.554  -4.668  1.00 97.49  ? 64  ASN A ND2 1 
ATOM 418  N N   . SER A 1 76  ? -15.431 13.135  0.515   1.00 100.67 ? 65  SER A N   1 
ATOM 419  C CA  . SER A 1 76  ? -16.471 12.684  1.428   1.00 106.96 ? 65  SER A CA  1 
ATOM 420  C C   . SER A 1 76  ? -16.482 13.551  2.677   1.00 107.59 ? 65  SER A C   1 
ATOM 421  O O   . SER A 1 76  ? -15.451 13.731  3.331   1.00 106.16 ? 65  SER A O   1 
ATOM 422  C CB  . SER A 1 76  ? -16.260 11.217  1.804   1.00 106.62 ? 65  SER A CB  1 
ATOM 423  O OG  . SER A 1 76  ? -17.170 10.818  2.815   1.00 109.93 ? 65  SER A OG  1 
ATOM 424  N N   . ASN A 1 77  ? -17.656 14.094  2.997   1.00 113.39 ? 66  ASN A N   1 
ATOM 425  C CA  . ASN A 1 77  ? -17.798 14.905  4.202   1.00 113.89 ? 66  ASN A CA  1 
ATOM 426  C C   . ASN A 1 77  ? -17.633 14.053  5.449   1.00 109.72 ? 66  ASN A C   1 
ATOM 427  O O   . ASN A 1 77  ? -16.735 14.288  6.265   1.00 106.63 ? 66  ASN A O   1 
ATOM 428  C CB  . ASN A 1 77  ? -19.159 15.598  4.209   1.00 118.11 ? 66  ASN A CB  1 
ATOM 429  C CG  . ASN A 1 77  ? -19.422 16.371  2.942   1.00 120.37 ? 66  ASN A CG  1 
ATOM 430  O OD1 . ASN A 1 77  ? -18.494 16.752  2.226   1.00 120.51 ? 66  ASN A OD1 1 
ATOM 431  N ND2 . ASN A 1 77  ? -20.696 16.614  2.657   1.00 124.85 ? 66  ASN A ND2 1 
ATOM 432  N N   . GLU A 1 78  ? -18.485 13.048  5.604   1.00 110.77 ? 67  GLU A N   1 
ATOM 433  C CA  . GLU A 1 78  ? -18.478 12.215  6.792   1.00 115.32 ? 67  GLU A CA  1 
ATOM 434  C C   . GLU A 1 78  ? -17.282 11.265  6.790   1.00 110.68 ? 67  GLU A C   1 
ATOM 435  O O   . GLU A 1 78  ? -16.564 11.110  5.797   1.00 107.79 ? 67  GLU A O   1 
ATOM 436  C CB  . GLU A 1 78  ? -19.779 11.425  6.889   1.00 117.39 ? 67  GLU A CB  1 
ATOM 437  C CG  . GLU A 1 78  ? -20.119 10.632  5.640   1.00 113.24 ? 67  GLU A CG  1 
ATOM 438  C CD  . GLU A 1 78  ? -21.549 10.129  5.650   1.00 120.36 ? 67  GLU A CD  1 
ATOM 439  O OE1 . GLU A 1 78  ? -22.292 10.467  6.596   1.00 123.89 ? 67  GLU A OE1 1 
ATOM 440  O OE2 . GLU A 1 78  ? -21.933 9.397   4.712   1.00 122.04 ? 67  GLU A OE2 1 
ATOM 441  N N   . ASP A 1 79  ? -17.075 10.623  7.940   1.00 108.90 ? 68  ASP A N   1 
ATOM 442  C CA  . ASP A 1 79  ? -16.050 9.595   8.057   1.00 108.06 ? 68  ASP A CA  1 
ATOM 443  C C   . ASP A 1 79  ? -16.574 8.225   7.655   1.00 104.66 ? 68  ASP A C   1 
ATOM 444  O O   . ASP A 1 79  ? -15.803 7.379   7.191   1.00 105.83 ? 68  ASP A O   1 
ATOM 445  C CB  . ASP A 1 79  ? -15.516 9.544   9.488   1.00 108.82 ? 68  ASP A CB  1 
ATOM 446  C CG  . ASP A 1 79  ? -14.559 8.391   9.709   1.00 106.58 ? 68  ASP A CG  1 
ATOM 447  O OD1 . ASP A 1 79  ? -13.375 8.541   9.362   1.00 107.03 ? 68  ASP A OD1 1 
ATOM 448  O OD2 . ASP A 1 79  ? -14.998 7.337   10.216  1.00 105.14 ? 68  ASP A OD2 1 
ATOM 449  N N   . GLN A 1 80  ? -17.868 7.991   7.821   1.00 107.52 ? 69  GLN A N   1 
ATOM 450  C CA  . GLN A 1 80  ? -18.452 6.714   7.439   1.00 110.50 ? 69  GLN A CA  1 
ATOM 451  C C   . GLN A 1 80  ? -18.325 6.521   5.935   1.00 108.75 ? 69  GLN A C   1 
ATOM 452  O O   . GLN A 1 80  ? -18.879 7.298   5.152   1.00 107.95 ? 69  GLN A O   1 
ATOM 453  C CB  . GLN A 1 80  ? -19.916 6.649   7.863   1.00 112.66 ? 69  GLN A CB  1 
ATOM 454  C CG  . GLN A 1 80  ? -20.588 5.336   7.515   1.00 110.89 ? 69  GLN A CG  1 
ATOM 455  C CD  . GLN A 1 80  ? -19.904 4.142   8.158   1.00 108.03 ? 69  GLN A CD  1 
ATOM 456  O OE1 . GLN A 1 80  ? -19.195 4.275   9.154   1.00 105.98 ? 69  GLN A OE1 1 
ATOM 457  N NE2 . GLN A 1 80  ? -20.111 2.967   7.582   1.00 105.38 ? 69  GLN A NE2 1 
ATOM 458  N N   . LEU A 1 81  ? -17.601 5.480   5.535   1.00 104.77 ? 70  LEU A N   1 
ATOM 459  C CA  . LEU A 1 81  ? -17.350 5.236   4.125   1.00 105.39 ? 70  LEU A CA  1 
ATOM 460  C C   . LEU A 1 81  ? -18.580 4.649   3.446   1.00 101.81 ? 70  LEU A C   1 
ATOM 461  O O   . LEU A 1 81  ? -19.151 3.660   3.915   1.00 109.14 ? 70  LEU A O   1 
ATOM 462  C CB  . LEU A 1 81  ? -16.150 4.309   3.953   1.00 104.50 ? 70  LEU A CB  1 
ATOM 463  C CG  . LEU A 1 81  ? -14.798 4.920   4.328   1.00 96.96  ? 70  LEU A CG  1 
ATOM 464  C CD1 . LEU A 1 81  ? -13.693 3.919   4.094   1.00 92.04  ? 70  LEU A CD1 1 
ATOM 465  C CD2 . LEU A 1 81  ? -14.562 6.191   3.546   1.00 93.11  ? 70  LEU A CD2 1 
ATOM 466  N N   . ASN A 1 82  ? -18.980 5.269   2.340   1.00 102.34 ? 71  ASN A N   1 
ATOM 467  C CA  . ASN A 1 82  ? -20.060 4.771   1.499   1.00 101.15 ? 71  ASN A CA  1 
ATOM 468  C C   . ASN A 1 82  ? -19.814 3.310   1.114   1.00 106.60 ? 71  ASN A C   1 
ATOM 469  O O   . ASN A 1 82  ? -18.672 2.842   1.068   1.00 108.54 ? 71  ASN A O   1 
ATOM 470  C CB  . ASN A 1 82  ? -20.167 5.673   0.260   1.00 98.55  ? 71  ASN A CB  1 
ATOM 471  C CG  . ASN A 1 82  ? -21.100 5.130   -0.785  1.00 110.73 ? 71  ASN A CG  1 
ATOM 472  O OD1 . ASN A 1 82  ? -22.079 4.446   -0.475  1.00 115.81 ? 71  ASN A OD1 1 
ATOM 473  N ND2 . ASN A 1 82  ? -20.804 5.428   -2.045  1.00 116.10 ? 71  ASN A ND2 1 
ATOM 474  N N   . GLU A 1 83  ? -20.900 2.578   0.838   1.00 110.17 ? 72  GLU A N   1 
ATOM 475  C CA  . GLU A 1 83  ? -20.803 1.144   0.555   1.00 110.28 ? 72  GLU A CA  1 
ATOM 476  C C   . GLU A 1 83  ? -20.192 0.862   -0.818  1.00 109.64 ? 72  GLU A C   1 
ATOM 477  O O   . GLU A 1 83  ? -19.461 -0.130  -0.990  1.00 107.61 ? 72  GLU A O   1 
ATOM 478  C CB  . GLU A 1 83  ? -22.184 0.497   0.660   1.00 115.00 ? 72  GLU A CB  1 
ATOM 479  C CG  . GLU A 1 83  ? -22.206 -1.016  0.424   1.00 120.20 ? 72  GLU A CG  1 
ATOM 480  C CD  . GLU A 1 83  ? -23.040 -1.413  -0.792  1.00 123.49 ? 72  GLU A CD  1 
ATOM 481  O OE1 . GLU A 1 83  ? -22.459 -1.845  -1.815  1.00 120.76 ? 72  GLU A OE1 1 
ATOM 482  O OE2 . GLU A 1 83  ? -24.282 -1.285  -0.728  1.00 127.78 ? 72  GLU A OE2 1 
ATOM 483  N N   . GLU A 1 84  ? -20.498 1.702   -1.810  1.00 111.53 ? 73  GLU A N   1 
ATOM 484  C CA  . GLU A 1 84  ? -19.809 1.597   -3.090  1.00 112.17 ? 73  GLU A CA  1 
ATOM 485  C C   . GLU A 1 84  ? -18.306 1.741   -2.907  1.00 102.91 ? 73  GLU A C   1 
ATOM 486  O O   . GLU A 1 84  ? -17.526 1.105   -3.622  1.00 97.30  ? 73  GLU A O   1 
ATOM 487  C CB  . GLU A 1 84  ? -20.343 2.646   -4.068  1.00 112.38 ? 73  GLU A CB  1 
ATOM 488  C CG  . GLU A 1 84  ? -21.644 2.229   -4.756  1.00 120.05 ? 73  GLU A CG  1 
ATOM 489  C CD  . GLU A 1 84  ? -22.889 2.565   -3.944  1.00 125.53 ? 73  GLU A CD  1 
ATOM 490  O OE1 . GLU A 1 84  ? -22.983 3.705   -3.437  1.00 128.01 ? 73  GLU A OE1 1 
ATOM 491  O OE2 . GLU A 1 84  ? -23.774 1.693   -3.812  1.00 119.82 ? 73  GLU A OE2 1 
ATOM 492  N N   . PHE A 1 85  ? -17.886 2.540   -1.928  1.00 101.12 ? 74  PHE A N   1 
ATOM 493  C CA  . PHE A 1 85  ? -16.464 2.651   -1.639  1.00 99.81  ? 74  PHE A CA  1 
ATOM 494  C C   . PHE A 1 85  ? -15.901 1.324   -1.148  1.00 97.59  ? 74  PHE A C   1 
ATOM 495  O O   . PHE A 1 85  ? -14.752 0.982   -1.449  1.00 96.77  ? 74  PHE A O   1 
ATOM 496  C CB  . PHE A 1 85  ? -16.222 3.753   -0.611  1.00 97.60  ? 74  PHE A CB  1 
ATOM 497  C CG  . PHE A 1 85  ? -14.811 4.212   -0.558  1.00 90.18  ? 74  PHE A CG  1 
ATOM 498  C CD1 . PHE A 1 85  ? -13.860 3.484   0.130   1.00 85.41  ? 74  PHE A CD1 1 
ATOM 499  C CD2 . PHE A 1 85  ? -14.427 5.359   -1.226  1.00 88.83  ? 74  PHE A CD2 1 
ATOM 500  C CE1 . PHE A 1 85  ? -12.548 3.897   0.168   1.00 87.52  ? 74  PHE A CE1 1 
ATOM 501  C CE2 . PHE A 1 85  ? -13.122 5.788   -1.196  1.00 89.31  ? 74  PHE A CE2 1 
ATOM 502  C CZ  . PHE A 1 85  ? -12.173 5.057   -0.502  1.00 90.57  ? 74  PHE A CZ  1 
ATOM 503  N N   . ILE A 1 86  ? -16.689 0.559   -0.394  1.00 99.61  ? 75  ILE A N   1 
ATOM 504  C CA  . ILE A 1 86  ? -16.217 -0.748  0.051   1.00 101.50 ? 75  ILE A CA  1 
ATOM 505  C C   . ILE A 1 86  ? -16.085 -1.690  -1.137  1.00 96.24  ? 75  ILE A C   1 
ATOM 506  O O   . ILE A 1 86  ? -15.125 -2.465  -1.231  1.00 92.85  ? 75  ILE A O   1 
ATOM 507  C CB  . ILE A 1 86  ? -17.140 -1.326  1.142   1.00 99.47  ? 75  ILE A CB  1 
ATOM 508  C CG1 . ILE A 1 86  ? -16.700 -0.855  2.532   1.00 105.67 ? 75  ILE A CG1 1 
ATOM 509  C CG2 . ILE A 1 86  ? -17.115 -2.850  1.115   1.00 98.43  ? 75  ILE A CG2 1 
ATOM 510  C CD1 . ILE A 1 86  ? -16.833 0.631   2.769   1.00 106.80 ? 75  ILE A CD1 1 
ATOM 511  N N   . ASP A 1 87  ? -17.048 -1.647  -2.057  1.00 99.13  ? 76  ASP A N   1 
ATOM 512  C CA  . ASP A 1 87  ? -16.888 -2.425  -3.283  1.00 99.50  ? 76  ASP A CA  1 
ATOM 513  C C   . ASP A 1 87  ? -15.608 -2.028  -4.009  1.00 90.34  ? 76  ASP A C   1 
ATOM 514  O O   . ASP A 1 87  ? -14.882 -2.887  -4.531  1.00 83.03  ? 76  ASP A O   1 
ATOM 515  C CB  . ASP A 1 87  ? -18.109 -2.241  -4.185  1.00 102.04 ? 76  ASP A CB  1 
ATOM 516  C CG  . ASP A 1 87  ? -19.397 -2.708  -3.526  1.00 105.61 ? 76  ASP A CG  1 
ATOM 517  O OD1 . ASP A 1 87  ? -19.315 -3.371  -2.469  1.00 105.12 ? 76  ASP A OD1 1 
ATOM 518  O OD2 . ASP A 1 87  ? -20.490 -2.413  -4.057  1.00 110.62 ? 76  ASP A OD2 1 
ATOM 519  N N   . GLU A 1 88  ? -15.312 -0.727  -4.034  1.00 88.86  ? 77  GLU A N   1 
ATOM 520  C CA  . GLU A 1 88  ? -14.083 -0.255  -4.658  1.00 86.38  ? 77  GLU A CA  1 
ATOM 521  C C   . GLU A 1 88  ? -12.855 -0.816  -3.944  1.00 89.45  ? 77  GLU A C   1 
ATOM 522  O O   . GLU A 1 88  ? -11.864 -1.183  -4.582  1.00 83.47  ? 77  GLU A O   1 
ATOM 523  C CB  . GLU A 1 88  ? -14.059 1.269   -4.663  1.00 84.30  ? 77  GLU A CB  1 
ATOM 524  C CG  . GLU A 1 88  ? -15.052 1.908   -5.625  1.00 87.10  ? 77  GLU A CG  1 
ATOM 525  C CD  . GLU A 1 88  ? -14.725 1.643   -7.087  1.00 91.08  ? 77  GLU A CD  1 
ATOM 526  O OE1 . GLU A 1 88  ? -13.527 1.548   -7.439  1.00 98.51  ? 77  GLU A OE1 1 
ATOM 527  O OE2 . GLU A 1 88  ? -15.664 1.527   -7.892  1.00 93.38  ? 77  GLU A OE2 1 
ATOM 528  N N   . LEU A 1 89  ? -12.910 -0.906  -2.620  1.00 85.38  ? 78  LEU A N   1 
ATOM 529  C CA  . LEU A 1 89  ? -11.802 -1.499  -1.885  1.00 82.52  ? 78  LEU A CA  1 
ATOM 530  C C   . LEU A 1 89  ? -11.630 -2.971  -2.230  1.00 82.85  ? 78  LEU A C   1 
ATOM 531  O O   . LEU A 1 89  ? -10.501 -3.456  -2.377  1.00 82.47  ? 78  LEU A O   1 
ATOM 532  C CB  . LEU A 1 89  ? -12.017 -1.325  -0.389  1.00 86.85  ? 78  LEU A CB  1 
ATOM 533  C CG  . LEU A 1 89  ? -11.722 0.093   0.075   1.00 86.41  ? 78  LEU A CG  1 
ATOM 534  C CD1 . LEU A 1 89  ? -11.374 0.095   1.545   1.00 79.52  ? 78  LEU A CD1 1 
ATOM 535  C CD2 . LEU A 1 89  ? -10.600 0.694   -0.753  1.00 75.52  ? 78  LEU A CD2 1 
ATOM 536  N N   . GLU A 1 90  ? -12.736 -3.705  -2.313  1.00 84.52  ? 79  GLU A N   1 
ATOM 537  C CA  . GLU A 1 90  ? -12.677 -5.105  -2.727  1.00 78.83  ? 79  GLU A CA  1 
ATOM 538  C C   . GLU A 1 90  ? -11.995 -5.235  -4.082  1.00 75.97  ? 79  GLU A C   1 
ATOM 539  O O   . GLU A 1 90  ? -11.104 -6.076  -4.277  1.00 74.42  ? 79  GLU A O   1 
ATOM 540  C CB  . GLU A 1 90  ? -14.090 -5.694  -2.783  1.00 82.31  ? 79  GLU A CB  1 
ATOM 541  C CG  . GLU A 1 90  ? -14.815 -5.762  -1.452  1.00 83.90  ? 79  GLU A CG  1 
ATOM 542  C CD  . GLU A 1 90  ? -14.236 -6.810  -0.508  1.00 84.81  ? 79  GLU A CD  1 
ATOM 543  O OE1 . GLU A 1 90  ? -13.442 -7.663  -0.963  1.00 85.45  ? 79  GLU A OE1 1 
ATOM 544  O OE2 . GLU A 1 90  ? -14.579 -6.773  0.693   1.00 82.02  ? 79  GLU A OE2 1 
ATOM 545  N N   . TYR A 1 91  ? -12.410 -4.397  -5.033  1.00 77.88  ? 80  TYR A N   1 
ATOM 546  C CA  . TYR A 1 91  ? -11.780 -4.376  -6.350  1.00 76.37  ? 80  TYR A CA  1 
ATOM 547  C C   . TYR A 1 91  ? -10.310 -3.980  -6.254  1.00 76.95  ? 80  TYR A C   1 
ATOM 548  O O   . TYR A 1 91  ? -9.493  -4.412  -7.075  1.00 78.64  ? 80  TYR A O   1 
ATOM 549  C CB  . TYR A 1 91  ? -12.537 -3.410  -7.268  1.00 78.61  ? 80  TYR A CB  1 
ATOM 550  C CG  . TYR A 1 91  ? -12.097 -3.422  -8.714  1.00 80.96  ? 80  TYR A CG  1 
ATOM 551  C CD1 . TYR A 1 91  ? -11.533 -4.553  -9.288  1.00 78.91  ? 80  TYR A CD1 1 
ATOM 552  C CD2 . TYR A 1 91  ? -12.228 -2.287  -9.501  1.00 81.36  ? 80  TYR A CD2 1 
ATOM 553  C CE1 . TYR A 1 91  ? -11.112 -4.551  -10.611 1.00 76.88  ? 80  TYR A CE1 1 
ATOM 554  C CE2 . TYR A 1 91  ? -11.817 -2.276  -10.818 1.00 82.58  ? 80  TYR A CE2 1 
ATOM 555  C CZ  . TYR A 1 91  ? -11.263 -3.407  -11.371 1.00 79.81  ? 80  TYR A CZ  1 
ATOM 556  O OH  . TYR A 1 91  ? -10.863 -3.385  -12.690 1.00 81.30  ? 80  TYR A OH  1 
ATOM 557  N N   . LEU A 1 92  ? -9.953  -3.166  -5.265  1.00 72.23  ? 81  LEU A N   1 
ATOM 558  C CA  . LEU A 1 92  ? -8.553  -2.803  -5.098  1.00 72.78  ? 81  LEU A CA  1 
ATOM 559  C C   . LEU A 1 92  ? -7.739  -4.006  -4.658  1.00 66.89  ? 81  LEU A C   1 
ATOM 560  O O   . LEU A 1 92  ? -6.631  -4.233  -5.157  1.00 63.23  ? 81  LEU A O   1 
ATOM 561  C CB  . LEU A 1 92  ? -8.413  -1.665  -4.086  1.00 76.20  ? 81  LEU A CB  1 
ATOM 562  C CG  . LEU A 1 92  ? -6.954  -1.372  -3.729  1.00 66.97  ? 81  LEU A CG  1 
ATOM 563  C CD1 . LEU A 1 92  ? -6.255  -0.654  -4.860  1.00 70.30  ? 81  LEU A CD1 1 
ATOM 564  C CD2 . LEU A 1 92  ? -6.819  -0.598  -2.446  1.00 66.03  ? 81  LEU A CD2 1 
ATOM 565  N N   . LYS A 1 93  ? -8.280  -4.771  -3.707  1.00 65.15  ? 82  LYS A N   1 
ATOM 566  C CA  . LYS A 1 93  ? -7.659  -6.039  -3.322  1.00 69.50  ? 82  LYS A CA  1 
ATOM 567  C C   . LYS A 1 93  ? -7.474  -6.935  -4.539  1.00 71.50  ? 82  LYS A C   1 
ATOM 568  O O   . LYS A 1 93  ? -6.439  -7.609  -4.691  1.00 68.83  ? 82  LYS A O   1 
ATOM 569  C CB  . LYS A 1 93  ? -8.520  -6.754  -2.289  1.00 67.01  ? 82  LYS A CB  1 
ATOM 570  C CG  . LYS A 1 93  ? -8.080  -6.613  -0.862  1.00 72.12  ? 82  LYS A CG  1 
ATOM 571  C CD  . LYS A 1 93  ? -9.022  -7.385  0.042   1.00 83.03  ? 82  LYS A CD  1 
ATOM 572  C CE  . LYS A 1 93  ? -8.632  -8.864  0.150   1.00 83.47  ? 82  LYS A CE  1 
ATOM 573  N NZ  . LYS A 1 93  ? -7.408  -9.011  1.003   1.00 79.94  ? 82  LYS A NZ  1 
ATOM 574  N N   . ILE A 1 94  ? -8.473  -6.928  -5.423  1.00 62.72  ? 83  ILE A N   1 
ATOM 575  C CA  . ILE A 1 94  ? -8.442  -7.777  -6.600  1.00 63.88  ? 83  ILE A CA  1 
ATOM 576  C C   . ILE A 1 94  ? -7.352  -7.327  -7.560  1.00 66.56  ? 83  ILE A C   1 
ATOM 577  O O   . ILE A 1 94  ? -6.576  -8.152  -8.069  1.00 67.47  ? 83  ILE A O   1 
ATOM 578  C CB  . ILE A 1 94  ? -9.844  -7.817  -7.248  1.00 74.84  ? 83  ILE A CB  1 
ATOM 579  C CG1 . ILE A 1 94  ? -10.703 -8.877  -6.548  1.00 67.72  ? 83  ILE A CG1 1 
ATOM 580  C CG2 . ILE A 1 94  ? -9.791  -8.101  -8.758  1.00 66.48  ? 83  ILE A CG2 1 
ATOM 581  C CD1 . ILE A 1 94  ? -12.182 -8.653  -6.666  1.00 80.92  ? 83  ILE A CD1 1 
ATOM 582  N N   . LYS A 1 95  ? -7.250  -6.021  -7.809  1.00 69.11  ? 84  LYS A N   1 
ATOM 583  C CA  . LYS A 1 95  ? -6.192  -5.530  -8.695  1.00 68.94  ? 84  LYS A CA  1 
ATOM 584  C C   . LYS A 1 95  ? -4.819  -5.803  -8.096  1.00 68.06  ? 84  LYS A C   1 
ATOM 585  O O   . LYS A 1 95  ? -3.852  -6.087  -8.820  1.00 70.78  ? 84  LYS A O   1 
ATOM 586  C CB  . LYS A 1 95  ? -6.364  -4.046  -8.975  1.00 69.70  ? 84  LYS A CB  1 
ATOM 587  C CG  . LYS A 1 95  ? -7.639  -3.703  -9.717  1.00 79.10  ? 84  LYS A CG  1 
ATOM 588  C CD  . LYS A 1 95  ? -7.640  -2.246  -10.193 1.00 82.15  ? 84  LYS A CD  1 
ATOM 589  C CE  . LYS A 1 95  ? -6.800  -2.088  -11.444 1.00 81.06  ? 84  LYS A CE  1 
ATOM 590  N NZ  . LYS A 1 95  ? -7.336  -2.948  -12.552 1.00 81.38  ? 84  LYS A NZ  1 
ATOM 591  N N   . PHE A 1 96  ? -4.728  -5.750  -6.769  1.00 65.80  ? 85  PHE A N   1 
ATOM 592  C CA  . PHE A 1 96  ? -3.502  -6.132  -6.089  1.00 70.12  ? 85  PHE A CA  1 
ATOM 593  C C   . PHE A 1 96  ? -3.120  -7.567  -6.408  1.00 67.71  ? 85  PHE A C   1 
ATOM 594  O O   . PHE A 1 96  ? -1.982  -7.843  -6.804  1.00 65.33  ? 85  PHE A O   1 
ATOM 595  C CB  . PHE A 1 96  ? -3.672  -5.942  -4.589  1.00 70.85  ? 85  PHE A CB  1 
ATOM 596  C CG  . PHE A 1 96  ? -3.398  -4.554  -4.145  1.00 68.90  ? 85  PHE A CG  1 
ATOM 597  C CD1 . PHE A 1 96  ? -2.282  -3.899  -4.591  1.00 66.63  ? 85  PHE A CD1 1 
ATOM 598  C CD2 . PHE A 1 96  ? -4.263  -3.888  -3.301  1.00 74.85  ? 85  PHE A CD2 1 
ATOM 599  C CE1 . PHE A 1 96  ? -2.016  -2.598  -4.191  1.00 72.28  ? 85  PHE A CE1 1 
ATOM 600  C CE2 . PHE A 1 96  ? -3.989  -2.593  -2.906  1.00 77.81  ? 85  PHE A CE2 1 
ATOM 601  C CZ  . PHE A 1 96  ? -2.868  -1.951  -3.361  1.00 63.08  ? 85  PHE A CZ  1 
ATOM 602  N N   . TYR A 1 97  ? -4.047  -8.498  -6.208  1.00 67.48  ? 86  TYR A N   1 
ATOM 603  C CA  . TYR A 1 97  ? -3.710  -9.896  -6.464  1.00 65.73  ? 86  TYR A CA  1 
ATOM 604  C C   . TYR A 1 97  ? -3.396  -10.131 -7.938  1.00 67.80  ? 86  TYR A C   1 
ATOM 605  O O   . TYR A 1 97  ? -2.535  -10.957 -8.262  1.00 69.69  ? 86  TYR A O   1 
ATOM 606  C CB  . TYR A 1 97  ? -4.836  -10.819 -5.999  1.00 61.97  ? 86  TYR A CB  1 
ATOM 607  C CG  . TYR A 1 97  ? -4.864  -11.085 -4.512  1.00 64.39  ? 86  TYR A CG  1 
ATOM 608  C CD1 . TYR A 1 97  ? -4.028  -12.034 -3.929  1.00 77.70  ? 86  TYR A CD1 1 
ATOM 609  C CD2 . TYR A 1 97  ? -5.750  -10.412 -3.690  1.00 70.54  ? 86  TYR A CD2 1 
ATOM 610  C CE1 . TYR A 1 97  ? -4.070  -12.289 -2.563  1.00 67.08  ? 86  TYR A CE1 1 
ATOM 611  C CE2 . TYR A 1 97  ? -5.796  -10.660 -2.329  1.00 71.90  ? 86  TYR A CE2 1 
ATOM 612  C CZ  . TYR A 1 97  ? -4.958  -11.591 -1.774  1.00 70.55  ? 86  TYR A CZ  1 
ATOM 613  O OH  . TYR A 1 97  ? -5.015  -11.817 -0.417  1.00 77.69  ? 86  TYR A OH  1 
ATOM 614  N N   . TYR A 1 98  ? -4.059  -9.399  -8.839  1.00 65.07  ? 87  TYR A N   1 
ATOM 615  C CA  . TYR A 1 98  ? -3.688  -9.451  -10.251 1.00 64.11  ? 87  TYR A CA  1 
ATOM 616  C C   . TYR A 1 98  ? -2.223  -9.070  -10.456 1.00 65.14  ? 87  TYR A C   1 
ATOM 617  O O   . TYR A 1 98  ? -1.449  -9.806  -11.078 1.00 62.09  ? 87  TYR A O   1 
ATOM 618  C CB  . TYR A 1 98  ? -4.592  -8.530  -11.067 1.00 65.27  ? 87  TYR A CB  1 
ATOM 619  C CG  . TYR A 1 98  ? -4.334  -8.629  -12.558 1.00 71.18  ? 87  TYR A CG  1 
ATOM 620  C CD1 . TYR A 1 98  ? -4.907  -9.640  -13.311 1.00 67.53  ? 87  TYR A CD1 1 
ATOM 621  C CD2 . TYR A 1 98  ? -3.495  -7.723  -13.209 1.00 71.33  ? 87  TYR A CD2 1 
ATOM 622  C CE1 . TYR A 1 98  ? -4.673  -9.737  -14.665 1.00 68.67  ? 87  TYR A CE1 1 
ATOM 623  C CE2 . TYR A 1 98  ? -3.247  -7.819  -14.562 1.00 64.65  ? 87  TYR A CE2 1 
ATOM 624  C CZ  . TYR A 1 98  ? -3.834  -8.826  -15.291 1.00 67.08  ? 87  TYR A CZ  1 
ATOM 625  O OH  . TYR A 1 98  ? -3.605  -8.930  -16.654 1.00 71.64  ? 87  TYR A OH  1 
ATOM 626  N N   . GLU A 1 99  ? -1.827  -7.903  -9.965  1.00 67.04  ? 88  GLU A N   1 
ATOM 627  C CA  . GLU A 1 99  ? -0.446  -7.494  -10.172 1.00 64.08  ? 88  GLU A CA  1 
ATOM 628  C C   . GLU A 1 99  ? 0.535   -8.454  -9.508  1.00 66.85  ? 88  GLU A C   1 
ATOM 629  O O   . GLU A 1 99  ? 1.623   -8.697  -10.039 1.00 65.92  ? 88  GLU A O   1 
ATOM 630  C CB  . GLU A 1 99  ? -0.242  -6.073  -9.670  1.00 60.80  ? 88  GLU A CB  1 
ATOM 631  C CG  . GLU A 1 99  ? -1.065  -5.034  -10.404 1.00 66.43  ? 88  GLU A CG  1 
ATOM 632  C CD  . GLU A 1 99  ? -0.712  -4.881  -11.882 1.00 69.54  ? 88  GLU A CD  1 
ATOM 633  O OE1 . GLU A 1 99  ? 0.226   -5.531  -12.363 1.00 74.32  ? 88  GLU A OE1 1 
ATOM 634  O OE2 . GLU A 1 99  ? -1.387  -4.094  -12.572 1.00 76.38  ? 88  GLU A OE2 1 
ATOM 635  N N   . ALA A 1 100 ? 0.165   -9.014  -8.357  1.00 71.69  ? 89  ALA A N   1 
ATOM 636  C CA  . ALA A 1 100 ? 1.010   -10.003 -7.698  1.00 69.54  ? 89  ALA A CA  1 
ATOM 637  C C   . ALA A 1 100 ? 1.158   -11.260 -8.544  1.00 71.53  ? 89  ALA A C   1 
ATOM 638  O O   . ALA A 1 100 ? 2.195   -11.930 -8.482  1.00 71.18  ? 89  ALA A O   1 
ATOM 639  C CB  . ALA A 1 100 ? 0.435   -10.360 -6.328  1.00 61.40  ? 89  ALA A CB  1 
ATOM 640  N N   . GLY A 1 101 ? 0.130   -11.602 -9.323  1.00 66.72  ? 90  GLY A N   1 
ATOM 641  C CA  . GLY A 1 101 ? 0.246   -12.731 -10.218 1.00 70.64  ? 90  GLY A CA  1 
ATOM 642  C C   . GLY A 1 101 ? 1.045   -12.407 -11.456 1.00 72.00  ? 90  GLY A C   1 
ATOM 643  O O   . GLY A 1 101 ? 1.691   -13.290 -12.033 1.00 78.12  ? 90  GLY A O   1 
ATOM 644  N N   . ARG A 1 102 ? 1.020   -11.142 -11.866 1.00 70.79  ? 91  ARG A N   1 
ATOM 645  C CA  . ARG A 1 102 ? 1.638   -10.701 -13.110 1.00 68.67  ? 91  ARG A CA  1 
ATOM 646  C C   . ARG A 1 102 ? 3.149   -10.614 -12.979 1.00 69.83  ? 91  ARG A C   1 
ATOM 647  O O   . ARG A 1 102 ? 3.882   -10.886 -13.935 1.00 76.98  ? 91  ARG A O   1 
ATOM 648  C CB  . ARG A 1 102 ? 1.045   -9.340  -13.476 1.00 71.08  ? 91  ARG A CB  1 
ATOM 649  C CG  . ARG A 1 102 ? 1.542   -8.669  -14.709 1.00 68.79  ? 91  ARG A CG  1 
ATOM 650  C CD  . ARG A 1 102 ? 0.928   -7.273  -14.772 1.00 71.58  ? 91  ARG A CD  1 
ATOM 651  N NE  . ARG A 1 102 ? 1.071   -6.656  -16.084 1.00 79.34  ? 91  ARG A NE  1 
ATOM 652  C CZ  . ARG A 1 102 ? 0.923   -5.360  -16.328 1.00 81.47  ? 91  ARG A CZ  1 
ATOM 653  N NH1 . ARG A 1 102 ? 0.640   -4.525  -15.334 1.00 80.94  ? 91  ARG A NH1 1 
ATOM 654  N NH2 . ARG A 1 102 ? 1.074   -4.895  -17.562 1.00 81.07  ? 91  ARG A NH2 1 
ATOM 655  N N   . GLU A 1 103 ? 3.636   -10.220 -11.808 1.00 76.83  ? 92  GLU A N   1 
ATOM 656  C CA  . GLU A 1 103 ? 5.027   -9.802  -11.670 1.00 77.75  ? 92  GLU A CA  1 
ATOM 657  C C   . GLU A 1 103 ? 5.530   -10.177 -10.280 1.00 74.27  ? 92  GLU A C   1 
ATOM 658  O O   . GLU A 1 103 ? 4.940   -9.759  -9.283  1.00 74.55  ? 92  GLU A O   1 
ATOM 659  C CB  . GLU A 1 103 ? 5.127   -8.298  -11.921 1.00 73.61  ? 92  GLU A CB  1 
ATOM 660  C CG  . GLU A 1 103 ? 6.463   -7.815  -12.397 1.00 79.06  ? 92  GLU A CG  1 
ATOM 661  C CD  . GLU A 1 103 ? 6.989   -8.564  -13.587 1.00 85.76  ? 92  GLU A CD  1 
ATOM 662  O OE1 . GLU A 1 103 ? 7.782   -9.508  -13.387 1.00 84.65  ? 92  GLU A OE1 1 
ATOM 663  O OE2 . GLU A 1 103 ? 6.622   -8.200  -14.728 1.00 99.40  ? 92  GLU A OE2 1 
ATOM 664  N N   . LYS A 1 104 ? 6.623   -10.950 -10.216 1.00 72.05  ? 93  LYS A N   1 
ATOM 665  C CA  . LYS A 1 104 ? 7.024   -11.555 -8.946  1.00 69.72  ? 93  LYS A CA  1 
ATOM 666  C C   . LYS A 1 104 ? 7.537   -10.524 -7.961  1.00 68.46  ? 93  LYS A C   1 
ATOM 667  O O   . LYS A 1 104 ? 7.333   -10.669 -6.752  1.00 70.30  ? 93  LYS A O   1 
ATOM 668  C CB  . LYS A 1 104 ? 8.078   -12.639 -9.171  1.00 79.13  ? 93  LYS A CB  1 
ATOM 669  C CG  . LYS A 1 104 ? 9.364   -12.149 -9.814  1.00 91.43  ? 93  LYS A CG  1 
ATOM 670  C CD  . LYS A 1 104 ? 10.379  -13.280 -9.959  1.00 91.98  ? 93  LYS A CD  1 
ATOM 671  C CE  . LYS A 1 104 ? 11.470  -12.912 -10.949 1.00 95.65  ? 93  LYS A CE  1 
ATOM 672  N NZ  . LYS A 1 104 ? 10.898  -12.472 -12.257 1.00 97.23  ? 93  LYS A NZ  1 
ATOM 673  N N   . SER A 1 105 ? 8.196   -9.480  -8.450  1.00 73.69  ? 94  SER A N   1 
ATOM 674  C CA  . SER A 1 105 ? 8.625   -8.412  -7.563  1.00 65.09  ? 94  SER A CA  1 
ATOM 675  C C   . SER A 1 105 ? 7.431   -7.753  -6.895  1.00 63.70  ? 94  SER A C   1 
ATOM 676  O O   . SER A 1 105 ? 7.503   -7.356  -5.730  1.00 68.77  ? 94  SER A O   1 
ATOM 677  C CB  . SER A 1 105 ? 9.455   -7.392  -8.344  1.00 72.01  ? 94  SER A CB  1 
ATOM 678  O OG  . SER A 1 105 ? 8.702   -6.759  -9.386  1.00 71.01  ? 94  SER A OG  1 
ATOM 679  N N   . VAL A 1 106 ? 6.306   -7.656  -7.600  1.00 66.66  ? 95  VAL A N   1 
ATOM 680  C CA  . VAL A 1 106 ? 5.105   -7.114  -6.979  1.00 60.07  ? 95  VAL A CA  1 
ATOM 681  C C   . VAL A 1 106 ? 4.592   -8.064  -5.906  1.00 62.99  ? 95  VAL A C   1 
ATOM 682  O O   . VAL A 1 106 ? 4.094   -7.636  -4.857  1.00 66.36  ? 95  VAL A O   1 
ATOM 683  C CB  . VAL A 1 106 ? 4.034   -6.837  -8.046  1.00 63.26  ? 95  VAL A CB  1 
ATOM 684  C CG1 . VAL A 1 106 ? 2.781   -6.241  -7.413  1.00 57.48  ? 95  VAL A CG1 1 
ATOM 685  C CG2 . VAL A 1 106 ? 4.580   -5.931  -9.158  1.00 58.69  ? 95  VAL A CG2 1 
ATOM 686  N N   . ASP A 1 107 ? 4.699   -9.364  -6.152  1.00 63.47  ? 96  ASP A N   1 
ATOM 687  C CA  . ASP A 1 107 ? 4.262   -10.340 -5.163  1.00 64.95  ? 96  ASP A CA  1 
ATOM 688  C C   . ASP A 1 107 ? 5.078   -10.218 -3.882  1.00 71.64  ? 96  ASP A C   1 
ATOM 689  O O   . ASP A 1 107 ? 4.524   -10.145 -2.769  1.00 71.56  ? 96  ASP A O   1 
ATOM 690  C CB  . ASP A 1 107 ? 4.381   -11.739 -5.764  1.00 65.73  ? 96  ASP A CB  1 
ATOM 691  C CG  . ASP A 1 107 ? 3.652   -12.790 -4.963  1.00 70.01  ? 96  ASP A CG  1 
ATOM 692  O OD1 . ASP A 1 107 ? 3.136   -12.489 -3.873  1.00 74.61  ? 96  ASP A OD1 1 
ATOM 693  O OD2 . ASP A 1 107 ? 3.593   -13.930 -5.439  1.00 71.99  ? 96  ASP A OD2 1 
ATOM 694  N N   . GLU A 1 108 ? 6.404   -10.184 -4.014  1.00 66.52  ? 97  GLU A N   1 
ATOM 695  C CA  . GLU A 1 108 ? 7.228   -10.002 -2.833  1.00 68.90  ? 97  GLU A CA  1 
ATOM 696  C C   . GLU A 1 108 ? 6.909   -8.679  -2.153  1.00 68.71  ? 97  GLU A C   1 
ATOM 697  O O   . GLU A 1 108 ? 6.750   -8.624  -0.928  1.00 67.96  ? 97  GLU A O   1 
ATOM 698  C CB  . GLU A 1 108 ? 8.713   -10.082 -3.193  1.00 72.88  ? 97  GLU A CB  1 
ATOM 699  C CG  . GLU A 1 108 ? 9.550   -10.612 -2.026  1.00 76.82  ? 97  GLU A CG  1 
ATOM 700  C CD  . GLU A 1 108 ? 11.009  -10.254 -2.141  1.00 85.20  ? 97  GLU A CD  1 
ATOM 701  O OE1 . GLU A 1 108 ? 11.577  -9.718  -1.157  1.00 80.43  ? 97  GLU A OE1 1 
ATOM 702  O OE2 . GLU A 1 108 ? 11.586  -10.497 -3.223  1.00 92.13  ? 97  GLU A OE2 1 
ATOM 703  N N   . PHE A 1 109 ? 6.801   -7.605  -2.938  1.00 63.66  ? 98  PHE A N   1 
ATOM 704  C CA  . PHE A 1 109 ? 6.528   -6.294  -2.374  1.00 59.97  ? 98  PHE A CA  1 
ATOM 705  C C   . PHE A 1 109 ? 5.236   -6.300  -1.563  1.00 66.89  ? 98  PHE A C   1 
ATOM 706  O O   . PHE A 1 109 ? 5.192   -5.821  -0.418  1.00 66.61  ? 98  PHE A O   1 
ATOM 707  C CB  . PHE A 1 109 ? 6.469   -5.266  -3.503  1.00 62.87  ? 98  PHE A CB  1 
ATOM 708  C CG  . PHE A 1 109 ? 5.974   -3.944  -3.065  1.00 63.27  ? 98  PHE A CG  1 
ATOM 709  C CD1 . PHE A 1 109 ? 6.803   -3.093  -2.354  1.00 67.77  ? 98  PHE A CD1 1 
ATOM 710  C CD2 . PHE A 1 109 ? 4.663   -3.564  -3.296  1.00 61.29  ? 98  PHE A CD2 1 
ATOM 711  C CE1 . PHE A 1 109 ? 6.333   -1.869  -1.912  1.00 66.48  ? 98  PHE A CE1 1 
ATOM 712  C CE2 . PHE A 1 109 ? 4.188   -2.341  -2.844  1.00 58.12  ? 98  PHE A CE2 1 
ATOM 713  C CZ  . PHE A 1 109 ? 5.021   -1.493  -2.163  1.00 57.88  ? 98  PHE A CZ  1 
ATOM 714  N N   . LEU A 1 110 ? 4.174   -6.865  -2.129  1.00 63.81  ? 99  LEU A N   1 
ATOM 715  C CA  . LEU A 1 110 ? 2.897   -6.861  -1.434  1.00 64.96  ? 99  LEU A CA  1 
ATOM 716  C C   . LEU A 1 110 ? 2.929   -7.723  -0.189  1.00 66.48  ? 99  LEU A C   1 
ATOM 717  O O   . LEU A 1 110 ? 2.348   -7.337  0.830   1.00 69.18  ? 99  LEU A O   1 
ATOM 718  C CB  . LEU A 1 110 ? 1.782   -7.325  -2.356  1.00 64.61  ? 99  LEU A CB  1 
ATOM 719  C CG  . LEU A 1 110 ? 1.507   -6.408  -3.529  1.00 64.59  ? 99  LEU A CG  1 
ATOM 720  C CD1 . LEU A 1 110 ? 0.516   -7.092  -4.466  1.00 65.97  ? 99  LEU A CD1 1 
ATOM 721  C CD2 . LEU A 1 110 ? 0.993   -5.067  -3.014  1.00 59.51  ? 99  LEU A CD2 1 
ATOM 722  N N   . LYS A 1 111 ? 3.602   -8.876  -0.232  1.00 63.07  ? 100 LYS A N   1 
ATOM 723  C CA  . LYS A 1 111 ? 3.690   -9.682  0.987   1.00 69.19  ? 100 LYS A CA  1 
ATOM 724  C C   . LYS A 1 111 ? 4.465   -8.946  2.072   1.00 63.65  ? 100 LYS A C   1 
ATOM 725  O O   . LYS A 1 111 ? 3.942   -8.675  3.158   1.00 65.44  ? 100 LYS A O   1 
ATOM 726  C CB  . LYS A 1 111 ? 4.321   -11.049 0.698   1.00 67.51  ? 100 LYS A CB  1 
ATOM 727  C CG  . LYS A 1 111 ? 3.394   -11.991 -0.033  1.00 69.36  ? 100 LYS A CG  1 
ATOM 728  C CD  . LYS A 1 111 ? 3.899   -13.417 -0.013  1.00 76.63  ? 100 LYS A CD  1 
ATOM 729  C CE  . LYS A 1 111 ? 5.068   -13.627 -0.969  1.00 83.95  ? 100 LYS A CE  1 
ATOM 730  N NZ  . LYS A 1 111 ? 4.660   -14.422 -2.175  1.00 87.84  ? 100 LYS A NZ  1 
ATOM 731  N N   . LYS A 1 112 ? 5.704   -8.574  1.780   1.00 61.06  ? 101 LYS A N   1 
ATOM 732  C CA  . LYS A 1 112 ? 6.564   -7.991  2.801   1.00 68.31  ? 101 LYS A CA  1 
ATOM 733  C C   . LYS A 1 112 ? 6.077   -6.628  3.292   1.00 67.67  ? 101 LYS A C   1 
ATOM 734  O O   . LYS A 1 112 ? 6.525   -6.160  4.341   1.00 72.82  ? 101 LYS A O   1 
ATOM 735  C CB  . LYS A 1 112 ? 7.996   -7.910  2.261   1.00 66.47  ? 101 LYS A CB  1 
ATOM 736  C CG  . LYS A 1 112 ? 8.498   -9.269  1.794   1.00 68.55  ? 101 LYS A CG  1 
ATOM 737  C CD  . LYS A 1 112 ? 9.939   -9.579  2.167   1.00 72.42  ? 101 LYS A CD  1 
ATOM 738  C CE  . LYS A 1 112 ? 10.250  -11.033 1.823   1.00 75.88  ? 101 LYS A CE  1 
ATOM 739  N NZ  . LYS A 1 112 ? 11.530  -11.232 1.090   1.00 78.83  ? 101 LYS A NZ  1 
ATOM 740  N N   . THR A 1 113 ? 5.176   -5.984  2.577   1.00 69.54  ? 102 THR A N   1 
ATOM 741  C CA  . THR A 1 113 ? 4.640   -4.719  3.046   1.00 67.78  ? 102 THR A CA  1 
ATOM 742  C C   . THR A 1 113 ? 3.409   -4.899  3.912   1.00 69.19  ? 102 THR A C   1 
ATOM 743  O O   . THR A 1 113 ? 2.945   -3.918  4.500   1.00 71.56  ? 102 THR A O   1 
ATOM 744  C CB  . THR A 1 113 ? 4.290   -3.847  1.843   1.00 68.19  ? 102 THR A CB  1 
ATOM 745  O OG1 . THR A 1 113 ? 3.665   -4.677  0.843   1.00 63.86  ? 102 THR A OG1 1 
ATOM 746  C CG2 . THR A 1 113 ? 5.551   -3.202  1.269   1.00 64.30  ? 102 THR A CG2 1 
ATOM 747  N N   . LEU A 1 114 ? 2.863   -6.113  3.972   1.00 62.35  ? 103 LEU A N   1 
ATOM 748  C CA  . LEU A 1 114 ? 1.623   -6.416  4.672   1.00 57.18  ? 103 LEU A CA  1 
ATOM 749  C C   . LEU A 1 114 ? 0.425   -5.762  3.996   1.00 71.15  ? 103 LEU A C   1 
ATOM 750  O O   . LEU A 1 114 ? -0.586  -5.460  4.643   1.00 73.73  ? 103 LEU A O   1 
ATOM 751  C CB  . LEU A 1 114 ? 1.692   -6.015  6.142   1.00 59.48  ? 103 LEU A CB  1 
ATOM 752  C CG  . LEU A 1 114 ? 2.984   -6.406  6.893   1.00 69.65  ? 103 LEU A CG  1 
ATOM 753  C CD1 . LEU A 1 114 ? 2.971   -5.944  8.343   1.00 64.96  ? 103 LEU A CD1 1 
ATOM 754  C CD2 . LEU A 1 114 ? 3.291   -7.900  6.800   1.00 64.69  ? 103 LEU A CD2 1 
ATOM 755  N N   . MET A 1 115 ? 0.518   -5.583  2.677   1.00 69.12  ? 104 MET A N   1 
ATOM 756  C CA  . MET A 1 115 ? -0.479  -4.803  1.963   1.00 65.41  ? 104 MET A CA  1 
ATOM 757  C C   . MET A 1 115 ? -1.880  -5.366  2.160   1.00 70.18  ? 104 MET A C   1 
ATOM 758  O O   . MET A 1 115 ? -2.837  -4.607  2.348   1.00 75.90  ? 104 MET A O   1 
ATOM 759  C CB  . MET A 1 115 ? -0.125  -4.744  0.483   1.00 67.05  ? 104 MET A CB  1 
ATOM 760  C CG  . MET A 1 115 ? -0.820  -3.616  -0.236  1.00 70.53  ? 104 MET A CG  1 
ATOM 761  S SD  . MET A 1 115 ? -0.319  -2.025  0.440   1.00 65.99  ? 104 MET A SD  1 
ATOM 762  C CE  . MET A 1 115 ? 1.140   -1.716  -0.545  1.00 55.64  ? 104 MET A CE  1 
ATOM 763  N N   . PHE A 1 116 ? -2.017  -6.685  2.156   1.00 75.02  ? 105 PHE A N   1 
ATOM 764  C CA  . PHE A 1 116 ? -3.326  -7.339  2.138   1.00 68.12  ? 105 PHE A CA  1 
ATOM 765  C C   . PHE A 1 116 ? -4.039  -7.338  3.494   1.00 71.20  ? 105 PHE A C   1 
ATOM 766  O O   . PHE A 1 116 ? -5.225  -6.987  3.561   1.00 76.86  ? 105 PHE A O   1 
ATOM 767  C CB  . PHE A 1 116 ? -3.179  -8.768  1.607   1.00 64.16  ? 105 PHE A CB  1 
ATOM 768  C CG  . PHE A 1 116 ? -2.864  -8.830  0.149   1.00 68.15  ? 105 PHE A CG  1 
ATOM 769  C CD1 . PHE A 1 116 ? -3.786  -8.361  -0.791  1.00 65.28  ? 105 PHE A CD1 1 
ATOM 770  C CD2 . PHE A 1 116 ? -1.657  -9.343  -0.290  1.00 63.24  ? 105 PHE A CD2 1 
ATOM 771  C CE1 . PHE A 1 116 ? -3.511  -8.409  -2.137  1.00 66.76  ? 105 PHE A CE1 1 
ATOM 772  C CE2 . PHE A 1 116 ? -1.370  -9.397  -1.635  1.00 63.80  ? 105 PHE A CE2 1 
ATOM 773  C CZ  . PHE A 1 116 ? -2.306  -8.930  -2.575  1.00 68.82  ? 105 PHE A CZ  1 
ATOM 774  N N   . PRO A 1 117 ? -3.397  -7.738  4.591   1.00 68.03  ? 106 PRO A N   1 
ATOM 775  C CA  . PRO A 1 117 ? -4.082  -7.593  5.883   1.00 71.88  ? 106 PRO A CA  1 
ATOM 776  C C   . PRO A 1 117 ? -4.390  -6.144  6.237   1.00 75.25  ? 106 PRO A C   1 
ATOM 777  O O   . PRO A 1 117 ? -5.375  -5.873  6.936   1.00 76.67  ? 106 PRO A O   1 
ATOM 778  C CB  . PRO A 1 117 ? -3.107  -8.243  6.873   1.00 68.06  ? 106 PRO A CB  1 
ATOM 779  C CG  . PRO A 1 117 ? -1.830  -8.367  6.152   1.00 67.70  ? 106 PRO A CG  1 
ATOM 780  C CD  . PRO A 1 117 ? -2.155  -8.515  4.723   1.00 66.70  ? 106 PRO A CD  1 
ATOM 781  N N   . ILE A 1 118 ? -3.606  -5.193  5.727   1.00 73.91  ? 107 ILE A N   1 
ATOM 782  C CA  . ILE A 1 118 ? -3.927  -3.786  5.945   1.00 74.81  ? 107 ILE A CA  1 
ATOM 783  C C   . ILE A 1 118 ? -5.144  -3.367  5.108   1.00 77.75  ? 107 ILE A C   1 
ATOM 784  O O   . ILE A 1 118 ? -5.996  -2.590  5.569   1.00 75.20  ? 107 ILE A O   1 
ATOM 785  C CB  . ILE A 1 118 ? -2.686  -2.918  5.653   1.00 71.39  ? 107 ILE A CB  1 
ATOM 786  C CG1 . ILE A 1 118 ? -1.637  -3.115  6.738   1.00 75.08  ? 107 ILE A CG1 1 
ATOM 787  C CG2 . ILE A 1 118 ? -3.041  -1.466  5.576   1.00 72.33  ? 107 ILE A CG2 1 
ATOM 788  C CD1 . ILE A 1 118 ? -0.221  -2.827  6.279   1.00 79.82  ? 107 ILE A CD1 1 
ATOM 789  N N   . ILE A 1 119 ? -5.250  -3.857  3.866   1.00 71.51  ? 108 ILE A N   1 
ATOM 790  C CA  . ILE A 1 119 ? -6.461  -3.552  3.103   1.00 76.86  ? 108 ILE A CA  1 
ATOM 791  C C   . ILE A 1 119 ? -7.676  -4.129  3.811   1.00 77.77  ? 108 ILE A C   1 
ATOM 792  O O   . ILE A 1 119 ? -8.721  -3.466  3.936   1.00 76.07  ? 108 ILE A O   1 
ATOM 793  C CB  . ILE A 1 119 ? -6.360  -4.057  1.648   1.00 76.68  ? 108 ILE A CB  1 
ATOM 794  C CG1 . ILE A 1 119 ? -5.214  -3.389  0.894   1.00 82.31  ? 108 ILE A CG1 1 
ATOM 795  C CG2 . ILE A 1 119 ? -7.598  -3.682  0.890   1.00 68.50  ? 108 ILE A CG2 1 
ATOM 796  C CD1 . ILE A 1 119 ? -5.466  -1.929  0.578   1.00 76.14  ? 108 ILE A CD1 1 
ATOM 797  N N   . ASP A 1 120 ? -7.561  -5.368  4.304   1.00 74.65  ? 109 ASP A N   1 
ATOM 798  C CA  . ASP A 1 120 ? -8.629  -5.966  5.091   1.00 75.22  ? 109 ASP A CA  1 
ATOM 799  C C   . ASP A 1 120 ? -9.011  -5.065  6.261   1.00 79.71  ? 109 ASP A C   1 
ATOM 800  O O   . ASP A 1 120 ? -10.189 -4.752  6.468   1.00 78.45  ? 109 ASP A O   1 
ATOM 801  C CB  . ASP A 1 120 ? -8.203  -7.340  5.603   1.00 74.47  ? 109 ASP A CB  1 
ATOM 802  C CG  . ASP A 1 120 ? -8.237  -8.414  4.532   1.00 80.87  ? 109 ASP A CG  1 
ATOM 803  O OD1 . ASP A 1 120 ? -8.924  -8.232  3.494   1.00 73.48  ? 109 ASP A OD1 1 
ATOM 804  O OD2 . ASP A 1 120 ? -7.580  -9.460  4.745   1.00 81.78  ? 109 ASP A OD2 1 
ATOM 805  N N   . ARG A 1 121 ? -8.011  -4.643  7.033   1.00 76.59  ? 110 ARG A N   1 
ATOM 806  C CA  . ARG A 1 121 ? -8.260  -3.793  8.189   1.00 80.97  ? 110 ARG A CA  1 
ATOM 807  C C   . ARG A 1 121 ? -9.006  -2.525  7.795   1.00 86.24  ? 110 ARG A C   1 
ATOM 808  O O   . ARG A 1 121 ? -9.998  -2.144  8.434   1.00 92.24  ? 110 ARG A O   1 
ATOM 809  C CB  . ARG A 1 121 ? -6.931  -3.463  8.859   1.00 82.62  ? 110 ARG A CB  1 
ATOM 810  C CG  . ARG A 1 121 ? -7.067  -2.599  10.070  1.00 96.98  ? 110 ARG A CG  1 
ATOM 811  C CD  . ARG A 1 121 ? -6.573  -3.295  11.323  1.00 104.63 ? 110 ARG A CD  1 
ATOM 812  N NE  . ARG A 1 121 ? -6.721  -2.417  12.480  1.00 108.06 ? 110 ARG A NE  1 
ATOM 813  C CZ  . ARG A 1 121 ? -5.805  -1.537  12.862  1.00 107.80 ? 110 ARG A CZ  1 
ATOM 814  N NH1 . ARG A 1 121 ? -4.671  -1.432  12.178  1.00 101.77 ? 110 ARG A NH1 1 
ATOM 815  N NH2 . ARG A 1 121 ? -6.021  -0.770  13.925  1.00 115.42 ? 110 ARG A NH2 1 
ATOM 816  N N   . VAL A 1 122 ? -8.548  -1.857  6.741   1.00 86.34  ? 111 VAL A N   1 
ATOM 817  C CA  . VAL A 1 122 ? -9.231  -0.652  6.280   1.00 84.85  ? 111 VAL A CA  1 
ATOM 818  C C   . VAL A 1 122 ? -10.678 -0.959  5.941   1.00 82.93  ? 111 VAL A C   1 
ATOM 819  O O   . VAL A 1 122 ? -11.588 -0.201  6.289   1.00 88.69  ? 111 VAL A O   1 
ATOM 820  C CB  . VAL A 1 122 ? -8.482  -0.041  5.081   1.00 84.65  ? 111 VAL A CB  1 
ATOM 821  C CG1 . VAL A 1 122 ? -9.332  1.006   4.388   1.00 82.64  ? 111 VAL A CG1 1 
ATOM 822  C CG2 . VAL A 1 122 ? -7.182  0.567   5.541   1.00 86.70  ? 111 VAL A CG2 1 
ATOM 823  N N   . ILE A 1 123 ? -10.921 -2.085  5.274   1.00 82.70  ? 112 ILE A N   1 
ATOM 824  C CA  . ILE A 1 123 ? -12.284 -2.435  4.888   1.00 90.38  ? 112 ILE A CA  1 
ATOM 825  C C   . ILE A 1 123 ? -13.156 -2.644  6.122   1.00 93.09  ? 112 ILE A C   1 
ATOM 826  O O   . ILE A 1 123 ? -14.326 -2.249  6.146   1.00 93.96  ? 112 ILE A O   1 
ATOM 827  C CB  . ILE A 1 123 ? -12.282 -3.677  3.977   1.00 87.38  ? 112 ILE A CB  1 
ATOM 828  C CG1 . ILE A 1 123 ? -11.602 -3.359  2.648   1.00 81.78  ? 112 ILE A CG1 1 
ATOM 829  C CG2 . ILE A 1 123 ? -13.704 -4.164  3.726   1.00 87.60  ? 112 ILE A CG2 1 
ATOM 830  C CD1 . ILE A 1 123 ? -11.591 -4.504  1.682   1.00 82.36  ? 112 ILE A CD1 1 
ATOM 831  N N   . LYS A 1 124 ? -12.606 -3.262  7.165   1.00 88.25  ? 113 LYS A N   1 
ATOM 832  C CA  . LYS A 1 124 ? -13.416 -3.479  8.357   1.00 91.96  ? 113 LYS A CA  1 
ATOM 833  C C   . LYS A 1 124 ? -13.726 -2.167  9.064   1.00 97.83  ? 113 LYS A C   1 
ATOM 834  O O   . LYS A 1 124 ? -14.874 -1.927  9.453   1.00 98.11  ? 113 LYS A O   1 
ATOM 835  C CB  . LYS A 1 124 ? -12.735 -4.439  9.327   1.00 94.48  ? 113 LYS A CB  1 
ATOM 836  C CG  . LYS A 1 124 ? -13.590 -4.712  10.572  1.00 102.44 ? 113 LYS A CG  1 
ATOM 837  C CD  . LYS A 1 124 ? -12.980 -5.782  11.462  1.00 107.95 ? 113 LYS A CD  1 
ATOM 838  C CE  . LYS A 1 124 ? -14.044 -6.689  12.053  1.00 103.92 ? 113 LYS A CE  1 
ATOM 839  N NZ  . LYS A 1 124 ? -13.447 -7.972  12.518  1.00 103.18 ? 113 LYS A NZ  1 
ATOM 840  N N   . LYS A 1 125 ? -12.715 -1.312  9.259   1.00 96.13  ? 114 LYS A N   1 
ATOM 841  C CA  . LYS A 1 125 ? -12.944 -0.107  10.049  1.00 94.73  ? 114 LYS A CA  1 
ATOM 842  C C   . LYS A 1 125 ? -13.840 0.893   9.333   1.00 96.17  ? 114 LYS A C   1 
ATOM 843  O O   . LYS A 1 125 ? -14.497 1.701   9.999   1.00 94.75  ? 114 LYS A O   1 
ATOM 844  C CB  . LYS A 1 125 ? -11.613 0.542   10.431  1.00 96.06  ? 114 LYS A CB  1 
ATOM 845  C CG  . LYS A 1 125 ? -10.899 -0.156  11.579  1.00 95.26  ? 114 LYS A CG  1 
ATOM 846  C CD  . LYS A 1 125 ? -9.868  0.757   12.258  1.00 103.82 ? 114 LYS A CD  1 
ATOM 847  C CE  . LYS A 1 125 ? -9.213  0.064   13.464  1.00 109.29 ? 114 LYS A CE  1 
ATOM 848  N NZ  . LYS A 1 125 ? -8.455  0.988   14.363  1.00 110.85 ? 114 LYS A NZ  1 
ATOM 849  N N   . GLU A 1 126 ? -13.880 0.854   7.998   1.00 97.06  ? 115 GLU A N   1 
ATOM 850  C CA  . GLU A 1 126 ? -14.785 1.672   7.181   1.00 95.26  ? 115 GLU A CA  1 
ATOM 851  C C   . GLU A 1 126 ? -14.673 3.171   7.477   1.00 94.22  ? 115 GLU A C   1 
ATOM 852  O O   . GLU A 1 126 ? -15.586 3.937   7.158   1.00 97.41  ? 115 GLU A O   1 
ATOM 853  C CB  . GLU A 1 126 ? -16.242 1.223   7.341   1.00 96.10  ? 115 GLU A CB  1 
ATOM 854  C CG  . GLU A 1 126 ? -16.467 -0.259  7.117   1.00 104.21 ? 115 GLU A CG  1 
ATOM 855  C CD  . GLU A 1 126 ? -17.941 -0.637  7.105   1.00 109.06 ? 115 GLU A CD  1 
ATOM 856  O OE1 . GLU A 1 126 ? -18.765 0.141   7.636   1.00 105.08 ? 115 GLU A OE1 1 
ATOM 857  O OE2 . GLU A 1 126 ? -18.275 -1.708  6.554   1.00 104.98 ? 115 GLU A OE2 1 
ATOM 858  N N   . SER A 1 127 ? -13.579 3.631   8.067   1.00 91.18  ? 116 SER A N   1 
ATOM 859  C CA  . SER A 1 127 ? -13.449 5.050   8.356   1.00 98.45  ? 116 SER A CA  1 
ATOM 860  C C   . SER A 1 127 ? -12.602 5.756   7.301   1.00 97.31  ? 116 SER A C   1 
ATOM 861  O O   . SER A 1 127 ? -11.723 5.162   6.674   1.00 92.58  ? 116 SER A O   1 
ATOM 862  C CB  . SER A 1 127 ? -12.857 5.279   9.749   1.00 100.96 ? 116 SER A CB  1 
ATOM 863  O OG  . SER A 1 127 ? -11.536 4.795   9.855   1.00 104.12 ? 116 SER A OG  1 
ATOM 864  N N   . LYS A 1 128 ? -12.896 7.044   7.113   1.00 97.48  ? 117 LYS A N   1 
ATOM 865  C CA  . LYS A 1 128 ? -12.199 7.853   6.123   1.00 95.27  ? 117 LYS A CA  1 
ATOM 866  C C   . LYS A 1 128 ? -10.772 8.170   6.572   1.00 96.83  ? 117 LYS A C   1 
ATOM 867  O O   . LYS A 1 128 ? -9.814  8.023   5.796   1.00 91.79  ? 117 LYS A O   1 
ATOM 868  C CB  . LYS A 1 128 ? -12.993 9.138   5.878   1.00 98.31  ? 117 LYS A CB  1 
ATOM 869  C CG  . LYS A 1 128 ? -12.530 9.958   4.680   1.00 100.56 ? 117 LYS A CG  1 
ATOM 870  C CD  . LYS A 1 128 ? -13.284 11.275  4.557   1.00 99.04  ? 117 LYS A CD  1 
ATOM 871  C CE  . LYS A 1 128 ? -12.530 12.411  5.220   1.00 94.00  ? 117 LYS A CE  1 
ATOM 872  N NZ  . LYS A 1 128 ? -12.931 13.721  4.627   1.00 98.60  ? 117 LYS A NZ  1 
ATOM 873  N N   . LYS A 1 129 ? -10.621 8.622   7.820   1.00 92.36  ? 118 LYS A N   1 
ATOM 874  C CA  . LYS A 1 129 ? -9.298  8.905   8.365   1.00 98.61  ? 118 LYS A CA  1 
ATOM 875  C C   . LYS A 1 129 ? -8.361  7.720   8.175   1.00 92.54  ? 118 LYS A C   1 
ATOM 876  O O   . LYS A 1 129 ? -7.204  7.879   7.763   1.00 89.96  ? 118 LYS A O   1 
ATOM 877  C CB  . LYS A 1 129 ? -9.417  9.261   9.850   1.00 106.23 ? 118 LYS A CB  1 
ATOM 878  C CG  . LYS A 1 129 ? -8.102  9.672   10.497  1.00 108.14 ? 118 LYS A CG  1 
ATOM 879  C CD  . LYS A 1 129 ? -8.265  9.936   11.988  1.00 112.92 ? 118 LYS A CD  1 
ATOM 880  C CE  . LYS A 1 129 ? -6.972  10.484  12.593  1.00 122.50 ? 118 LYS A CE  1 
ATOM 881  N NZ  . LYS A 1 129 ? -7.108  10.778  14.052  1.00 126.15 ? 118 LYS A NZ  1 
ATOM 882  N N   . PHE A 1 130 ? -8.861  6.514   8.447   1.00 96.52  ? 119 PHE A N   1 
ATOM 883  C CA  . PHE A 1 130 ? -8.008  5.334   8.400   1.00 93.78  ? 119 PHE A CA  1 
ATOM 884  C C   . PHE A 1 130 ? -7.543  5.043   6.985   1.00 89.80  ? 119 PHE A C   1 
ATOM 885  O O   . PHE A 1 130 ? -6.369  4.723   6.762   1.00 88.52  ? 119 PHE A O   1 
ATOM 886  C CB  . PHE A 1 130 ? -8.748  4.137   8.967   1.00 95.04  ? 119 PHE A CB  1 
ATOM 887  C CG  . PHE A 1 130 ? -7.849  3.034   9.403   1.00 102.35 ? 119 PHE A CG  1 
ATOM 888  C CD1 . PHE A 1 130 ? -6.926  3.240   10.417  1.00 103.61 ? 119 PHE A CD1 1 
ATOM 889  C CD2 . PHE A 1 130 ? -7.930  1.787   8.812   1.00 95.96  ? 119 PHE A CD2 1 
ATOM 890  C CE1 . PHE A 1 130 ? -6.096  2.224   10.830  1.00 99.76  ? 119 PHE A CE1 1 
ATOM 891  C CE2 . PHE A 1 130 ? -7.113  0.770   9.215   1.00 94.76  ? 119 PHE A CE2 1 
ATOM 892  C CZ  . PHE A 1 130 ? -6.188  0.987   10.229  1.00 104.64 ? 119 PHE A CZ  1 
ATOM 893  N N   . PHE A 1 131 ? -8.447  5.150   6.015   1.00 87.17  ? 120 PHE A N   1 
ATOM 894  C CA  . PHE A 1 131 ? -8.065  4.909   4.634   1.00 82.05  ? 120 PHE A CA  1 
ATOM 895  C C   . PHE A 1 131 ? -7.076  5.955   4.142   1.00 81.17  ? 120 PHE A C   1 
ATOM 896  O O   . PHE A 1 131 ? -6.170  5.644   3.366   1.00 76.78  ? 120 PHE A O   1 
ATOM 897  C CB  . PHE A 1 131 ? -9.303  4.885   3.752   1.00 86.46  ? 120 PHE A CB  1 
ATOM 898  C CG  . PHE A 1 131 ? -8.998  4.995   2.293   1.00 86.46  ? 120 PHE A CG  1 
ATOM 899  C CD1 . PHE A 1 131 ? -8.670  3.870   1.558   1.00 78.08  ? 120 PHE A CD1 1 
ATOM 900  C CD2 . PHE A 1 131 ? -9.035  6.231   1.654   1.00 84.78  ? 120 PHE A CD2 1 
ATOM 901  C CE1 . PHE A 1 131 ? -8.390  3.970   0.223   1.00 80.38  ? 120 PHE A CE1 1 
ATOM 902  C CE2 . PHE A 1 131 ? -8.751  6.342   0.310   1.00 82.56  ? 120 PHE A CE2 1 
ATOM 903  C CZ  . PHE A 1 131 ? -8.428  5.210   -0.409  1.00 84.22  ? 120 PHE A CZ  1 
ATOM 904  N N   . LEU A 1 132 ? -7.233  7.206   4.577   1.00 86.78  ? 121 LEU A N   1 
ATOM 905  C CA  . LEU A 1 132 ? -6.247  8.225   4.220   1.00 81.66  ? 121 LEU A CA  1 
ATOM 906  C C   . LEU A 1 132 ? -4.890  7.915   4.844   1.00 80.39  ? 121 LEU A C   1 
ATOM 907  O O   . LEU A 1 132 ? -3.837  8.177   4.243   1.00 71.29  ? 121 LEU A O   1 
ATOM 908  C CB  . LEU A 1 132 ? -6.737  9.602   4.660   1.00 82.97  ? 121 LEU A CB  1 
ATOM 909  C CG  . LEU A 1 132 ? -7.521  10.406  3.621   1.00 80.81  ? 121 LEU A CG  1 
ATOM 910  C CD1 . LEU A 1 132 ? -8.653  9.604   3.036   1.00 83.97  ? 121 LEU A CD1 1 
ATOM 911  C CD2 . LEU A 1 132 ? -8.048  11.686  4.229   1.00 84.24  ? 121 LEU A CD2 1 
ATOM 912  N N   . ASP A 1 133 ? -4.895  7.360   6.057   1.00 81.61  ? 122 ASP A N   1 
ATOM 913  C CA  . ASP A 1 133 ? -3.636  6.930   6.656   1.00 81.94  ? 122 ASP A CA  1 
ATOM 914  C C   . ASP A 1 133 ? -3.006  5.830   5.819   1.00 82.10  ? 122 ASP A C   1 
ATOM 915  O O   . ASP A 1 133 ? -1.785  5.816   5.595   1.00 83.89  ? 122 ASP A O   1 
ATOM 916  C CB  . ASP A 1 133 ? -3.864  6.454   8.090   1.00 90.60  ? 122 ASP A CB  1 
ATOM 917  C CG  . ASP A 1 133 ? -4.263  7.582   9.030   1.00 95.77  ? 122 ASP A CG  1 
ATOM 918  O OD1 . ASP A 1 133 ? -3.675  8.681   8.937   1.00 95.61  ? 122 ASP A OD1 1 
ATOM 919  O OD2 . ASP A 1 133 ? -5.166  7.366   9.866   1.00 102.88 ? 122 ASP A OD2 1 
ATOM 920  N N   . TYR A 1 134 ? -3.835  4.906   5.334   1.00 76.95  ? 123 TYR A N   1 
ATOM 921  C CA  . TYR A 1 134 ? -3.319  3.860   4.466   1.00 67.87  ? 123 TYR A CA  1 
ATOM 922  C C   . TYR A 1 134 ? -2.725  4.458   3.210   1.00 70.25  ? 123 TYR A C   1 
ATOM 923  O O   . TYR A 1 134 ? -1.715  3.966   2.697   1.00 69.93  ? 123 TYR A O   1 
ATOM 924  C CB  . TYR A 1 134 ? -4.414  2.868   4.091   1.00 71.94  ? 123 TYR A CB  1 
ATOM 925  C CG  . TYR A 1 134 ? -4.039  2.075   2.852   1.00 68.57  ? 123 TYR A CG  1 
ATOM 926  C CD1 . TYR A 1 134 ? -3.117  1.030   2.926   1.00 62.86  ? 123 TYR A CD1 1 
ATOM 927  C CD2 . TYR A 1 134 ? -4.573  2.400   1.606   1.00 59.90  ? 123 TYR A CD2 1 
ATOM 928  C CE1 . TYR A 1 134 ? -2.763  0.314   1.813   1.00 60.70  ? 123 TYR A CE1 1 
ATOM 929  C CE2 . TYR A 1 134 ? -4.226  1.702   0.496   1.00 59.36  ? 123 TYR A CE2 1 
ATOM 930  C CZ  . TYR A 1 134 ? -3.319  0.650   0.594   1.00 62.55  ? 123 TYR A CZ  1 
ATOM 931  O OH  . TYR A 1 134 ? -2.965  -0.058  -0.535  1.00 64.20  ? 123 TYR A OH  1 
ATOM 932  N N   . CYS A 1 135 ? -3.378  5.496   2.677   1.00 69.92  ? 124 CYS A N   1 
ATOM 933  C CA  . CYS A 1 135 ? -2.894  6.155   1.474   1.00 62.23  ? 124 CYS A CA  1 
ATOM 934  C C   . CYS A 1 135 ? -1.549  6.795   1.717   1.00 64.64  ? 124 CYS A C   1 
ATOM 935  O O   . CYS A 1 135 ? -0.680  6.774   0.843   1.00 65.69  ? 124 CYS A O   1 
ATOM 936  C CB  . CYS A 1 135 ? -3.881  7.215   1.013   1.00 68.81  ? 124 CYS A CB  1 
ATOM 937  S SG  . CYS A 1 135 ? -5.372  6.608   0.301   1.00 79.13  ? 124 CYS A SG  1 
ATOM 938  N N   . LYS A 1 136 ? -1.360  7.389   2.892   1.00 71.09  ? 125 LYS A N   1 
ATOM 939  C CA  . LYS A 1 136 ? -0.037  7.906   3.212   1.00 69.14  ? 125 LYS A CA  1 
ATOM 940  C C   . LYS A 1 136 ? 0.980   6.775   3.258   1.00 72.10  ? 125 LYS A C   1 
ATOM 941  O O   . LYS A 1 136 ? 2.105   6.911   2.753   1.00 68.15  ? 125 LYS A O   1 
ATOM 942  C CB  . LYS A 1 136 ? -0.058  8.674   4.530   1.00 74.66  ? 125 LYS A CB  1 
ATOM 943  C CG  . LYS A 1 136 ? 0.652   10.037  4.457   1.00 76.43  ? 125 LYS A CG  1 
ATOM 944  C CD  . LYS A 1 136 ? 1.152   10.522  5.828   1.00 82.33  ? 125 LYS A CD  1 
ATOM 945  C CE  . LYS A 1 136 ? 1.947   11.825  5.697   1.00 78.82  ? 125 LYS A CE  1 
ATOM 946  N NZ  . LYS A 1 136 ? 2.588   12.237  6.976   1.00 91.56  ? 125 LYS A NZ  1 
ATOM 947  N N   . TYR A 1 137 ? 0.594   5.638   3.837   1.00 65.89  ? 126 TYR A N   1 
ATOM 948  C CA  . TYR A 1 137 ? 1.531   4.526   3.918   1.00 68.98  ? 126 TYR A CA  1 
ATOM 949  C C   . TYR A 1 137 ? 1.935   4.047   2.524   1.00 70.60  ? 126 TYR A C   1 
ATOM 950  O O   . TYR A 1 137 ? 3.123   3.840   2.235   1.00 69.89  ? 126 TYR A O   1 
ATOM 951  C CB  . TYR A 1 137 ? 0.925   3.392   4.742   1.00 72.40  ? 126 TYR A CB  1 
ATOM 952  C CG  . TYR A 1 137 ? 1.733   2.116   4.729   1.00 71.61  ? 126 TYR A CG  1 
ATOM 953  C CD1 . TYR A 1 137 ? 3.054   2.097   5.172   1.00 72.18  ? 126 TYR A CD1 1 
ATOM 954  C CD2 . TYR A 1 137 ? 1.172   0.928   4.287   1.00 67.67  ? 126 TYR A CD2 1 
ATOM 955  C CE1 . TYR A 1 137 ? 3.802   0.919   5.164   1.00 73.48  ? 126 TYR A CE1 1 
ATOM 956  C CE2 . TYR A 1 137 ? 1.904   -0.250  4.279   1.00 74.71  ? 126 TYR A CE2 1 
ATOM 957  C CZ  . TYR A 1 137 ? 3.219   -0.254  4.724   1.00 74.36  ? 126 TYR A CZ  1 
ATOM 958  O OH  . TYR A 1 137 ? 3.937   -1.434  4.693   1.00 68.03  ? 126 TYR A OH  1 
ATOM 959  N N   . PHE A 1 138 ? 0.946   3.885   1.646   1.00 66.03  ? 127 PHE A N   1 
ATOM 960  C CA  . PHE A 1 138 ? 1.220   3.444   0.280   1.00 65.78  ? 127 PHE A CA  1 
ATOM 961  C C   . PHE A 1 138 ? 2.080   4.464   -0.453  1.00 62.29  ? 127 PHE A C   1 
ATOM 962  O O   . PHE A 1 138 ? 3.023   4.104   -1.174  1.00 65.21  ? 127 PHE A O   1 
ATOM 963  C CB  . PHE A 1 138 ? -0.114  3.208   -0.440  1.00 69.19  ? 127 PHE A CB  1 
ATOM 964  C CG  . PHE A 1 138 ? 0.017   2.861   -1.904  1.00 63.14  ? 127 PHE A CG  1 
ATOM 965  C CD1 . PHE A 1 138 ? 0.092   3.857   -2.866  1.00 64.95  ? 127 PHE A CD1 1 
ATOM 966  C CD2 . PHE A 1 138 ? 0.003   1.545   -2.319  1.00 62.80  ? 127 PHE A CD2 1 
ATOM 967  C CE1 . PHE A 1 138 ? 0.198   3.545   -4.200  1.00 65.16  ? 127 PHE A CE1 1 
ATOM 968  C CE2 . PHE A 1 138 ? 0.108   1.232   -3.656  1.00 62.22  ? 127 PHE A CE2 1 
ATOM 969  C CZ  . PHE A 1 138 ? 0.203   2.231   -4.597  1.00 62.85  ? 127 PHE A CZ  1 
ATOM 970  N N   . GLU A 1 139 ? 1.779   5.747   -0.261  1.00 62.03  ? 128 GLU A N   1 
ATOM 971  C CA  . GLU A 1 139 ? 2.489   6.813   -0.950  1.00 59.96  ? 128 GLU A CA  1 
ATOM 972  C C   . GLU A 1 139 ? 3.962   6.836   -0.560  1.00 62.30  ? 128 GLU A C   1 
ATOM 973  O O   . GLU A 1 139 ? 4.847   6.968   -1.421  1.00 60.33  ? 128 GLU A O   1 
ATOM 974  C CB  . GLU A 1 139 ? 1.796   8.141   -0.628  1.00 62.17  ? 128 GLU A CB  1 
ATOM 975  C CG  . GLU A 1 139 ? 2.549   9.386   -0.971  1.00 66.50  ? 128 GLU A CG  1 
ATOM 976  C CD  . GLU A 1 139 ? 1.728   10.621  -0.739  1.00 71.58  ? 128 GLU A CD  1 
ATOM 977  O OE1 . GLU A 1 139 ? 1.848   11.582  -1.532  1.00 87.56  ? 128 GLU A OE1 1 
ATOM 978  O OE2 . GLU A 1 139 ? 0.940   10.638  0.218   1.00 72.69  ? 128 GLU A OE2 1 
ATOM 979  N N   . ALA A 1 140 ? 4.241   6.672   0.741   1.00 61.54  ? 129 ALA A N   1 
ATOM 980  C CA  . ALA A 1 140 ? 5.622   6.614   1.207   1.00 56.61  ? 129 ALA A CA  1 
ATOM 981  C C   . ALA A 1 140 ? 6.316   5.336   0.746   1.00 60.63  ? 129 ALA A C   1 
ATOM 982  O O   . ALA A 1 140 ? 7.504   5.367   0.389   1.00 55.77  ? 129 ALA A O   1 
ATOM 983  C CB  . ALA A 1 140 ? 5.670   6.745   2.726   1.00 65.46  ? 129 ALA A CB  1 
ATOM 984  N N   . LEU A 1 141 ? 5.596   4.207   0.732   1.00 61.75  ? 130 LEU A N   1 
ATOM 985  C CA  . LEU A 1 141 ? 6.165   2.989   0.156   1.00 63.58  ? 130 LEU A CA  1 
ATOM 986  C C   . LEU A 1 141 ? 6.672   3.247   -1.253  1.00 62.94  ? 130 LEU A C   1 
ATOM 987  O O   . LEU A 1 141 ? 7.813   2.901   -1.585  1.00 60.58  ? 130 LEU A O   1 
ATOM 988  C CB  . LEU A 1 141 ? 5.146   1.840   0.139   1.00 61.28  ? 130 LEU A CB  1 
ATOM 989  C CG  . LEU A 1 141 ? 4.799   1.108   1.437   1.00 62.90  ? 130 LEU A CG  1 
ATOM 990  C CD1 . LEU A 1 141 ? 3.747   0.062   1.203   1.00 54.91  ? 130 LEU A CD1 1 
ATOM 991  C CD2 . LEU A 1 141 ? 6.040   0.489   2.094   1.00 65.32  ? 130 LEU A CD2 1 
ATOM 992  N N   . VAL A 1 142 ? 5.837   3.872   -2.096  1.00 61.16  ? 131 VAL A N   1 
ATOM 993  C CA  . VAL A 1 142 ? 6.270   4.090   -3.473  1.00 57.59  ? 131 VAL A CA  1 
ATOM 994  C C   . VAL A 1 142 ? 7.431   5.067   -3.517  1.00 59.72  ? 131 VAL A C   1 
ATOM 995  O O   . VAL A 1 142 ? 8.415   4.833   -4.215  1.00 66.08  ? 131 VAL A O   1 
ATOM 996  C CB  . VAL A 1 142 ? 5.120   4.567   -4.377  1.00 62.77  ? 131 VAL A CB  1 
ATOM 997  C CG1 . VAL A 1 142 ? 5.655   4.852   -5.784  1.00 57.85  ? 131 VAL A CG1 1 
ATOM 998  C CG2 . VAL A 1 142 ? 3.998   3.555   -4.436  1.00 59.46  ? 131 VAL A CG2 1 
ATOM 999  N N   . ALA A 1 143 ? 7.320   6.191   -2.809  1.00 58.92  ? 132 ALA A N   1 
ATOM 1000 C CA  . ALA A 1 143 ? 8.413   7.163   -2.782  1.00 59.29  ? 132 ALA A CA  1 
ATOM 1001 C C   . ALA A 1 143 ? 9.743   6.510   -2.431  1.00 62.56  ? 132 ALA A C   1 
ATOM 1002 O O   . ALA A 1 143 ? 10.750  6.718   -3.122  1.00 69.80  ? 132 ALA A O   1 
ATOM 1003 C CB  . ALA A 1 143 ? 8.106   8.277   -1.784  1.00 62.65  ? 132 ALA A CB  1 
ATOM 1004 N N   . TYR A 1 144 ? 9.770   5.733   -1.341  1.00 61.97  ? 133 TYR A N   1 
ATOM 1005 C CA  . TYR A 1 144 ? 11.017  5.107   -0.913  1.00 63.56  ? 133 TYR A CA  1 
ATOM 1006 C C   . TYR A 1 144 ? 11.476  4.079   -1.922  1.00 64.70  ? 133 TYR A C   1 
ATOM 1007 O O   . TYR A 1 144 ? 12.667  4.014   -2.244  1.00 73.58  ? 133 TYR A O   1 
ATOM 1008 C CB  . TYR A 1 144 ? 10.876  4.475   0.476   1.00 65.63  ? 133 TYR A CB  1 
ATOM 1009 C CG  . TYR A 1 144 ? 10.924  5.496   1.574   1.00 69.30  ? 133 TYR A CG  1 
ATOM 1010 C CD1 . TYR A 1 144 ? 12.056  6.292   1.752   1.00 70.36  ? 133 TYR A CD1 1 
ATOM 1011 C CD2 . TYR A 1 144 ? 9.849   5.682   2.430   1.00 66.64  ? 133 TYR A CD2 1 
ATOM 1012 C CE1 . TYR A 1 144 ? 12.115  7.243   2.744   1.00 75.60  ? 133 TYR A CE1 1 
ATOM 1013 C CE2 . TYR A 1 144 ? 9.899   6.645   3.435   1.00 71.67  ? 133 TYR A CE2 1 
ATOM 1014 C CZ  . TYR A 1 144 ? 11.035  7.421   3.587   1.00 76.58  ? 133 TYR A CZ  1 
ATOM 1015 O OH  . TYR A 1 144 ? 11.103  8.377   4.581   1.00 72.87  ? 133 TYR A OH  1 
ATOM 1016 N N   . ALA A 1 145 ? 10.545  3.295   -2.468  1.00 65.16  ? 134 ALA A N   1 
ATOM 1017 C CA  . ALA A 1 145 ? 10.903  2.421   -3.574  1.00 69.85  ? 134 ALA A CA  1 
ATOM 1018 C C   . ALA A 1 145 ? 11.589  3.206   -4.682  1.00 71.77  ? 134 ALA A C   1 
ATOM 1019 O O   . ALA A 1 145 ? 12.627  2.784   -5.201  1.00 79.02  ? 134 ALA A O   1 
ATOM 1020 C CB  . ALA A 1 145 ? 9.663   1.701   -4.096  1.00 62.82  ? 134 ALA A CB  1 
ATOM 1021 N N   . LYS A 1 146 ? 11.040  4.370   -5.028  1.00 65.69  ? 135 LYS A N   1 
ATOM 1022 C CA  . LYS A 1 146 ? 11.623  5.189   -6.080  1.00 71.72  ? 135 LYS A CA  1 
ATOM 1023 C C   . LYS A 1 146 ? 13.041  5.622   -5.712  1.00 74.45  ? 135 LYS A C   1 
ATOM 1024 O O   . LYS A 1 146 ? 13.965  5.510   -6.524  1.00 74.42  ? 135 LYS A O   1 
ATOM 1025 C CB  . LYS A 1 146 ? 10.726  6.401   -6.343  1.00 70.18  ? 135 LYS A CB  1 
ATOM 1026 C CG  . LYS A 1 146 ? 11.247  7.346   -7.424  1.00 70.36  ? 135 LYS A CG  1 
ATOM 1027 C CD  . LYS A 1 146 ? 11.321  6.634   -8.755  1.00 71.75  ? 135 LYS A CD  1 
ATOM 1028 C CE  . LYS A 1 146 ? 11.815  7.537   -9.862  1.00 74.26  ? 135 LYS A CE  1 
ATOM 1029 N NZ  . LYS A 1 146 ? 11.565  6.928   -11.199 1.00 74.91  ? 135 LYS A NZ  1 
ATOM 1030 N N   . TYR A 1 147 ? 13.231  6.096   -4.480  1.00 72.01  ? 136 TYR A N   1 
ATOM 1031 C CA  . TYR A 1 147 ? 14.537  6.571   -4.028  1.00 77.95  ? 136 TYR A CA  1 
ATOM 1032 C C   . TYR A 1 147 ? 15.601  5.476   -4.048  1.00 79.23  ? 136 TYR A C   1 
ATOM 1033 O O   . TYR A 1 147 ? 16.794  5.781   -4.078  1.00 81.87  ? 136 TYR A O   1 
ATOM 1034 C CB  . TYR A 1 147 ? 14.407  7.155   -2.614  1.00 77.52  ? 136 TYR A CB  1 
ATOM 1035 C CG  . TYR A 1 147 ? 15.711  7.599   -1.989  1.00 81.97  ? 136 TYR A CG  1 
ATOM 1036 C CD1 . TYR A 1 147 ? 16.272  8.831   -2.297  1.00 81.23  ? 136 TYR A CD1 1 
ATOM 1037 C CD2 . TYR A 1 147 ? 16.383  6.784   -1.081  1.00 87.72  ? 136 TYR A CD2 1 
ATOM 1038 C CE1 . TYR A 1 147 ? 17.464  9.238   -1.728  1.00 81.26  ? 136 TYR A CE1 1 
ATOM 1039 C CE2 . TYR A 1 147 ? 17.578  7.181   -0.512  1.00 86.19  ? 136 TYR A CE2 1 
ATOM 1040 C CZ  . TYR A 1 147 ? 18.115  8.405   -0.835  1.00 81.40  ? 136 TYR A CZ  1 
ATOM 1041 O OH  . TYR A 1 147 ? 19.310  8.789   -0.261  1.00 78.30  ? 136 TYR A OH  1 
ATOM 1042 N N   . TYR A 1 148 ? 15.206  4.216   -4.032  1.00 74.74  ? 137 TYR A N   1 
ATOM 1043 C CA  . TYR A 1 148 ? 16.132  3.088   -4.041  1.00 76.68  ? 137 TYR A CA  1 
ATOM 1044 C C   . TYR A 1 148 ? 15.843  2.295   -5.307  1.00 85.47  ? 137 TYR A C   1 
ATOM 1045 O O   . TYR A 1 148 ? 14.930  1.467   -5.314  1.00 89.85  ? 137 TYR A O   1 
ATOM 1046 C CB  . TYR A 1 148 ? 15.954  2.203   -2.804  1.00 75.87  ? 137 TYR A CB  1 
ATOM 1047 C CG  . TYR A 1 148 ? 16.215  2.846   -1.452  1.00 81.09  ? 137 TYR A CG  1 
ATOM 1048 C CD1 . TYR A 1 148 ? 17.507  3.164   -1.048  1.00 79.89  ? 137 TYR A CD1 1 
ATOM 1049 C CD2 . TYR A 1 148 ? 15.173  3.088   -0.561  1.00 80.02  ? 137 TYR A CD2 1 
ATOM 1050 C CE1 . TYR A 1 148 ? 17.757  3.736   0.188   1.00 78.96  ? 137 TYR A CE1 1 
ATOM 1051 C CE2 . TYR A 1 148 ? 15.413  3.664   0.687   1.00 83.01  ? 137 TYR A CE2 1 
ATOM 1052 C CZ  . TYR A 1 148 ? 16.714  3.982   1.054   1.00 83.81  ? 137 TYR A CZ  1 
ATOM 1053 O OH  . TYR A 1 148 ? 16.967  4.547   2.284   1.00 84.00  ? 137 TYR A OH  1 
ATOM 1054 N N   . GLN A 1 149 ? 16.587  2.524   -6.384  1.00 93.20  ? 138 GLN A N   1 
ATOM 1055 C CA  . GLN A 1 149 ? 16.227  1.838   -7.623  1.00 90.92  ? 138 GLN A CA  1 
ATOM 1056 C C   . GLN A 1 149 ? 17.424  1.792   -8.555  1.00 103.74 ? 138 GLN A C   1 
ATOM 1057 O O   . GLN A 1 149 ? 17.923  2.845   -8.960  1.00 111.60 ? 138 GLN A O   1 
ATOM 1058 C CB  . GLN A 1 149 ? 15.049  2.540   -8.291  1.00 94.88  ? 138 GLN A CB  1 
ATOM 1059 C CG  . GLN A 1 149 ? 14.011  1.614   -8.935  1.00 97.00  ? 138 GLN A CG  1 
ATOM 1060 C CD  . GLN A 1 149 ? 12.827  2.385   -9.529  1.00 90.52  ? 138 GLN A CD  1 
ATOM 1061 O OE1 . GLN A 1 149 ? 12.377  3.380   -8.969  1.00 89.58  ? 138 GLN A OE1 1 
ATOM 1062 N NE2 . GLN A 1 149 ? 12.328  1.927   -10.667 1.00 92.89  ? 138 GLN A NE2 1 
ATOM 1063 N N   . LYS A 1 150 ? 17.866  0.574   -8.884  1.00 105.04 ? 139 LYS A N   1 
ATOM 1064 C CA  . LYS A 1 150 ? 18.816  0.281   -9.967  1.00 110.34 ? 139 LYS A CA  1 
ATOM 1065 C C   . LYS A 1 150 ? 19.731  1.431   -10.384 1.00 110.21 ? 139 LYS A C   1 
ATOM 1066 O O   . LYS A 1 150 ? 20.163  1.505   -11.533 1.00 120.22 ? 139 LYS A O   1 
ATOM 1067 C CB  . LYS A 1 150 ? 18.046  -0.212  -11.201 1.00 111.74 ? 139 LYS A CB  1 
ATOM 1068 C CG  . LYS A 1 150 ? 17.092  0.816   -11.805 1.00 108.14 ? 139 LYS A CG  1 
ATOM 1069 C CD  . LYS A 1 150 ? 16.276  0.232   -12.942 1.00 100.19 ? 139 LYS A CD  1 
ATOM 1070 C CE  . LYS A 1 150 ? 15.238  1.230   -13.443 1.00 93.45  ? 139 LYS A CE  1 
ATOM 1071 N NZ  . LYS A 1 150 ? 14.406  0.678   -14.557 1.00 86.91  ? 139 LYS A NZ  1 
# 
